data_6DWK
#
_entry.id   6DWK
#
_cell.length_a   87.691
_cell.length_b   146.671
_cell.length_c   99.131
_cell.angle_alpha   90.00
_cell.angle_beta   114.53
_cell.angle_gamma   90.00
#
_symmetry.space_group_name_H-M   'P 1 21 1'
#
loop_
_entity.id
_entity.type
_entity.pdbx_description
1 polymer 'Deoxynucleoside triphosphate triphosphohydrolase SAMHD1'
2 non-polymer '2-fluoro-9-{5-O-[(R)-hydroxy{[(R)-hydroxy(phosphonooxy)phosphoryl]oxy}phosphoryl]-beta-D-arabinofuranosyl}-9H-purin-6-a mine'
3 non-polymer "GUANOSINE-5'-TRIPHOSPHATE"
4 non-polymer "2'-DEOXYADENOSINE 5'-TRIPHOSPHATE"
5 non-polymer 'MAGNESIUM ION'
6 non-polymer 'SODIUM ION'
7 non-polymer GLYCINE
8 non-polymer 2-AMINO-2-HYDROXYMETHYL-PROPANE-1,3-DIOL
9 non-polymer 'PHOSPHATE ION'
10 water water
#
_entity_poly.entity_id   1
_entity_poly.type   'polypeptide(L)'
_entity_poly.pdbx_seq_one_letter_code
;MGSSHHHHHHSSGLVPRGSHMASMTGGQQMGRDPNSDTMKVINDPIHGHIELHPLLVRIIDTPQFQRLRYIKQLGGGYYV
FPGASHNRFEHSLGVGYLAGCLVHALGEKQPELQISERDVLCVQIAGLCRNLGHGPFSHMFDGRFIPLARPEVKWTHEQG
SVMMFEHLINSNGIKPVMEQYGLIPEEDICFIKEQIVGPLESPVEDSLWPYKGRPENKSFLYEIVSNKRNGIDVDKWDYF
ARDCHHLGIQNNFDYKRFIKFARVCEVDNELRICARDKEVGNLYDMFHTRNSLHRRAYQHKVGNIIDTMITDAFLKADDY
IEITGAGGKKYRISTAIDDMEAYTKLTDNIFLEILYSTDPKLKDAREILKQIEYRNLFKYVGETQPTGQIKIKREDYESL
PKEVASAKPKVLLDVKLKAEDFIVDVINMDYGMQEKNPIDHVSFYCKTAPNRAIRITKNQVSQLLPEKFAEQLIRVYCKK
VDRKSLYAARQYFVQWCADRNFTKPQDGDVIAPLITPQKKEWNDSTSVQNPTRLREASKSRVQLFKDDPM
;
_entity_poly.pdbx_strand_id   A,B,C,D
#
# COMPACT_ATOMS: atom_id res chain seq x y z
N ASP A 37 16.77 -10.39 -30.24
CA ASP A 37 16.39 -10.48 -28.76
C ASP A 37 16.81 -9.19 -28.03
N THR A 38 15.90 -8.57 -27.26
CA THR A 38 16.11 -7.19 -26.74
C THR A 38 15.71 -7.14 -25.26
N MET A 39 15.61 -5.97 -24.62
CA MET A 39 15.16 -5.93 -23.18
C MET A 39 13.68 -6.37 -23.03
N LYS A 40 13.42 -7.45 -22.31
CA LYS A 40 12.14 -7.70 -21.78
C LYS A 40 11.83 -6.91 -20.52
N VAL A 41 10.57 -6.51 -20.43
CA VAL A 41 10.03 -5.92 -19.21
C VAL A 41 9.12 -6.95 -18.57
N ILE A 42 9.24 -7.10 -17.28
CA ILE A 42 8.36 -7.93 -16.50
C ILE A 42 7.77 -7.12 -15.38
N ASN A 43 6.49 -7.31 -15.09
CA ASN A 43 5.82 -6.57 -14.03
C ASN A 43 5.77 -7.44 -12.79
N ASP A 44 6.44 -6.99 -11.76
CA ASP A 44 6.50 -7.65 -10.46
C ASP A 44 5.76 -6.77 -9.45
N PRO A 45 4.84 -7.33 -8.66
CA PRO A 45 4.12 -6.51 -7.63
C PRO A 45 5.02 -5.91 -6.58
N ILE A 46 6.22 -6.40 -6.33
CA ILE A 46 7.07 -5.78 -5.31
C ILE A 46 7.91 -4.66 -5.93
N HIS A 47 8.57 -4.91 -7.03
CA HIS A 47 9.48 -3.95 -7.62
C HIS A 47 8.93 -3.22 -8.79
N GLY A 48 7.75 -3.49 -9.28
CA GLY A 48 7.24 -2.76 -10.48
C GLY A 48 7.85 -3.37 -11.76
N HIS A 49 8.02 -2.56 -12.79
CA HIS A 49 8.45 -3.03 -14.08
C HIS A 49 9.97 -3.10 -14.08
N ILE A 50 10.49 -4.29 -14.23
CA ILE A 50 11.87 -4.68 -14.11
C ILE A 50 12.33 -4.96 -15.58
N GLU A 51 13.50 -4.48 -15.97
CA GLU A 51 14.09 -4.80 -17.28
C GLU A 51 15.00 -6.02 -17.21
N LEU A 52 14.85 -6.96 -18.11
CA LEU A 52 15.75 -8.12 -18.19
C LEU A 52 16.56 -8.09 -19.47
N HIS A 53 17.87 -8.07 -19.30
CA HIS A 53 18.82 -8.15 -20.45
C HIS A 53 18.61 -9.50 -21.16
N PRO A 54 18.80 -9.56 -22.47
CA PRO A 54 18.47 -10.84 -23.16
C PRO A 54 19.25 -12.09 -22.70
N LEU A 55 20.41 -11.93 -22.12
CA LEU A 55 21.16 -13.04 -21.57
C LEU A 55 20.44 -13.58 -20.36
N LEU A 56 19.96 -12.69 -19.48
CA LEU A 56 19.12 -13.14 -18.35
C LEU A 56 17.92 -13.91 -18.80
N VAL A 57 17.29 -13.45 -19.88
CA VAL A 57 16.09 -14.11 -20.42
C VAL A 57 16.43 -15.51 -20.83
N ARG A 58 17.56 -15.66 -21.51
CA ARG A 58 18.04 -16.99 -21.92
C ARG A 58 18.27 -17.89 -20.70
N ILE A 59 18.79 -17.37 -19.60
CA ILE A 59 18.98 -18.17 -18.38
C ILE A 59 17.65 -18.53 -17.74
N ILE A 60 16.71 -17.61 -17.76
CA ILE A 60 15.39 -17.82 -17.15
C ILE A 60 14.55 -18.84 -17.89
N ASP A 61 14.62 -18.83 -19.21
CA ASP A 61 13.83 -19.73 -20.07
C ASP A 61 14.48 -21.11 -20.28
N THR A 62 14.76 -21.75 -19.15
CA THR A 62 15.26 -23.09 -19.09
C THR A 62 14.46 -23.91 -18.11
N PRO A 63 14.36 -25.23 -18.31
CA PRO A 63 13.75 -26.09 -17.25
C PRO A 63 14.38 -25.95 -15.86
N GLN A 64 15.66 -25.61 -15.77
CA GLN A 64 16.35 -25.57 -14.49
C GLN A 64 15.93 -24.36 -13.69
N PHE A 65 15.62 -23.26 -14.37
CA PHE A 65 15.15 -22.06 -13.69
C PHE A 65 13.64 -22.09 -13.49
N GLN A 66 12.93 -22.57 -14.51
CA GLN A 66 11.46 -22.56 -14.47
C GLN A 66 10.90 -23.50 -13.39
N ARG A 67 11.64 -24.53 -13.07
CA ARG A 67 11.44 -25.36 -11.90
C ARG A 67 11.09 -24.61 -10.63
N LEU A 68 11.69 -23.43 -10.43
CA LEU A 68 11.42 -22.66 -9.24
C LEU A 68 10.00 -22.12 -9.12
N ARG A 69 9.25 -22.14 -10.20
CA ARG A 69 7.84 -21.91 -10.14
C ARG A 69 7.10 -22.95 -9.31
N TYR A 70 7.69 -24.08 -9.06
CA TYR A 70 6.97 -25.15 -8.34
C TYR A 70 7.53 -25.46 -6.95
N ILE A 71 8.19 -24.49 -6.35
CA ILE A 71 8.74 -24.55 -5.03
C ILE A 71 8.34 -23.36 -4.20
N LYS A 72 7.48 -23.56 -3.19
CA LYS A 72 6.98 -22.47 -2.44
C LYS A 72 8.09 -21.86 -1.61
N GLN A 73 8.16 -20.51 -1.61
CA GLN A 73 9.15 -19.79 -0.84
C GLN A 73 9.14 -20.17 0.62
N LEU A 74 7.93 -20.24 1.19
CA LEU A 74 7.80 -20.42 2.61
C LEU A 74 7.33 -21.80 3.04
N GLY A 75 7.38 -22.78 2.13
CA GLY A 75 7.03 -24.16 2.46
C GLY A 75 5.68 -24.32 3.14
N GLY A 76 5.69 -24.94 4.32
CA GLY A 76 4.47 -25.13 5.10
C GLY A 76 3.81 -23.89 5.66
N GLY A 77 4.50 -22.78 5.62
CA GLY A 77 3.90 -21.50 5.99
C GLY A 77 2.64 -21.17 5.21
N TYR A 78 2.49 -21.67 4.00
CA TYR A 78 1.28 -21.47 3.19
C TYR A 78 0.07 -22.11 3.87
N TYR A 79 0.32 -23.10 4.73
CA TYR A 79 -0.73 -23.78 5.42
C TYR A 79 -1.18 -23.03 6.67
N VAL A 80 -0.54 -21.90 6.97
CA VAL A 80 -0.87 -21.03 8.08
C VAL A 80 -1.25 -19.63 7.61
N PHE A 81 -0.49 -19.11 6.64
CA PHE A 81 -0.70 -17.78 6.09
C PHE A 81 -1.15 -18.01 4.65
N PRO A 82 -2.43 -17.93 4.39
CA PRO A 82 -2.92 -18.31 3.04
C PRO A 82 -2.52 -17.37 1.93
N GLY A 83 -2.04 -16.21 2.22
CA GLY A 83 -1.44 -15.38 1.21
C GLY A 83 -0.07 -15.84 0.73
N ALA A 84 0.62 -16.72 1.49
CA ALA A 84 1.99 -17.08 1.21
C ALA A 84 2.07 -18.22 0.16
N SER A 85 1.49 -17.98 -1.00
CA SER A 85 1.51 -18.88 -2.11
C SER A 85 2.70 -18.60 -3.06
N HIS A 86 3.47 -17.57 -2.81
CA HIS A 86 4.59 -17.25 -3.69
C HIS A 86 5.70 -18.33 -3.74
N ASN A 87 6.32 -18.42 -4.90
CA ASN A 87 7.33 -19.40 -5.19
C ASN A 87 8.71 -18.77 -5.36
N ARG A 88 9.73 -19.63 -5.34
CA ARG A 88 11.09 -19.21 -5.46
C ARG A 88 11.42 -18.49 -6.77
N PHE A 89 10.69 -18.78 -7.84
CA PHE A 89 10.86 -18.15 -9.13
C PHE A 89 10.82 -16.62 -9.08
N GLU A 90 9.73 -16.09 -8.56
CA GLU A 90 9.55 -14.64 -8.49
C GLU A 90 10.50 -14.03 -7.47
N HIS A 91 10.80 -14.73 -6.37
CA HIS A 91 11.82 -14.21 -5.44
C HIS A 91 13.14 -14.07 -6.18
N SER A 92 13.50 -15.03 -7.01
CA SER A 92 14.79 -15.00 -7.73
C SER A 92 14.91 -13.86 -8.74
N LEU A 93 13.84 -13.57 -9.48
CA LEU A 93 13.82 -12.39 -10.35
C LEU A 93 14.07 -11.14 -9.57
N GLY A 94 13.45 -11.04 -8.37
CA GLY A 94 13.61 -9.89 -7.51
C GLY A 94 15.02 -9.75 -7.01
N VAL A 95 15.67 -10.85 -6.65
CA VAL A 95 17.08 -10.80 -6.16
C VAL A 95 18.02 -10.34 -7.29
N GLY A 96 17.79 -10.84 -8.49
CA GLY A 96 18.51 -10.41 -9.66
C GLY A 96 18.35 -8.93 -9.97
N TYR A 97 17.12 -8.47 -9.89
CA TYR A 97 16.87 -7.04 -10.05
C TYR A 97 17.60 -6.21 -8.99
N LEU A 98 17.44 -6.55 -7.70
CA LEU A 98 18.07 -5.75 -6.66
C LEU A 98 19.62 -5.81 -6.71
N ALA A 99 20.17 -6.95 -7.07
CA ALA A 99 21.60 -7.03 -7.26
C ALA A 99 22.09 -6.03 -8.34
N GLY A 100 21.35 -5.95 -9.43
CA GLY A 100 21.61 -4.96 -10.46
C GLY A 100 21.43 -3.51 -9.98
N CYS A 101 20.39 -3.21 -9.18
CA CYS A 101 20.22 -1.85 -8.63
C CYS A 101 21.42 -1.43 -7.78
N LEU A 102 21.91 -2.31 -6.93
CA LEU A 102 22.99 -1.88 -6.04
C LEU A 102 24.28 -1.70 -6.84
N VAL A 103 24.62 -2.63 -7.72
CA VAL A 103 25.88 -2.48 -8.46
C VAL A 103 25.83 -1.26 -9.42
N HIS A 104 24.68 -1.01 -10.06
CA HIS A 104 24.50 0.21 -10.90
CA HIS A 104 24.50 0.21 -10.90
C HIS A 104 24.65 1.49 -10.07
N ALA A 105 24.00 1.54 -8.91
CA ALA A 105 24.13 2.71 -8.04
C ALA A 105 25.58 3.00 -7.58
N LEU A 106 26.35 1.97 -7.25
CA LEU A 106 27.73 2.15 -6.85
C LEU A 106 28.55 2.69 -8.02
N GLY A 107 28.29 2.14 -9.21
CA GLY A 107 29.01 2.54 -10.48
C GLY A 107 28.73 3.97 -10.92
N GLU A 108 27.50 4.44 -10.83
CA GLU A 108 27.15 5.81 -11.11
C GLU A 108 27.73 6.81 -10.12
N LYS A 109 27.66 6.56 -8.82
CA LYS A 109 28.25 7.44 -7.81
C LYS A 109 29.77 7.42 -7.83
N GLN A 110 30.39 6.28 -8.13
CA GLN A 110 31.84 6.11 -8.05
C GLN A 110 32.43 5.48 -9.35
N PRO A 111 32.49 6.29 -10.45
CA PRO A 111 33.14 5.84 -11.73
C PRO A 111 34.56 5.30 -11.54
N GLU A 112 35.26 5.79 -10.52
CA GLU A 112 36.62 5.38 -10.27
C GLU A 112 36.78 3.90 -9.83
N LEU A 113 35.68 3.22 -9.50
CA LEU A 113 35.72 1.80 -9.22
C LEU A 113 35.86 0.95 -10.51
N GLN A 114 35.51 1.53 -11.67
CA GLN A 114 35.56 0.84 -12.96
C GLN A 114 34.69 -0.37 -13.03
N ILE A 115 33.47 -0.25 -12.49
CA ILE A 115 32.46 -1.26 -12.66
C ILE A 115 32.08 -1.30 -14.15
N SER A 116 32.33 -2.44 -14.81
CA SER A 116 32.01 -2.64 -16.20
C SER A 116 30.63 -3.29 -16.34
N GLU A 117 30.13 -3.27 -17.58
CA GLU A 117 28.86 -3.85 -18.00
C GLU A 117 28.86 -5.36 -17.78
N ARG A 118 29.98 -5.95 -18.05
CA ARG A 118 30.24 -7.30 -17.71
C ARG A 118 30.08 -7.64 -16.19
N ASP A 119 30.64 -6.80 -15.30
CA ASP A 119 30.46 -6.97 -13.85
C ASP A 119 28.98 -6.93 -13.46
N VAL A 120 28.25 -5.96 -14.01
CA VAL A 120 26.83 -5.81 -13.76
C VAL A 120 26.07 -7.08 -14.13
N LEU A 121 26.31 -7.63 -15.32
CA LEU A 121 25.64 -8.85 -15.72
C LEU A 121 25.95 -10.03 -14.87
N CYS A 122 27.23 -10.20 -14.51
CA CYS A 122 27.62 -11.29 -13.63
C CYS A 122 26.99 -11.20 -12.27
N VAL A 123 26.87 -9.99 -11.73
CA VAL A 123 26.21 -9.78 -10.44
C VAL A 123 24.70 -10.05 -10.58
N GLN A 124 24.08 -9.60 -11.66
CA GLN A 124 22.65 -9.90 -11.88
C GLN A 124 22.42 -11.42 -12.00
N ILE A 125 23.28 -12.09 -12.76
CA ILE A 125 23.11 -13.53 -12.94
C ILE A 125 23.26 -14.28 -11.63
N ALA A 126 24.25 -13.90 -10.81
CA ALA A 126 24.41 -14.50 -9.53
C ALA A 126 23.22 -14.28 -8.64
N GLY A 127 22.67 -13.08 -8.68
CA GLY A 127 21.43 -12.80 -7.96
C GLY A 127 20.28 -13.65 -8.40
N LEU A 128 20.10 -13.81 -9.71
CA LEU A 128 19.06 -14.67 -10.29
C LEU A 128 19.17 -16.10 -9.88
N CYS A 129 20.40 -16.58 -9.79
CA CYS A 129 20.66 -18.00 -9.67
C CYS A 129 20.99 -18.48 -8.26
N ARG A 130 21.02 -17.60 -7.26
CA ARG A 130 21.35 -18.11 -5.96
C ARG A 130 20.31 -18.98 -5.30
N ASN A 131 19.07 -18.96 -5.76
CA ASN A 131 18.02 -19.88 -5.27
C ASN A 131 17.85 -21.18 -6.09
N LEU A 132 18.69 -21.47 -7.11
CA LEU A 132 18.46 -22.62 -7.98
C LEU A 132 18.49 -23.93 -7.25
N GLY A 133 19.21 -24.01 -6.14
CA GLY A 133 19.45 -25.29 -5.46
C GLY A 133 18.39 -25.67 -4.45
N HIS A 134 17.39 -24.82 -4.26
CA HIS A 134 16.34 -25.17 -3.28
C HIS A 134 15.56 -26.40 -3.74
N GLY A 135 15.10 -27.12 -2.72
CA GLY A 135 14.30 -28.31 -2.92
C GLY A 135 12.85 -28.10 -2.55
N PRO A 136 12.05 -29.15 -2.64
CA PRO A 136 10.64 -29.07 -2.26
C PRO A 136 10.41 -28.38 -0.89
N PHE A 137 9.53 -27.41 -0.85
CA PHE A 137 9.21 -26.65 0.37
C PHE A 137 10.39 -25.86 0.95
N SER A 138 11.38 -25.54 0.10
CA SER A 138 12.47 -24.68 0.44
C SER A 138 13.18 -25.18 1.73
N HIS A 139 13.17 -24.41 2.84
CA HIS A 139 13.97 -24.77 4.02
CA HIS A 139 13.98 -24.78 3.98
C HIS A 139 13.64 -26.11 4.64
N MET A 140 12.41 -26.60 4.42
CA MET A 140 12.10 -27.94 4.85
C MET A 140 13.07 -29.02 4.30
N PHE A 141 13.43 -28.90 3.03
CA PHE A 141 14.21 -29.90 2.34
C PHE A 141 15.66 -29.96 2.82
N ASP A 142 16.32 -28.82 2.94
CA ASP A 142 17.71 -28.85 3.43
C ASP A 142 17.86 -28.68 4.94
N GLY A 143 16.87 -28.11 5.60
CA GLY A 143 16.83 -27.96 7.06
C GLY A 143 16.33 -29.19 7.84
N ARG A 144 15.39 -29.98 7.29
CA ARG A 144 14.82 -31.14 7.99
C ARG A 144 15.00 -32.46 7.26
N PHE A 145 14.62 -32.55 6.00
CA PHE A 145 14.55 -33.79 5.28
C PHE A 145 15.92 -34.41 4.98
N ILE A 146 16.77 -33.71 4.25
CA ILE A 146 18.08 -34.24 3.95
C ILE A 146 18.94 -34.64 5.17
N PRO A 147 19.11 -33.77 6.17
CA PRO A 147 19.81 -34.25 7.42
C PRO A 147 19.26 -35.54 8.05
N LEU A 148 17.95 -35.80 7.98
CA LEU A 148 17.41 -37.07 8.48
C LEU A 148 17.53 -38.26 7.51
N ALA A 149 17.38 -38.01 6.23
CA ALA A 149 17.40 -39.08 5.21
C ALA A 149 18.83 -39.50 4.81
N ARG A 150 19.73 -38.52 4.78
CA ARG A 150 21.14 -38.73 4.42
C ARG A 150 22.02 -38.04 5.49
N PRO A 151 22.02 -38.57 6.74
CA PRO A 151 22.84 -37.97 7.84
C PRO A 151 24.37 -37.91 7.56
N GLU A 152 24.87 -38.79 6.68
CA GLU A 152 26.27 -38.78 6.27
C GLU A 152 26.73 -37.60 5.33
N VAL A 153 25.83 -37.01 4.58
CA VAL A 153 26.24 -35.95 3.63
C VAL A 153 26.11 -34.57 4.27
N LYS A 154 26.74 -33.54 3.69
CA LYS A 154 26.63 -32.17 4.16
C LYS A 154 26.11 -31.39 2.98
N TRP A 155 24.80 -31.18 2.92
CA TRP A 155 24.16 -30.60 1.77
C TRP A 155 23.60 -29.24 2.15
N THR A 156 23.82 -28.24 1.30
CA THR A 156 23.15 -26.95 1.47
C THR A 156 22.49 -26.55 0.13
N HIS A 157 21.49 -25.70 0.20
CA HIS A 157 20.90 -25.13 -1.00
C HIS A 157 21.93 -24.31 -1.84
N GLU A 158 22.87 -23.65 -1.17
CA GLU A 158 24.00 -22.98 -1.83
C GLU A 158 24.81 -23.90 -2.76
N GLN A 159 25.25 -25.04 -2.25
CA GLN A 159 26.00 -25.98 -3.06
C GLN A 159 25.10 -26.47 -4.16
N GLY A 160 23.84 -26.72 -3.84
CA GLY A 160 22.92 -27.12 -4.88
C GLY A 160 22.77 -26.07 -5.99
N SER A 161 22.75 -24.80 -5.64
CA SER A 161 22.64 -23.75 -6.63
C SER A 161 23.83 -23.74 -7.60
N VAL A 162 25.03 -23.97 -7.09
CA VAL A 162 26.20 -24.00 -7.92
C VAL A 162 26.12 -25.17 -8.90
N MET A 163 25.74 -26.34 -8.40
CA MET A 163 25.60 -27.52 -9.22
C MET A 163 24.45 -27.36 -10.24
N MET A 164 23.33 -26.79 -9.81
CA MET A 164 22.25 -26.59 -10.70
C MET A 164 22.56 -25.54 -11.77
N PHE A 165 23.37 -24.55 -11.43
CA PHE A 165 23.78 -23.53 -12.39
C PHE A 165 24.65 -24.11 -13.47
N GLU A 166 25.62 -24.91 -13.08
CA GLU A 166 26.48 -25.61 -14.02
C GLU A 166 25.65 -26.45 -14.99
N HIS A 167 24.74 -27.26 -14.47
CA HIS A 167 23.87 -28.03 -15.32
C HIS A 167 23.00 -27.13 -16.26
N LEU A 168 22.46 -26.01 -15.72
CA LEU A 168 21.75 -25.05 -16.53
C LEU A 168 22.61 -24.53 -17.70
N ILE A 169 23.85 -24.13 -17.39
CA ILE A 169 24.75 -23.60 -18.40
C ILE A 169 25.01 -24.64 -19.50
N ASN A 170 25.39 -25.84 -19.09
CA ASN A 170 25.84 -26.85 -20.05
C ASN A 170 24.70 -27.47 -20.84
N SER A 171 23.53 -27.66 -20.24
CA SER A 171 22.38 -28.22 -20.96
C SER A 171 21.72 -27.28 -21.92
N ASN A 172 21.93 -25.97 -21.80
CA ASN A 172 21.14 -25.01 -22.60
C ASN A 172 21.97 -24.14 -23.56
N GLY A 173 23.26 -24.45 -23.74
CA GLY A 173 24.12 -23.67 -24.64
C GLY A 173 24.22 -22.23 -24.28
N ILE A 174 24.34 -21.93 -22.99
CA ILE A 174 24.49 -20.54 -22.50
C ILE A 174 25.86 -19.93 -22.72
N LYS A 175 26.93 -20.72 -22.70
CA LYS A 175 28.29 -20.18 -22.92
C LYS A 175 28.50 -19.35 -24.21
N PRO A 176 28.04 -19.84 -25.40
CA PRO A 176 28.12 -18.97 -26.62
C PRO A 176 27.29 -17.70 -26.50
N VAL A 177 26.19 -17.75 -25.72
CA VAL A 177 25.38 -16.59 -25.51
C VAL A 177 26.07 -15.61 -24.59
N MET A 178 26.72 -16.10 -23.52
CA MET A 178 27.58 -15.24 -22.71
C MET A 178 28.65 -14.51 -23.54
N GLU A 179 29.33 -15.23 -24.45
CA GLU A 179 30.36 -14.60 -25.27
C GLU A 179 29.80 -13.51 -26.17
N GLN A 180 28.63 -13.75 -26.77
CA GLN A 180 27.95 -12.76 -27.56
C GLN A 180 27.76 -11.39 -26.83
N TYR A 181 27.58 -11.41 -25.51
CA TYR A 181 27.36 -10.20 -24.75
C TYR A 181 28.60 -9.73 -23.99
N GLY A 182 29.76 -10.20 -24.39
CA GLY A 182 31.01 -9.75 -23.81
C GLY A 182 31.49 -10.44 -22.54
N LEU A 183 30.76 -11.44 -22.04
CA LEU A 183 31.26 -12.23 -20.91
C LEU A 183 32.39 -13.18 -21.36
N ILE A 184 33.32 -13.43 -20.45
CA ILE A 184 34.39 -14.43 -20.64
C ILE A 184 34.00 -15.64 -19.79
N PRO A 185 33.43 -16.67 -20.44
CA PRO A 185 32.80 -17.73 -19.67
C PRO A 185 33.65 -18.34 -18.58
N GLU A 186 34.89 -18.66 -18.86
CA GLU A 186 35.72 -19.28 -17.83
C GLU A 186 35.75 -18.47 -16.52
N GLU A 187 36.18 -17.21 -16.59
CA GLU A 187 36.35 -16.33 -15.43
C GLU A 187 34.98 -15.94 -14.82
N ASP A 188 34.01 -15.61 -15.68
CA ASP A 188 32.72 -15.09 -15.23
C ASP A 188 31.82 -16.16 -14.58
N ILE A 189 31.83 -17.37 -15.13
CA ILE A 189 31.18 -18.49 -14.48
C ILE A 189 31.77 -18.73 -13.10
N CYS A 190 33.07 -18.68 -12.98
CA CYS A 190 33.72 -18.81 -11.70
C CYS A 190 33.30 -17.67 -10.75
N PHE A 191 33.23 -16.46 -11.28
CA PHE A 191 32.79 -15.35 -10.50
C PHE A 191 31.36 -15.55 -9.97
N ILE A 192 30.47 -16.01 -10.85
CA ILE A 192 29.10 -16.16 -10.51
C ILE A 192 28.96 -17.19 -9.41
N LYS A 193 29.62 -18.32 -9.55
CA LYS A 193 29.53 -19.40 -8.57
C LYS A 193 30.12 -18.97 -7.23
N GLU A 194 31.22 -18.22 -7.27
CA GLU A 194 31.82 -17.70 -6.05
C GLU A 194 30.91 -16.70 -5.30
N GLN A 195 30.09 -15.93 -6.02
CA GLN A 195 29.20 -15.04 -5.39
C GLN A 195 28.09 -15.80 -4.66
N ILE A 196 27.79 -17.01 -5.08
CA ILE A 196 26.75 -17.80 -4.46
C ILE A 196 27.24 -18.56 -3.24
N VAL A 197 28.41 -19.15 -3.36
CA VAL A 197 28.87 -20.12 -2.39
C VAL A 197 30.15 -19.72 -1.64
N GLY A 198 30.82 -18.62 -2.03
CA GLY A 198 32.08 -18.22 -1.43
C GLY A 198 33.24 -18.84 -2.17
N PRO A 199 34.44 -18.75 -1.59
CA PRO A 199 35.68 -19.36 -2.16
C PRO A 199 35.53 -20.86 -2.60
N LEU A 200 35.84 -21.19 -3.86
CA LEU A 200 35.69 -22.59 -4.30
C LEU A 200 36.66 -23.59 -3.59
N GLU A 201 37.84 -23.16 -3.11
CA GLU A 201 38.46 -23.79 -1.88
C GLU A 201 37.83 -23.18 -0.57
N LEU A 208 45.64 -13.55 2.37
CA LEU A 208 45.81 -13.97 0.97
C LEU A 208 44.45 -13.99 0.25
N TRP A 209 44.27 -13.16 -0.77
CA TRP A 209 43.00 -13.07 -1.56
C TRP A 209 42.54 -14.44 -2.15
N PRO A 210 41.44 -15.01 -1.62
CA PRO A 210 41.02 -16.38 -1.94
C PRO A 210 40.16 -16.56 -3.21
N TYR A 211 39.72 -15.49 -3.85
CA TYR A 211 38.79 -15.60 -4.97
C TYR A 211 39.53 -15.57 -6.31
N LYS A 212 39.01 -16.29 -7.30
CA LYS A 212 39.56 -16.35 -8.64
C LYS A 212 38.77 -15.65 -9.72
N GLY A 213 37.48 -15.42 -9.53
CA GLY A 213 36.66 -14.85 -10.56
C GLY A 213 36.87 -13.36 -10.78
N ARG A 214 37.32 -12.66 -9.74
CA ARG A 214 37.66 -11.26 -9.86
C ARG A 214 38.82 -10.94 -8.93
N PRO A 215 39.65 -9.96 -9.30
CA PRO A 215 40.80 -9.57 -8.44
C PRO A 215 40.33 -8.71 -7.24
N GLU A 216 41.23 -8.46 -6.30
CA GLU A 216 40.95 -7.69 -5.09
C GLU A 216 40.40 -6.31 -5.26
N ASN A 217 40.75 -5.63 -6.35
CA ASN A 217 40.17 -4.29 -6.60
C ASN A 217 38.67 -4.28 -6.91
N LYS A 218 38.07 -5.46 -7.16
CA LYS A 218 36.59 -5.57 -7.26
C LYS A 218 35.96 -6.31 -6.06
N SER A 219 36.62 -6.29 -4.93
CA SER A 219 36.24 -7.06 -3.76
C SER A 219 34.84 -6.78 -3.24
N PHE A 220 34.48 -5.51 -3.29
CA PHE A 220 33.10 -5.06 -3.01
C PHE A 220 31.98 -5.79 -3.75
N LEU A 221 32.24 -6.31 -4.93
CA LEU A 221 31.20 -7.00 -5.71
C LEU A 221 30.72 -8.28 -5.02
N TYR A 222 31.58 -8.91 -4.24
CA TYR A 222 31.26 -10.11 -3.47
C TYR A 222 30.40 -9.90 -2.23
N GLU A 223 30.06 -8.66 -1.94
CA GLU A 223 29.18 -8.35 -0.85
C GLU A 223 27.70 -8.09 -1.28
N ILE A 224 27.33 -8.28 -2.55
CA ILE A 224 26.03 -7.85 -3.00
C ILE A 224 24.96 -8.97 -2.87
N VAL A 225 25.26 -10.13 -3.46
CA VAL A 225 24.34 -11.23 -3.56
C VAL A 225 24.29 -12.07 -2.32
N SER A 226 25.43 -12.38 -1.76
CA SER A 226 25.53 -13.24 -0.59
C SER A 226 26.71 -12.70 0.19
N ASN A 227 26.42 -11.99 1.27
CA ASN A 227 27.42 -11.29 2.05
C ASN A 227 27.83 -12.15 3.25
N LYS A 228 28.99 -12.76 3.14
CA LYS A 228 29.52 -13.64 4.19
C LYS A 228 30.08 -12.87 5.39
N ARG A 229 30.48 -11.63 5.19
CA ARG A 229 31.03 -10.83 6.27
C ARG A 229 29.98 -10.46 7.34
N ASN A 230 28.79 -10.00 6.92
CA ASN A 230 27.81 -9.52 7.87
C ASN A 230 26.34 -9.84 7.55
N GLY A 231 26.05 -10.53 6.47
CA GLY A 231 24.65 -10.85 6.16
C GLY A 231 23.78 -9.79 5.50
N ILE A 232 24.34 -8.61 5.19
CA ILE A 232 23.57 -7.58 4.58
C ILE A 232 23.70 -7.74 3.08
N ASP A 233 22.65 -8.27 2.45
CA ASP A 233 22.64 -8.52 1.04
C ASP A 233 21.26 -8.45 0.42
N VAL A 234 21.22 -8.48 -0.91
CA VAL A 234 20.00 -8.19 -1.60
C VAL A 234 18.98 -9.34 -1.51
N ASP A 235 19.42 -10.57 -1.20
CA ASP A 235 18.48 -11.65 -1.06
C ASP A 235 17.50 -11.36 0.12
N LYS A 236 18.01 -10.89 1.26
CA LYS A 236 17.15 -10.48 2.38
C LYS A 236 16.24 -9.36 1.98
N TRP A 237 16.74 -8.39 1.24
CA TRP A 237 15.92 -7.28 0.89
C TRP A 237 14.72 -7.71 0.06
N ASP A 238 14.90 -8.63 -0.87
CA ASP A 238 13.75 -9.05 -1.62
C ASP A 238 12.76 -9.83 -0.77
N TYR A 239 13.23 -10.79 0.06
CA TYR A 239 12.28 -11.59 0.80
C TYR A 239 11.61 -10.80 1.92
N PHE A 240 12.27 -9.79 2.51
CA PHE A 240 11.54 -8.92 3.42
C PHE A 240 10.30 -8.33 2.76
N ALA A 241 10.47 -7.75 1.60
CA ALA A 241 9.37 -7.04 0.93
C ALA A 241 8.37 -8.01 0.41
N ARG A 242 8.85 -9.08 -0.24
CA ARG A 242 7.96 -10.04 -0.85
C ARG A 242 7.20 -10.88 0.19
N ASP A 243 7.89 -11.42 1.19
CA ASP A 243 7.18 -12.21 2.19
C ASP A 243 6.13 -11.37 2.90
N CYS A 244 6.48 -10.15 3.28
CA CYS A 244 5.54 -9.26 3.92
C CYS A 244 4.28 -8.95 3.09
N HIS A 245 4.45 -8.67 1.81
CA HIS A 245 3.31 -8.42 0.91
C HIS A 245 2.33 -9.60 0.88
N HIS A 246 2.85 -10.82 0.96
CA HIS A 246 2.07 -12.03 0.87
C HIS A 246 1.56 -12.54 2.18
N LEU A 247 2.28 -12.32 3.26
CA LEU A 247 1.87 -12.77 4.55
C LEU A 247 0.81 -11.89 5.20
N GLY A 248 0.76 -10.61 4.81
CA GLY A 248 -0.05 -9.63 5.47
C GLY A 248 0.51 -9.07 6.75
N ILE A 249 1.80 -8.89 6.80
CA ILE A 249 2.53 -8.26 7.87
C ILE A 249 3.36 -7.24 7.14
N GLN A 250 3.47 -6.06 7.67
CA GLN A 250 4.03 -4.96 6.96
C GLN A 250 5.58 -4.87 7.34
N ASN A 251 6.34 -4.56 6.29
CA ASN A 251 7.80 -4.50 6.37
C ASN A 251 8.28 -3.13 6.86
N ASN A 252 9.11 -3.00 7.87
CA ASN A 252 9.72 -1.65 8.18
C ASN A 252 11.18 -1.35 7.63
N PHE A 253 11.78 -2.22 6.86
CA PHE A 253 13.11 -1.90 6.39
C PHE A 253 13.08 -1.24 4.97
N ASP A 254 13.83 -0.12 4.79
CA ASP A 254 13.85 0.60 3.54
C ASP A 254 15.16 0.37 2.78
N TYR A 255 15.17 -0.61 1.89
CA TYR A 255 16.33 -1.03 1.15
C TYR A 255 16.75 0.07 0.18
N LYS A 256 15.82 0.82 -0.36
CA LYS A 256 16.17 1.90 -1.28
C LYS A 256 16.93 2.99 -0.59
N ARG A 257 16.57 3.29 0.67
CA ARG A 257 17.27 4.27 1.40
C ARG A 257 18.72 3.75 1.58
N PHE A 258 18.86 2.49 1.96
CA PHE A 258 20.16 1.94 2.13
C PHE A 258 21.06 2.05 0.86
N ILE A 259 20.50 1.73 -0.30
CA ILE A 259 21.21 1.81 -1.55
C ILE A 259 21.66 3.20 -1.85
N LYS A 260 20.80 4.18 -1.65
CA LYS A 260 21.25 5.54 -1.78
C LYS A 260 22.40 6.02 -0.92
N PHE A 261 22.54 5.51 0.29
CA PHE A 261 23.64 5.94 1.16
C PHE A 261 24.89 5.05 1.05
N ALA A 262 24.87 4.02 0.20
CA ALA A 262 25.94 3.10 0.17
C ALA A 262 27.13 3.65 -0.64
N ARG A 263 28.33 3.39 -0.15
CA ARG A 263 29.57 3.78 -0.81
C ARG A 263 30.62 2.70 -0.64
N VAL A 264 31.58 2.71 -1.54
CA VAL A 264 32.71 1.82 -1.45
C VAL A 264 33.86 2.61 -0.90
N CYS A 265 34.47 2.08 0.15
CA CYS A 265 35.69 2.67 0.77
C CYS A 265 36.71 1.59 1.09
N GLU A 266 37.94 2.01 1.28
CA GLU A 266 39.04 1.12 1.65
C GLU A 266 38.96 0.81 3.16
N VAL A 267 38.92 -0.46 3.49
CA VAL A 267 38.87 -0.94 4.89
C VAL A 267 39.98 -2.02 5.02
N ASP A 268 40.98 -1.81 5.87
CA ASP A 268 42.14 -2.74 5.95
C ASP A 268 42.69 -3.15 4.56
N ASN A 269 42.97 -2.20 3.69
CA ASN A 269 43.50 -2.47 2.30
C ASN A 269 42.62 -3.30 1.32
N GLU A 270 41.33 -3.43 1.62
CA GLU A 270 40.38 -4.02 0.70
C GLU A 270 39.19 -3.03 0.47
N LEU A 271 38.79 -2.82 -0.77
CA LEU A 271 37.57 -2.06 -1.06
C LEU A 271 36.29 -2.80 -0.59
N ARG A 272 35.50 -2.16 0.24
CA ARG A 272 34.22 -2.71 0.76
C ARG A 272 33.06 -1.73 0.66
N ILE A 273 31.87 -2.25 0.60
CA ILE A 273 30.67 -1.47 0.68
C ILE A 273 30.48 -0.98 2.11
N CYS A 274 30.45 0.34 2.31
CA CYS A 274 30.18 0.98 3.60
C CYS A 274 28.85 1.70 3.61
N ALA A 275 28.27 1.78 4.80
CA ALA A 275 27.04 2.51 5.04
C ALA A 275 27.36 3.86 5.67
N ARG A 276 26.46 4.81 5.41
CA ARG A 276 26.56 6.07 6.12
C ARG A 276 26.37 5.92 7.62
N ASP A 277 27.19 6.60 8.40
CA ASP A 277 27.14 6.55 9.86
C ASP A 277 25.75 6.64 10.48
N LYS A 278 25.00 7.64 10.12
CA LYS A 278 23.58 7.81 10.43
C LYS A 278 22.66 6.63 10.19
N GLU A 279 22.94 5.80 9.24
CA GLU A 279 22.13 4.65 9.01
C GLU A 279 22.31 3.51 10.04
N VAL A 280 23.17 3.64 11.05
CA VAL A 280 23.48 2.52 11.90
C VAL A 280 22.25 1.97 12.65
N GLY A 281 21.41 2.89 13.13
CA GLY A 281 20.08 2.56 13.66
C GLY A 281 19.25 1.70 12.76
N ASN A 282 19.21 2.04 11.46
CA ASN A 282 18.42 1.33 10.51
C ASN A 282 18.95 -0.09 10.29
N LEU A 283 20.27 -0.30 10.40
CA LEU A 283 20.83 -1.66 10.25
C LEU A 283 20.46 -2.53 11.43
N TYR A 284 20.52 -1.99 12.65
CA TYR A 284 20.02 -2.71 13.81
C TYR A 284 18.52 -3.04 13.62
N ASP A 285 17.72 -2.08 13.13
CA ASP A 285 16.31 -2.35 12.79
C ASP A 285 16.16 -3.41 11.74
N MET A 286 17.08 -3.49 10.79
CA MET A 286 16.97 -4.52 9.73
C MET A 286 17.05 -5.93 10.31
N PHE A 287 17.98 -6.16 11.22
CA PHE A 287 18.11 -7.49 11.83
C PHE A 287 16.98 -7.71 12.82
N HIS A 288 16.52 -6.67 13.46
CA HIS A 288 15.32 -6.76 14.31
C HIS A 288 14.10 -7.21 13.50
N THR A 289 13.91 -6.66 12.32
CA THR A 289 12.89 -7.13 11.41
C THR A 289 13.01 -8.58 10.97
N ARG A 290 14.20 -8.97 10.58
CA ARG A 290 14.48 -10.39 10.30
C ARG A 290 14.05 -11.29 11.47
N ASN A 291 14.42 -10.94 12.68
CA ASN A 291 14.01 -11.68 13.83
C ASN A 291 12.49 -11.71 14.06
N SER A 292 11.80 -10.60 13.89
CA SER A 292 10.33 -10.56 13.90
C SER A 292 9.71 -11.42 12.87
N LEU A 293 10.21 -11.41 11.68
CA LEU A 293 9.65 -12.30 10.67
C LEU A 293 9.82 -13.78 10.99
N HIS A 294 10.95 -14.16 11.55
CA HIS A 294 11.14 -15.53 12.04
C HIS A 294 10.15 -15.85 13.17
N ARG A 295 9.97 -14.96 14.13
CA ARG A 295 9.02 -15.24 15.22
C ARG A 295 7.58 -15.32 14.76
N ARG A 296 7.14 -14.44 13.91
CA ARG A 296 5.74 -14.38 13.58
C ARG A 296 5.39 -15.37 12.53
N ALA A 297 6.29 -15.62 11.58
CA ALA A 297 5.94 -16.33 10.40
C ALA A 297 6.81 -17.58 10.16
N TYR A 298 8.10 -17.41 9.92
CA TYR A 298 8.87 -18.53 9.49
C TYR A 298 9.01 -19.67 10.52
N GLN A 299 8.99 -19.39 11.84
CA GLN A 299 9.04 -20.38 12.88
C GLN A 299 7.72 -20.46 13.61
N HIS A 300 6.64 -20.11 12.93
CA HIS A 300 5.32 -20.31 13.46
C HIS A 300 5.19 -21.75 13.90
N LYS A 301 4.69 -21.98 15.11
CA LYS A 301 4.60 -23.31 15.72
C LYS A 301 3.82 -24.32 14.87
N VAL A 302 2.75 -23.88 14.19
CA VAL A 302 2.00 -24.78 13.29
C VAL A 302 2.64 -24.91 11.95
N GLY A 303 3.19 -23.86 11.38
CA GLY A 303 4.00 -23.97 10.18
C GLY A 303 5.13 -24.99 10.33
N ASN A 304 5.84 -24.95 11.44
CA ASN A 304 6.92 -25.91 11.66
C ASN A 304 6.41 -27.35 11.82
N ILE A 305 5.28 -27.56 12.43
CA ILE A 305 4.81 -28.92 12.61
C ILE A 305 4.29 -29.46 11.31
N ILE A 306 3.72 -28.61 10.46
CA ILE A 306 3.37 -29.03 9.10
C ILE A 306 4.61 -29.38 8.27
N ASP A 307 5.66 -28.57 8.32
CA ASP A 307 6.95 -28.97 7.70
C ASP A 307 7.48 -30.32 8.25
N THR A 308 7.29 -30.57 9.53
CA THR A 308 7.72 -31.81 10.13
C THR A 308 6.90 -33.00 9.64
N MET A 309 5.59 -32.84 9.55
CA MET A 309 4.73 -33.88 9.05
C MET A 309 5.05 -34.17 7.58
N ILE A 310 5.31 -33.15 6.77
CA ILE A 310 5.65 -33.38 5.40
C ILE A 310 6.99 -34.11 5.28
N THR A 311 7.95 -33.71 6.11
CA THR A 311 9.22 -34.41 6.16
C THR A 311 9.04 -35.89 6.47
N ASP A 312 8.18 -36.19 7.46
CA ASP A 312 7.92 -37.57 7.86
C ASP A 312 7.27 -38.34 6.72
N ALA A 313 6.29 -37.74 6.03
CA ALA A 313 5.71 -38.36 4.83
C ALA A 313 6.76 -38.64 3.74
N PHE A 314 7.65 -37.70 3.51
CA PHE A 314 8.73 -37.91 2.52
C PHE A 314 9.68 -38.98 2.96
N LEU A 315 9.96 -39.09 4.26
CA LEU A 315 10.80 -40.23 4.74
C LEU A 315 10.17 -41.58 4.48
N LYS A 316 8.91 -41.73 4.79
CA LYS A 316 8.16 -42.97 4.54
C LYS A 316 7.92 -43.30 3.07
N ALA A 317 7.97 -42.30 2.21
CA ALA A 317 7.80 -42.47 0.79
C ALA A 317 9.10 -42.72 0.03
N ASP A 318 10.22 -42.39 0.64
CA ASP A 318 11.53 -42.32 -0.01
C ASP A 318 11.96 -43.59 -0.77
N ASP A 319 11.69 -44.77 -0.22
CA ASP A 319 11.99 -46.01 -0.88
C ASP A 319 11.19 -46.28 -2.15
N TYR A 320 10.03 -45.63 -2.34
CA TYR A 320 9.08 -46.04 -3.34
C TYR A 320 8.84 -45.04 -4.46
N ILE A 321 9.24 -43.78 -4.33
CA ILE A 321 9.08 -42.78 -5.40
C ILE A 321 10.35 -42.85 -6.25
N GLU A 322 10.20 -42.88 -7.56
CA GLU A 322 11.39 -42.99 -8.45
C GLU A 322 11.47 -41.80 -9.35
N ILE A 323 12.64 -41.19 -9.43
CA ILE A 323 12.83 -40.01 -10.28
C ILE A 323 13.91 -40.35 -11.28
N THR A 324 13.56 -40.23 -12.55
CA THR A 324 14.50 -40.52 -13.62
C THR A 324 15.48 -39.36 -13.84
N GLY A 325 16.75 -39.70 -13.86
CA GLY A 325 17.85 -38.78 -14.10
C GLY A 325 18.64 -39.05 -15.37
N ALA A 326 19.91 -38.70 -15.38
CA ALA A 326 20.72 -38.81 -16.57
C ALA A 326 20.86 -40.28 -16.93
N GLY A 327 20.84 -40.58 -18.24
CA GLY A 327 21.01 -41.94 -18.76
C GLY A 327 19.89 -42.90 -18.38
N GLY A 328 18.70 -42.38 -18.06
CA GLY A 328 17.63 -43.25 -17.52
C GLY A 328 17.81 -43.85 -16.10
N LYS A 329 18.94 -43.59 -15.41
CA LYS A 329 19.16 -44.06 -14.03
C LYS A 329 18.09 -43.52 -13.08
N LYS A 330 17.68 -44.35 -12.11
CA LYS A 330 16.63 -44.01 -11.16
C LYS A 330 17.20 -43.48 -9.85
N TYR A 331 16.55 -42.46 -9.30
CA TYR A 331 16.95 -41.89 -8.02
C TYR A 331 15.75 -41.82 -7.14
N ARG A 332 16.02 -41.64 -5.85
CA ARG A 332 14.97 -41.42 -4.87
C ARG A 332 14.90 -39.96 -4.49
N ILE A 333 13.88 -39.58 -3.71
CA ILE A 333 13.76 -38.22 -3.20
C ILE A 333 15.06 -37.81 -2.53
N SER A 334 15.62 -38.69 -1.72
CA SER A 334 16.85 -38.39 -0.97
C SER A 334 18.13 -38.46 -1.79
N THR A 335 18.11 -39.11 -2.95
CA THR A 335 19.34 -39.20 -3.81
C THR A 335 19.27 -38.33 -5.07
N ALA A 336 18.13 -37.68 -5.33
CA ALA A 336 18.03 -36.80 -6.46
C ALA A 336 19.05 -35.68 -6.41
N ILE A 337 19.48 -35.29 -5.22
CA ILE A 337 20.53 -34.29 -5.08
C ILE A 337 21.88 -34.70 -5.66
N ASP A 338 22.09 -35.97 -5.99
CA ASP A 338 23.33 -36.41 -6.59
C ASP A 338 23.34 -36.36 -8.13
N ASP A 339 22.23 -35.97 -8.75
CA ASP A 339 22.10 -35.89 -10.19
C ASP A 339 21.17 -34.76 -10.60
N MET A 340 21.73 -33.75 -11.22
CA MET A 340 20.98 -32.50 -11.49
C MET A 340 19.82 -32.69 -12.45
N GLU A 341 19.91 -33.63 -13.36
CA GLU A 341 18.77 -33.94 -14.22
C GLU A 341 17.56 -34.52 -13.42
N ALA A 342 17.82 -35.33 -12.38
CA ALA A 342 16.76 -35.79 -11.50
C ALA A 342 16.27 -34.68 -10.63
N TYR A 343 17.20 -33.95 -10.04
CA TYR A 343 16.85 -32.87 -9.14
C TYR A 343 15.98 -31.79 -9.79
N THR A 344 16.21 -31.55 -11.07
CA THR A 344 15.34 -30.67 -11.88
C THR A 344 13.88 -31.01 -11.74
N LYS A 345 13.55 -32.29 -11.60
CA LYS A 345 12.16 -32.77 -11.52
C LYS A 345 11.70 -32.99 -10.11
N LEU A 346 12.43 -32.50 -9.11
CA LEU A 346 12.09 -32.70 -7.74
C LEU A 346 11.53 -31.37 -7.16
N THR A 347 10.21 -31.30 -7.02
CA THR A 347 9.51 -30.11 -6.62
C THR A 347 8.40 -30.43 -5.64
N ASP A 348 7.63 -29.41 -5.25
CA ASP A 348 6.44 -29.55 -4.41
C ASP A 348 5.47 -30.61 -4.96
N ASN A 349 5.50 -30.88 -6.27
CA ASN A 349 4.68 -31.91 -6.83
C ASN A 349 4.75 -33.26 -6.12
N ILE A 350 5.90 -33.55 -5.53
CA ILE A 350 6.11 -34.80 -4.76
C ILE A 350 5.02 -34.97 -3.67
N PHE A 351 4.63 -33.91 -3.03
CA PHE A 351 3.59 -33.89 -2.04
C PHE A 351 2.29 -34.47 -2.62
N LEU A 352 1.88 -34.00 -3.80
CA LEU A 352 0.66 -34.46 -4.46
C LEU A 352 0.76 -35.86 -5.08
N GLU A 353 1.92 -36.20 -5.62
CA GLU A 353 2.14 -37.54 -6.06
C GLU A 353 1.94 -38.53 -4.83
N ILE A 354 2.42 -38.17 -3.65
CA ILE A 354 2.18 -39.00 -2.52
C ILE A 354 0.71 -38.96 -2.13
N LEU A 355 0.14 -37.80 -2.02
CA LEU A 355 -1.29 -37.67 -1.60
C LEU A 355 -2.28 -38.39 -2.52
N TYR A 356 -2.02 -38.38 -3.83
CA TYR A 356 -2.90 -39.02 -4.82
C TYR A 356 -2.59 -40.46 -5.11
N SER A 357 -1.49 -41.01 -4.57
CA SER A 357 -1.13 -42.39 -4.83
C SER A 357 -2.18 -43.36 -4.34
N THR A 358 -2.23 -44.54 -4.91
CA THR A 358 -3.08 -45.66 -4.41
C THR A 358 -2.28 -46.89 -3.94
N ASP A 359 -1.00 -46.98 -4.31
CA ASP A 359 -0.11 -48.07 -3.94
C ASP A 359 -0.12 -48.33 -2.44
N PRO A 360 -0.36 -49.56 -2.01
CA PRO A 360 -0.25 -49.86 -0.55
C PRO A 360 1.13 -49.59 0.09
N LYS A 361 2.21 -49.62 -0.69
CA LYS A 361 3.53 -49.25 -0.16
C LYS A 361 3.67 -47.78 0.25
N LEU A 362 2.84 -46.90 -0.30
CA LEU A 362 2.83 -45.49 0.06
C LEU A 362 1.75 -45.14 1.05
N LYS A 363 1.08 -46.12 1.62
CA LYS A 363 0.00 -45.86 2.54
C LYS A 363 0.42 -45.01 3.74
N ASP A 364 1.51 -45.30 4.42
CA ASP A 364 1.84 -44.57 5.64
C ASP A 364 2.16 -43.10 5.31
N ALA A 365 2.89 -42.90 4.21
CA ALA A 365 3.22 -41.60 3.73
C ALA A 365 1.94 -40.82 3.37
N ARG A 366 1.06 -41.45 2.59
CA ARG A 366 -0.17 -40.84 2.20
C ARG A 366 -1.06 -40.48 3.37
N GLU A 367 -1.12 -41.32 4.41
CA GLU A 367 -1.96 -41.01 5.58
C GLU A 367 -1.47 -39.81 6.39
N ILE A 368 -0.18 -39.64 6.49
CA ILE A 368 0.33 -38.43 7.10
C ILE A 368 -0.15 -37.17 6.32
N LEU A 369 -0.01 -37.15 5.00
CA LEU A 369 -0.50 -36.05 4.21
C LEU A 369 -2.01 -35.90 4.31
N LYS A 370 -2.78 -36.98 4.39
CA LYS A 370 -4.21 -36.86 4.58
C LYS A 370 -4.52 -36.18 5.95
N GLN A 371 -3.74 -36.44 6.97
CA GLN A 371 -3.93 -35.80 8.24
C GLN A 371 -3.76 -34.27 8.17
N ILE A 372 -2.83 -33.82 7.35
CA ILE A 372 -2.67 -32.41 7.08
C ILE A 372 -3.97 -31.86 6.47
N GLU A 373 -4.54 -32.50 5.48
CA GLU A 373 -5.80 -32.01 4.85
C GLU A 373 -6.96 -31.93 5.79
N TYR A 374 -7.11 -32.95 6.64
CA TYR A 374 -8.14 -32.88 7.68
C TYR A 374 -7.80 -32.01 8.89
N ARG A 375 -6.63 -31.41 8.90
CA ARG A 375 -6.15 -30.66 10.03
C ARG A 375 -6.06 -31.47 11.31
N ASN A 376 -5.72 -32.72 11.20
CA ASN A 376 -5.50 -33.53 12.34
C ASN A 376 -3.99 -33.53 12.56
N LEU A 377 -3.46 -32.43 13.05
CA LEU A 377 -2.05 -32.24 13.18
C LEU A 377 -1.55 -32.70 14.53
N PHE A 378 -0.26 -33.04 14.60
CA PHE A 378 0.44 -33.23 15.92
C PHE A 378 0.20 -31.96 16.72
N LYS A 379 -0.08 -32.07 18.02
CA LYS A 379 -0.57 -30.94 18.79
C LYS A 379 0.53 -30.28 19.53
N TYR A 380 0.51 -28.95 19.54
CA TYR A 380 1.42 -28.09 20.28
C TYR A 380 1.10 -28.20 21.78
N VAL A 381 2.13 -28.48 22.57
CA VAL A 381 2.03 -28.58 24.01
C VAL A 381 2.56 -27.28 24.65
N GLY A 382 3.73 -26.83 24.21
CA GLY A 382 4.26 -25.56 24.65
C GLY A 382 5.68 -25.27 24.25
N GLU A 383 6.18 -24.17 24.81
CA GLU A 383 7.46 -23.58 24.48
C GLU A 383 8.18 -23.17 25.76
N THR A 384 9.48 -23.39 25.73
CA THR A 384 10.32 -22.97 26.82
C THR A 384 11.67 -22.57 26.20
N GLN A 385 12.49 -21.93 27.01
CA GLN A 385 13.89 -21.66 26.67
C GLN A 385 14.82 -22.15 27.80
N PRO A 386 16.08 -22.48 27.42
CA PRO A 386 17.12 -22.65 28.45
C PRO A 386 17.46 -21.34 29.15
N THR A 387 17.94 -21.42 30.38
CA THR A 387 18.40 -20.26 31.15
C THR A 387 19.92 -20.43 31.38
N GLY A 388 20.52 -19.33 31.85
CA GLY A 388 21.95 -19.22 32.01
C GLY A 388 22.65 -19.29 30.66
N GLN A 389 23.87 -19.80 30.70
CA GLN A 389 24.65 -20.00 29.44
C GLN A 389 24.39 -21.36 28.81
N ILE A 390 23.42 -22.16 29.32
CA ILE A 390 23.13 -23.53 28.86
C ILE A 390 22.70 -23.48 27.37
N LYS A 391 23.44 -24.21 26.53
CA LYS A 391 23.13 -24.37 25.13
C LYS A 391 22.78 -25.84 24.92
N ILE A 392 21.79 -26.11 24.07
CA ILE A 392 21.43 -27.46 23.65
C ILE A 392 22.05 -27.68 22.27
N LYS A 393 22.94 -28.68 22.19
CA LYS A 393 23.76 -28.94 21.02
C LYS A 393 23.01 -29.92 20.12
N ARG A 394 23.33 -29.93 18.83
CA ARG A 394 22.65 -30.82 17.86
C ARG A 394 22.68 -32.38 18.19
N GLU A 395 23.78 -32.86 18.79
CA GLU A 395 23.92 -34.24 19.26
C GLU A 395 22.97 -34.66 20.41
N ASP A 396 22.42 -33.70 21.15
CA ASP A 396 21.44 -34.02 22.21
C ASP A 396 19.97 -34.02 21.71
N TYR A 397 19.68 -33.68 20.45
CA TYR A 397 18.29 -33.50 20.01
C TYR A 397 17.44 -34.75 20.14
N GLU A 398 18.01 -35.89 19.74
CA GLU A 398 17.31 -37.15 19.67
C GLU A 398 16.86 -37.64 21.04
N SER A 399 17.65 -37.35 22.06
CA SER A 399 17.35 -37.75 23.42
C SER A 399 16.26 -36.92 24.16
N LEU A 400 15.81 -35.80 23.57
CA LEU A 400 14.90 -34.86 24.28
C LEU A 400 13.48 -35.41 24.44
N PRO A 401 12.92 -36.07 23.41
CA PRO A 401 11.63 -36.73 23.58
C PRO A 401 11.64 -37.76 24.71
N LYS A 402 12.73 -38.53 24.82
CA LYS A 402 12.96 -39.42 25.97
C LYS A 402 12.92 -38.68 27.31
N GLU A 403 13.59 -37.54 27.42
CA GLU A 403 13.59 -36.81 28.71
C GLU A 403 12.21 -36.31 29.11
N VAL A 404 11.40 -35.85 28.15
CA VAL A 404 10.06 -35.37 28.48
C VAL A 404 9.17 -36.51 28.99
N ALA A 405 9.26 -37.65 28.32
CA ALA A 405 8.52 -38.84 28.72
C ALA A 405 8.99 -39.46 30.00
N SER A 406 10.24 -39.22 30.37
CA SER A 406 10.86 -39.71 31.62
C SER A 406 10.53 -38.86 32.85
N ALA A 407 9.92 -37.70 32.66
CA ALA A 407 9.60 -36.83 33.79
C ALA A 407 8.50 -37.45 34.68
N LYS A 408 8.50 -37.11 35.97
CA LYS A 408 7.56 -37.74 36.88
C LYS A 408 6.73 -36.69 37.57
N PRO A 409 5.66 -36.22 36.87
CA PRO A 409 4.76 -35.21 37.40
C PRO A 409 3.90 -35.89 38.47
N LYS A 410 3.84 -35.28 39.62
CA LYS A 410 3.10 -35.91 40.77
C LYS A 410 1.64 -35.52 40.59
N VAL A 411 1.00 -36.16 39.62
CA VAL A 411 -0.39 -35.88 39.29
C VAL A 411 -0.97 -37.23 38.86
N LEU A 412 -2.24 -37.42 39.13
CA LEU A 412 -2.91 -38.64 38.68
C LEU A 412 -3.21 -38.54 37.19
N LEU A 413 -2.69 -39.51 36.42
CA LEU A 413 -2.86 -39.51 34.95
C LEU A 413 -3.67 -40.73 34.52
N ASP A 414 -4.57 -40.57 33.53
CA ASP A 414 -5.32 -41.69 32.95
C ASP A 414 -4.51 -42.52 31.97
N VAL A 415 -3.66 -41.86 31.23
CA VAL A 415 -2.78 -42.51 30.24
C VAL A 415 -1.33 -42.16 30.59
N LYS A 416 -0.41 -43.02 30.13
CA LYS A 416 1.00 -42.75 30.20
C LYS A 416 1.54 -42.69 28.78
N LEU A 417 2.42 -41.73 28.53
CA LEU A 417 2.95 -41.46 27.21
C LEU A 417 4.41 -41.91 27.15
N LYS A 418 4.87 -42.22 25.94
CA LYS A 418 6.21 -42.71 25.69
C LYS A 418 6.99 -41.70 24.87
N ALA A 419 8.29 -41.97 24.70
CA ALA A 419 9.21 -41.13 23.93
C ALA A 419 8.70 -40.82 22.53
N GLU A 420 8.31 -41.86 21.78
CA GLU A 420 7.82 -41.68 20.40
C GLU A 420 6.54 -40.79 20.25
N ASP A 421 5.82 -40.58 21.34
CA ASP A 421 4.65 -39.70 21.37
C ASP A 421 5.00 -38.19 21.35
N PHE A 422 6.24 -37.83 21.66
CA PHE A 422 6.68 -36.45 21.73
C PHE A 422 7.57 -36.09 20.53
N ILE A 423 7.39 -34.86 20.04
CA ILE A 423 8.34 -34.21 19.15
C ILE A 423 8.88 -33.00 19.92
N VAL A 424 10.21 -32.84 19.86
CA VAL A 424 10.88 -31.69 20.43
C VAL A 424 11.63 -30.97 19.32
N ASP A 425 11.29 -29.71 19.09
CA ASP A 425 11.83 -28.94 17.97
C ASP A 425 12.69 -27.84 18.63
N VAL A 426 13.99 -27.83 18.35
CA VAL A 426 14.88 -26.82 18.90
C VAL A 426 15.17 -25.78 17.81
N ILE A 427 14.94 -24.51 18.08
CA ILE A 427 15.13 -23.47 17.09
C ILE A 427 16.17 -22.49 17.55
N ASN A 428 17.21 -22.29 16.75
CA ASN A 428 18.23 -21.27 17.03
C ASN A 428 17.83 -19.96 16.38
N MET A 429 17.62 -18.92 17.19
CA MET A 429 17.27 -17.59 16.69
C MET A 429 18.52 -16.74 16.91
N ASP A 430 19.00 -16.09 15.87
CA ASP A 430 20.11 -15.18 15.98
C ASP A 430 20.03 -14.03 14.94
N TYR A 431 21.04 -13.15 14.98
CA TYR A 431 21.18 -12.07 14.01
C TYR A 431 22.07 -12.43 12.80
N GLY A 432 22.19 -13.71 12.48
CA GLY A 432 22.83 -14.21 11.27
C GLY A 432 24.25 -14.67 11.48
N MET A 433 24.85 -14.42 12.63
CA MET A 433 26.25 -14.77 12.84
C MET A 433 26.43 -15.36 14.24
N GLN A 434 25.63 -16.37 14.55
CA GLN A 434 25.53 -17.04 15.82
C GLN A 434 25.54 -16.05 16.97
N GLU A 435 26.51 -16.08 17.87
CA GLU A 435 26.55 -15.18 19.02
C GLU A 435 27.03 -13.71 18.68
N LYS A 436 27.54 -13.46 17.48
CA LYS A 436 28.15 -12.18 17.19
C LYS A 436 27.12 -11.10 16.76
N ASN A 437 27.43 -9.87 17.11
CA ASN A 437 26.73 -8.68 16.65
C ASN A 437 27.21 -8.41 15.19
N PRO A 438 26.34 -8.61 14.19
CA PRO A 438 26.79 -8.40 12.83
C PRO A 438 27.16 -6.94 12.48
N ILE A 439 26.66 -5.96 13.26
CA ILE A 439 27.02 -4.55 13.08
C ILE A 439 28.46 -4.25 13.41
N ASP A 440 29.09 -5.07 14.25
CA ASP A 440 30.53 -4.98 14.46
C ASP A 440 31.34 -5.31 13.21
N HIS A 441 30.74 -5.92 12.21
CA HIS A 441 31.39 -6.24 10.93
C HIS A 441 30.92 -5.36 9.76
N VAL A 442 30.35 -4.21 10.10
CA VAL A 442 29.89 -3.25 9.10
C VAL A 442 30.83 -2.07 9.18
N SER A 443 31.18 -1.53 8.02
CA SER A 443 31.95 -0.31 7.93
C SER A 443 31.07 0.89 7.57
N PHE A 444 31.39 2.05 8.13
CA PHE A 444 30.66 3.27 7.98
C PHE A 444 31.52 4.44 7.47
N TYR A 445 30.87 5.45 6.90
CA TYR A 445 31.56 6.69 6.55
C TYR A 445 30.74 7.88 7.04
N CYS A 446 31.38 9.01 7.23
CA CYS A 446 30.79 10.27 7.68
C CYS A 446 30.68 11.21 6.56
N LYS A 447 29.79 12.18 6.77
CA LYS A 447 29.51 13.22 5.82
C LYS A 447 30.75 14.06 5.50
N THR A 448 31.52 14.38 6.53
CA THR A 448 32.71 15.21 6.33
C THR A 448 33.91 14.53 5.69
N ALA A 449 33.96 13.20 5.65
CA ALA A 449 35.08 12.46 5.00
C ALA A 449 34.60 11.15 4.37
N PRO A 450 33.92 11.27 3.21
CA PRO A 450 33.23 10.11 2.69
C PRO A 450 34.09 8.93 2.22
N ASN A 451 35.39 9.11 2.04
CA ASN A 451 36.27 7.97 1.70
C ASN A 451 36.95 7.36 2.91
N ARG A 452 36.67 7.86 4.11
CA ARG A 452 37.27 7.30 5.29
C ARG A 452 36.29 6.40 6.08
N ALA A 453 36.67 5.12 6.15
CA ALA A 453 35.87 4.08 6.75
C ALA A 453 36.05 4.07 8.24
N ILE A 454 34.98 3.89 9.01
CA ILE A 454 35.06 3.86 10.46
C ILE A 454 34.23 2.74 10.99
N ARG A 455 34.40 2.48 12.28
CA ARG A 455 33.65 1.53 13.05
C ARG A 455 32.79 2.28 14.05
N ILE A 456 31.66 1.69 14.35
CA ILE A 456 30.74 2.21 15.34
C ILE A 456 30.39 1.04 16.28
N THR A 457 30.59 1.21 17.59
CA THR A 457 30.26 0.17 18.56
C THR A 457 28.83 0.30 19.07
N LYS A 458 28.36 -0.77 19.70
CA LYS A 458 26.97 -0.81 20.20
C LYS A 458 26.66 0.29 21.26
N ASN A 459 27.64 0.61 22.08
CA ASN A 459 27.52 1.68 23.05
C ASN A 459 27.41 3.10 22.46
N GLN A 460 27.92 3.28 21.23
CA GLN A 460 27.83 4.56 20.53
C GLN A 460 26.44 4.76 19.92
N VAL A 461 25.58 3.75 19.88
CA VAL A 461 24.30 3.87 19.20
C VAL A 461 23.19 4.03 20.24
N SER A 462 23.10 3.09 21.18
CA SER A 462 21.93 3.03 22.06
C SER A 462 22.05 1.98 23.14
N GLN A 463 21.50 2.30 24.29
CA GLN A 463 21.38 1.37 25.39
C GLN A 463 20.14 0.50 25.32
N LEU A 464 19.23 0.76 24.38
CA LEU A 464 17.99 -0.01 24.24
C LEU A 464 18.14 -1.19 23.27
N LEU A 465 19.34 -1.46 22.78
CA LEU A 465 19.56 -2.55 21.84
C LEU A 465 19.68 -3.87 22.60
N PRO A 466 19.51 -5.00 21.90
CA PRO A 466 19.73 -6.33 22.58
C PRO A 466 21.10 -6.51 23.26
N GLU A 467 21.15 -7.21 24.39
CA GLU A 467 22.47 -7.55 25.01
C GLU A 467 23.07 -8.82 24.46
N LYS A 468 22.24 -9.73 23.96
CA LYS A 468 22.71 -10.93 23.26
C LYS A 468 22.10 -10.94 21.85
N PHE A 469 22.74 -11.69 20.99
CA PHE A 469 22.42 -11.80 19.60
C PHE A 469 22.04 -13.21 19.19
N ALA A 470 21.97 -14.16 20.14
CA ALA A 470 21.51 -15.51 19.86
C ALA A 470 20.69 -16.10 21.02
N GLU A 471 19.77 -17.00 20.73
CA GLU A 471 19.03 -17.74 21.76
C GLU A 471 18.37 -18.96 21.16
N GLN A 472 17.86 -19.83 22.03
CA GLN A 472 17.14 -20.99 21.61
C GLN A 472 15.72 -21.10 22.11
N LEU A 473 14.83 -21.59 21.24
CA LEU A 473 13.46 -21.92 21.58
C LEU A 473 13.31 -23.40 21.52
N ILE A 474 12.57 -23.96 22.48
CA ILE A 474 12.23 -25.38 22.49
C ILE A 474 10.72 -25.52 22.47
N ARG A 475 10.18 -26.08 21.41
CA ARG A 475 8.75 -26.35 21.30
C ARG A 475 8.56 -27.84 21.45
N VAL A 476 7.51 -28.21 22.18
CA VAL A 476 7.18 -29.60 22.36
C VAL A 476 5.80 -29.85 21.77
N TYR A 477 5.67 -30.95 21.04
CA TYR A 477 4.40 -31.37 20.48
C TYR A 477 4.09 -32.81 20.88
N CYS A 478 2.83 -33.18 20.77
CA CYS A 478 2.38 -34.54 21.10
C CYS A 478 1.72 -35.18 19.90
N LYS A 479 2.13 -36.40 19.52
CA LYS A 479 1.48 -37.13 18.39
C LYS A 479 0.13 -37.76 18.74
N LYS A 480 -0.21 -37.85 20.02
CA LYS A 480 -1.51 -38.37 20.46
C LYS A 480 -2.39 -37.14 20.72
N VAL A 481 -3.50 -37.06 20.01
CA VAL A 481 -4.29 -35.81 19.91
C VAL A 481 -5.54 -35.76 20.80
N ASP A 482 -5.91 -36.87 21.39
CA ASP A 482 -7.10 -36.93 22.26
C ASP A 482 -6.92 -36.11 23.53
N ARG A 483 -8.03 -35.79 24.18
CA ARG A 483 -8.06 -34.82 25.27
C ARG A 483 -7.21 -35.30 26.48
N LYS A 484 -7.25 -36.60 26.78
CA LYS A 484 -6.52 -37.14 27.92
C LYS A 484 -5.03 -37.18 27.67
N SER A 485 -4.61 -37.58 26.46
CA SER A 485 -3.18 -37.54 26.10
C SER A 485 -2.59 -36.13 26.15
N LEU A 486 -3.35 -35.16 25.66
CA LEU A 486 -2.90 -33.76 25.62
C LEU A 486 -2.79 -33.21 27.05
N TYR A 487 -3.70 -33.59 27.95
CA TYR A 487 -3.62 -33.17 29.34
C TYR A 487 -2.36 -33.73 29.97
N ALA A 488 -2.10 -35.01 29.71
CA ALA A 488 -0.92 -35.68 30.23
C ALA A 488 0.36 -35.06 29.67
N ALA A 489 0.38 -34.81 28.38
CA ALA A 489 1.52 -34.20 27.69
C ALA A 489 1.91 -32.86 28.32
N ARG A 490 0.94 -32.05 28.71
CA ARG A 490 1.20 -30.80 29.42
C ARG A 490 1.81 -30.98 30.81
N GLN A 491 1.43 -32.02 31.52
CA GLN A 491 1.99 -32.29 32.83
C GLN A 491 3.46 -32.73 32.72
N TYR A 492 3.75 -33.67 31.82
CA TYR A 492 5.12 -34.09 31.52
C TYR A 492 5.95 -32.88 31.10
N PHE A 493 5.43 -32.11 30.16
CA PHE A 493 6.15 -30.94 29.63
C PHE A 493 6.55 -29.94 30.71
N VAL A 494 5.61 -29.56 31.56
CA VAL A 494 5.85 -28.54 32.54
C VAL A 494 6.79 -29.05 33.59
N GLN A 495 6.62 -30.32 33.95
CA GLN A 495 7.50 -30.96 34.93
C GLN A 495 8.93 -30.99 34.38
N TRP A 496 9.08 -31.33 33.10
CA TRP A 496 10.38 -31.34 32.47
C TRP A 496 11.02 -29.96 32.50
N CYS A 497 10.24 -28.92 32.18
CA CYS A 497 10.74 -27.55 32.27
C CYS A 497 11.25 -27.24 33.70
N ALA A 498 10.50 -27.66 34.72
CA ALA A 498 10.92 -27.47 36.11
C ALA A 498 12.22 -28.25 36.45
N ASP A 499 12.27 -29.53 36.07
CA ASP A 499 13.47 -30.39 36.27
C ASP A 499 14.73 -29.81 35.62
N ARG A 500 14.58 -29.27 34.41
CA ARG A 500 15.70 -28.74 33.64
C ARG A 500 16.05 -27.27 33.95
N ASN A 501 15.30 -26.60 34.86
CA ASN A 501 15.42 -25.13 35.09
C ASN A 501 15.26 -24.26 33.83
N PHE A 502 14.41 -24.71 32.91
CA PHE A 502 14.01 -23.92 31.79
C PHE A 502 12.99 -22.84 32.20
N THR A 503 12.72 -21.92 31.29
CA THR A 503 11.76 -20.85 31.61
C THR A 503 10.33 -21.39 31.78
N LYS A 504 9.59 -20.74 32.69
CA LYS A 504 8.22 -21.11 32.94
C LYS A 504 7.40 -20.84 31.69
N PRO A 505 6.75 -21.87 31.15
CA PRO A 505 5.93 -21.57 29.97
C PRO A 505 4.87 -20.52 30.31
N GLN A 506 4.59 -19.66 29.36
CA GLN A 506 3.66 -18.55 29.53
C GLN A 506 2.29 -18.94 30.12
N ASP A 507 1.76 -20.10 29.73
CA ASP A 507 0.49 -20.61 30.23
C ASP A 507 0.67 -21.71 31.24
N GLY A 508 1.86 -21.82 31.83
CA GLY A 508 2.17 -22.88 32.80
C GLY A 508 1.16 -23.04 33.91
N ASP A 509 0.73 -21.91 34.44
CA ASP A 509 -0.25 -21.94 35.55
C ASP A 509 -1.66 -22.38 35.18
N VAL A 510 -1.98 -22.28 33.91
CA VAL A 510 -3.28 -22.67 33.41
C VAL A 510 -3.30 -24.15 32.97
N ILE A 511 -2.30 -24.57 32.18
CA ILE A 511 -2.19 -25.94 31.68
C ILE A 511 -1.69 -26.97 32.71
N ALA A 512 -0.96 -26.53 33.74
CA ALA A 512 -0.50 -27.45 34.79
C ALA A 512 -0.49 -26.79 36.19
N PRO A 513 -1.69 -26.44 36.70
CA PRO A 513 -1.79 -25.73 38.01
C PRO A 513 -1.22 -26.51 39.20
N LEU A 514 -1.16 -27.81 39.10
CA LEU A 514 -0.69 -28.67 40.17
C LEU A 514 0.86 -28.84 40.16
N ILE A 515 1.51 -28.50 39.03
CA ILE A 515 2.95 -28.68 38.83
C ILE A 515 3.74 -27.40 39.10
N THR A 516 3.22 -26.24 38.68
CA THR A 516 3.99 -24.98 38.82
C THR A 516 4.24 -24.44 40.26
N PRO A 517 3.42 -24.82 41.28
CA PRO A 517 3.77 -24.41 42.67
C PRO A 517 5.08 -24.99 43.26
N GLN A 518 5.49 -26.22 42.89
CA GLN A 518 6.78 -26.83 43.32
C GLN A 518 8.07 -26.03 42.97
N LYS A 519 7.97 -25.15 41.98
CA LYS A 519 9.12 -24.37 41.52
C LYS A 519 9.08 -22.95 42.10
N LYS A 520 9.87 -22.71 43.14
CA LYS A 520 9.86 -21.45 43.90
C LYS A 520 10.03 -20.15 43.06
N GLU A 521 10.94 -20.20 42.07
CA GLU A 521 11.27 -19.05 41.22
C GLU A 521 10.14 -18.70 40.24
N TRP A 522 9.11 -19.53 40.07
CA TRP A 522 8.02 -19.26 39.18
C TRP A 522 6.92 -18.38 39.77
N ASP B 37 29.02 21.74 -2.13
CA ASP B 37 27.59 21.32 -2.14
C ASP B 37 27.36 20.11 -3.05
N THR B 38 26.60 19.10 -2.58
CA THR B 38 26.34 17.85 -3.38
C THR B 38 24.84 17.52 -3.27
N MET B 39 24.43 16.29 -3.61
CA MET B 39 23.01 15.91 -3.62
C MET B 39 22.38 15.87 -2.22
N LYS B 40 21.31 16.60 -2.01
CA LYS B 40 20.36 16.27 -0.97
C LYS B 40 19.44 15.12 -1.36
N VAL B 41 19.12 14.32 -0.39
CA VAL B 41 18.09 13.31 -0.50
C VAL B 41 16.90 13.77 0.33
N ILE B 42 15.71 13.64 -0.23
CA ILE B 42 14.48 14.00 0.45
C ILE B 42 13.55 12.81 0.41
N ASN B 43 12.89 12.50 1.52
CA ASN B 43 11.99 11.33 1.55
C ASN B 43 10.58 11.79 1.34
N ASP B 44 10.00 11.37 0.24
CA ASP B 44 8.64 11.70 -0.15
C ASP B 44 7.83 10.41 -0.08
N PRO B 45 6.66 10.41 0.58
CA PRO B 45 5.83 9.18 0.63
C PRO B 45 5.38 8.70 -0.71
N ILE B 46 5.32 9.49 -1.75
CA ILE B 46 4.87 8.97 -3.04
C ILE B 46 6.02 8.39 -3.84
N HIS B 47 7.12 9.10 -3.95
CA HIS B 47 8.21 8.66 -4.78
C HIS B 47 9.35 8.06 -4.04
N GLY B 48 9.36 8.02 -2.70
CA GLY B 48 10.52 7.49 -1.99
C GLY B 48 11.64 8.52 -1.89
N HIS B 49 12.88 8.06 -1.89
CA HIS B 49 14.02 8.93 -1.68
C HIS B 49 14.41 9.53 -3.02
N ILE B 50 14.27 10.84 -3.12
CA ILE B 50 14.42 11.64 -4.32
C ILE B 50 15.79 12.38 -4.15
N GLU B 51 16.62 12.42 -5.18
CA GLU B 51 17.87 13.20 -5.15
C GLU B 51 17.71 14.60 -5.69
N LEU B 52 18.15 15.62 -4.98
CA LEU B 52 18.08 17.00 -5.48
C LEU B 52 19.43 17.60 -5.72
N HIS B 53 19.66 17.97 -6.97
CA HIS B 53 20.93 18.62 -7.39
C HIS B 53 21.06 19.97 -6.65
N PRO B 54 22.28 20.38 -6.31
CA PRO B 54 22.37 21.59 -5.47
C PRO B 54 21.76 22.89 -6.01
N LEU B 55 21.64 23.03 -7.33
CA LEU B 55 21.00 24.17 -7.94
C LEU B 55 19.52 24.13 -7.60
N LEU B 56 18.89 22.96 -7.69
CA LEU B 56 17.48 22.82 -7.29
C LEU B 56 17.27 23.19 -5.85
N VAL B 57 18.22 22.81 -5.00
CA VAL B 57 18.14 23.13 -3.57
C VAL B 57 18.16 24.64 -3.38
N ARG B 58 19.03 25.31 -4.12
CA ARG B 58 19.11 26.76 -4.05
C ARG B 58 17.75 27.40 -4.51
N ILE B 59 17.10 26.83 -5.51
CA ILE B 59 15.80 27.36 -5.94
C ILE B 59 14.71 27.07 -4.87
N ILE B 60 14.78 25.92 -4.25
CA ILE B 60 13.80 25.52 -3.27
C ILE B 60 13.88 26.32 -1.95
N ASP B 61 15.10 26.66 -1.54
CA ASP B 61 15.34 27.43 -0.34
C ASP B 61 15.22 28.94 -0.48
N THR B 62 14.07 29.36 -1.00
CA THR B 62 13.72 30.74 -1.16
C THR B 62 12.31 30.97 -0.64
N PRO B 63 12.02 32.19 -0.18
CA PRO B 63 10.60 32.50 0.21
C PRO B 63 9.58 32.27 -0.94
N GLN B 64 9.99 32.37 -2.20
CA GLN B 64 9.06 32.26 -3.31
C GLN B 64 8.63 30.84 -3.52
N PHE B 65 9.54 29.88 -3.28
CA PHE B 65 9.19 28.48 -3.38
C PHE B 65 8.56 27.96 -2.08
N GLN B 66 9.11 28.37 -0.95
CA GLN B 66 8.65 27.86 0.34
C GLN B 66 7.21 28.27 0.66
N ARG B 67 6.78 29.39 0.13
CA ARG B 67 5.41 29.82 0.11
C ARG B 67 4.41 28.72 -0.27
N LEU B 68 4.80 27.80 -1.17
CA LEU B 68 3.92 26.71 -1.54
C LEU B 68 3.59 25.71 -0.45
N ARG B 69 4.34 25.74 0.62
CA ARG B 69 3.95 25.02 1.83
C ARG B 69 2.67 25.52 2.41
N TYR B 70 2.20 26.71 2.05
CA TYR B 70 1.00 27.26 2.70
C TYR B 70 -0.19 27.41 1.74
N ILE B 71 -0.21 26.61 0.66
CA ILE B 71 -1.27 26.55 -0.28
C ILE B 71 -1.72 25.12 -0.50
N LYS B 72 -2.94 24.79 -0.06
CA LYS B 72 -3.40 23.44 -0.15
C LYS B 72 -3.62 23.06 -1.59
N GLN B 73 -3.15 21.87 -1.97
CA GLN B 73 -3.34 21.33 -3.30
C GLN B 73 -4.79 21.35 -3.75
N LEU B 74 -5.68 20.92 -2.89
CA LEU B 74 -7.07 20.71 -3.27
C LEU B 74 -8.02 21.79 -2.73
N GLY B 75 -7.50 22.87 -2.14
CA GLY B 75 -8.34 23.90 -1.62
C GLY B 75 -9.40 23.44 -0.63
N GLY B 76 -10.66 23.74 -0.91
CA GLY B 76 -11.78 23.31 -0.09
C GLY B 76 -12.04 21.81 -0.03
N GLY B 77 -11.42 21.03 -0.94
CA GLY B 77 -11.44 19.62 -0.82
C GLY B 77 -11.02 19.06 0.54
N TYR B 78 -10.14 19.76 1.25
CA TYR B 78 -9.72 19.35 2.60
C TYR B 78 -10.90 19.37 3.55
N TYR B 79 -11.90 20.16 3.25
CA TYR B 79 -13.07 20.29 4.10
C TYR B 79 -14.08 19.17 3.86
N VAL B 80 -13.77 18.27 2.90
CA VAL B 80 -14.57 17.12 2.59
C VAL B 80 -13.81 15.82 2.76
N PHE B 81 -12.56 15.80 2.31
CA PHE B 81 -11.66 14.65 2.42
C PHE B 81 -10.58 15.04 3.44
N PRO B 82 -10.71 14.62 4.68
CA PRO B 82 -9.79 15.10 5.72
C PRO B 82 -8.33 14.60 5.54
N GLY B 83 -8.08 13.62 4.72
CA GLY B 83 -6.75 13.27 4.37
C GLY B 83 -6.03 14.30 3.43
N ALA B 84 -6.79 15.17 2.77
CA ALA B 84 -6.29 16.04 1.74
C ALA B 84 -5.71 17.34 2.30
N SER B 85 -4.76 17.18 3.20
CA SER B 85 -4.05 18.28 3.82
C SER B 85 -2.77 18.68 3.03
N HIS B 86 -2.42 17.95 2.00
CA HIS B 86 -1.20 18.19 1.25
C HIS B 86 -1.21 19.54 0.52
N ASN B 87 -0.01 20.10 0.41
CA ASN B 87 0.23 21.41 -0.16
C ASN B 87 0.97 21.34 -1.46
N ARG B 88 0.95 22.47 -2.17
CA ARG B 88 1.61 22.57 -3.48
C ARG B 88 3.10 22.32 -3.44
N PHE B 89 3.76 22.58 -2.31
CA PHE B 89 5.21 22.40 -2.14
C PHE B 89 5.66 20.96 -2.50
N GLU B 90 5.06 19.99 -1.84
CA GLU B 90 5.41 18.60 -2.06
C GLU B 90 4.98 18.10 -3.41
N HIS B 91 3.85 18.59 -3.94
CA HIS B 91 3.48 18.24 -5.30
C HIS B 91 4.57 18.72 -6.23
N SER B 92 5.11 19.92 -6.02
CA SER B 92 6.12 20.48 -6.91
C SER B 92 7.42 19.72 -6.92
N LEU B 93 7.89 19.28 -5.75
CA LEU B 93 9.07 18.39 -5.67
C LEU B 93 8.84 17.14 -6.49
N GLY B 94 7.64 16.58 -6.42
CA GLY B 94 7.31 15.40 -7.16
C GLY B 94 7.29 15.62 -8.66
N VAL B 95 6.79 16.76 -9.11
CA VAL B 95 6.79 17.08 -10.58
C VAL B 95 8.20 17.25 -11.08
N GLY B 96 9.03 17.91 -10.31
CA GLY B 96 10.47 18.05 -10.60
C GLY B 96 11.19 16.72 -10.68
N TYR B 97 10.94 15.87 -9.71
CA TYR B 97 11.50 14.52 -9.76
C TYR B 97 11.01 13.75 -11.03
N LEU B 98 9.71 13.71 -11.30
CA LEU B 98 9.22 12.94 -12.44
C LEU B 98 9.67 13.52 -13.78
N ALA B 99 9.77 14.83 -13.87
CA ALA B 99 10.33 15.42 -15.06
C ALA B 99 11.74 14.93 -15.34
N GLY B 100 12.54 14.86 -14.27
CA GLY B 100 13.89 14.28 -14.33
C GLY B 100 13.89 12.82 -14.69
N CYS B 101 12.98 12.00 -14.15
CA CYS B 101 12.91 10.57 -14.52
C CYS B 101 12.64 10.41 -15.99
N LEU B 102 11.71 11.15 -16.56
CA LEU B 102 11.38 10.93 -17.96
C LEU B 102 12.52 11.37 -18.86
N VAL B 103 13.10 12.54 -18.63
CA VAL B 103 14.18 13.01 -19.47
C VAL B 103 15.42 12.12 -19.36
N HIS B 104 15.75 11.65 -18.15
CA HIS B 104 16.86 10.64 -17.97
C HIS B 104 16.58 9.35 -18.72
N ALA B 105 15.37 8.83 -18.59
CA ALA B 105 15.00 7.60 -19.31
C ALA B 105 15.17 7.69 -20.86
N LEU B 106 14.74 8.83 -21.43
CA LEU B 106 14.82 9.03 -22.86
C LEU B 106 16.31 9.09 -23.26
N GLY B 107 17.13 9.79 -22.45
CA GLY B 107 18.57 9.96 -22.68
C GLY B 107 19.38 8.69 -22.61
N GLU B 108 19.11 7.83 -21.64
CA GLU B 108 19.74 6.53 -21.55
C GLU B 108 19.37 5.58 -22.68
N LYS B 109 18.10 5.47 -23.06
CA LYS B 109 17.69 4.62 -24.17
C LYS B 109 18.13 5.16 -25.54
N GLN B 110 18.18 6.48 -25.72
CA GLN B 110 18.47 7.10 -27.03
C GLN B 110 19.58 8.19 -26.91
N PRO B 111 20.86 7.76 -26.75
CA PRO B 111 22.01 8.70 -26.75
C PRO B 111 22.06 9.62 -27.98
N GLU B 112 21.51 9.17 -29.09
CA GLU B 112 21.53 9.97 -30.33
C GLU B 112 20.66 11.24 -30.27
N LEU B 113 19.82 11.39 -29.24
CA LEU B 113 19.08 12.64 -29.02
C LEU B 113 19.94 13.74 -28.45
N GLN B 114 21.09 13.39 -27.87
CA GLN B 114 22.07 14.36 -27.32
C GLN B 114 21.49 15.19 -26.21
N ILE B 115 20.76 14.52 -25.32
CA ILE B 115 20.24 15.17 -24.15
C ILE B 115 21.44 15.46 -23.22
N SER B 116 21.69 16.74 -22.95
CA SER B 116 22.78 17.17 -22.07
C SER B 116 22.30 17.33 -20.63
N GLU B 117 23.26 17.45 -19.72
CA GLU B 117 23.05 17.70 -18.30
C GLU B 117 22.36 19.01 -18.06
N ARG B 118 22.71 19.99 -18.86
CA ARG B 118 21.99 21.22 -18.94
C ARG B 118 20.47 21.08 -19.28
N ASP B 119 20.14 20.26 -20.29
CA ASP B 119 18.74 19.99 -20.62
C ASP B 119 17.99 19.36 -19.43
N VAL B 120 18.62 18.37 -18.80
CA VAL B 120 18.06 17.69 -17.65
C VAL B 120 17.74 18.70 -16.53
N LEU B 121 18.67 19.58 -16.19
CA LEU B 121 18.44 20.54 -15.15
C LEU B 121 17.36 21.51 -15.48
N CYS B 122 17.33 22.02 -16.72
CA CYS B 122 16.29 22.92 -17.14
C CYS B 122 14.90 22.28 -17.10
N VAL B 123 14.79 21.01 -17.47
CA VAL B 123 13.54 20.29 -17.40
C VAL B 123 13.15 20.06 -15.96
N GLN B 124 14.09 19.70 -15.09
CA GLN B 124 13.76 19.55 -13.64
C GLN B 124 13.32 20.88 -13.05
N ILE B 125 13.99 21.96 -13.40
CA ILE B 125 13.63 23.28 -12.82
C ILE B 125 12.25 23.69 -13.28
N ALA B 126 11.92 23.48 -14.56
CA ALA B 126 10.59 23.79 -15.02
C ALA B 126 9.54 22.94 -14.31
N GLY B 127 9.82 21.69 -14.10
CA GLY B 127 8.97 20.84 -13.32
C GLY B 127 8.75 21.31 -11.92
N LEU B 128 9.82 21.71 -11.25
CA LEU B 128 9.75 22.26 -9.88
C LEU B 128 8.93 23.52 -9.79
N CYS B 129 9.02 24.36 -10.81
CA CYS B 129 8.52 25.69 -10.75
C CYS B 129 7.16 25.90 -11.45
N ARG B 130 6.57 24.86 -12.05
CA ARG B 130 5.33 25.12 -12.70
C ARG B 130 4.13 25.45 -11.85
N ASN B 131 4.19 25.12 -10.57
CA ASN B 131 3.14 25.49 -9.61
C ASN B 131 3.42 26.80 -8.81
N LEU B 132 4.47 27.58 -9.13
CA LEU B 132 4.80 28.75 -8.32
C LEU B 132 3.72 29.78 -8.30
N GLY B 133 2.91 29.84 -9.34
CA GLY B 133 1.95 30.93 -9.48
C GLY B 133 0.61 30.68 -8.85
N HIS B 134 0.42 29.50 -8.22
CA HIS B 134 -0.84 29.25 -7.56
C HIS B 134 -1.09 30.21 -6.41
N GLY B 135 -2.38 30.48 -6.22
CA GLY B 135 -2.85 31.35 -5.15
C GLY B 135 -3.54 30.60 -4.06
N PRO B 136 -4.04 31.30 -3.07
CA PRO B 136 -4.77 30.69 -1.98
C PRO B 136 -5.82 29.66 -2.43
N PHE B 137 -5.77 28.45 -1.89
CA PHE B 137 -6.70 27.38 -2.22
C PHE B 137 -6.62 26.91 -3.67
N SER B 138 -5.46 27.14 -4.32
CA SER B 138 -5.19 26.64 -5.63
C SER B 138 -6.30 27.03 -6.62
N HIS B 139 -7.02 26.09 -7.19
CA HIS B 139 -7.97 26.40 -8.28
C HIS B 139 -9.08 27.35 -7.90
N MET B 140 -9.41 27.45 -6.62
CA MET B 140 -10.31 28.48 -6.19
C MET B 140 -9.90 29.92 -6.61
N PHE B 141 -8.61 30.22 -6.49
CA PHE B 141 -8.10 31.54 -6.71
C PHE B 141 -8.12 31.96 -8.17
N ASP B 142 -7.66 31.10 -9.07
CA ASP B 142 -7.74 31.48 -10.51
C ASP B 142 -8.98 31.01 -11.23
N GLY B 143 -9.66 30.01 -10.69
CA GLY B 143 -10.96 29.51 -11.23
C GLY B 143 -12.20 30.26 -10.81
N ARG B 144 -12.22 30.83 -9.60
CA ARG B 144 -13.41 31.55 -9.07
C ARG B 144 -13.15 32.98 -8.69
N PHE B 145 -12.15 33.23 -7.86
CA PHE B 145 -11.93 34.55 -7.26
C PHE B 145 -11.47 35.61 -8.26
N ILE B 146 -10.36 35.41 -8.90
CA ILE B 146 -9.86 36.35 -9.89
C ILE B 146 -10.84 36.70 -11.02
N PRO B 147 -11.42 35.74 -11.73
CA PRO B 147 -12.50 36.08 -12.71
C PRO B 147 -13.63 37.00 -12.17
N LEU B 148 -14.04 36.84 -10.89
CA LEU B 148 -15.06 37.71 -10.34
C LEU B 148 -14.55 39.05 -9.82
N ALA B 149 -13.35 39.06 -9.25
CA ALA B 149 -12.77 40.30 -8.67
C ALA B 149 -12.11 41.19 -9.70
N ARG B 150 -11.50 40.59 -10.71
CA ARG B 150 -10.81 41.27 -11.82
C ARG B 150 -11.29 40.76 -13.18
N PRO B 151 -12.59 40.95 -13.50
CA PRO B 151 -13.18 40.40 -14.76
C PRO B 151 -12.50 40.91 -16.05
N GLU B 152 -11.89 42.10 -16.00
CA GLU B 152 -11.15 42.70 -17.11
C GLU B 152 -9.80 42.02 -17.47
N VAL B 153 -9.16 41.31 -16.56
CA VAL B 153 -7.83 40.72 -16.85
C VAL B 153 -8.02 39.26 -17.21
N LYS B 154 -7.00 38.63 -17.80
CA LYS B 154 -7.03 37.18 -18.11
C LYS B 154 -5.82 36.66 -17.42
N TRP B 155 -6.02 36.11 -16.24
CA TRP B 155 -4.90 35.67 -15.39
C TRP B 155 -4.98 34.15 -15.32
N THR B 156 -3.83 33.50 -15.39
CA THR B 156 -3.74 32.05 -15.13
C THR B 156 -2.64 31.79 -14.11
N HIS B 157 -2.72 30.67 -13.42
CA HIS B 157 -1.62 30.26 -12.52
C HIS B 157 -0.28 30.07 -13.33
N GLU B 158 -0.36 29.61 -14.55
CA GLU B 158 0.79 29.56 -15.46
C GLU B 158 1.54 30.88 -15.64
N GLN B 159 0.82 31.95 -15.98
CA GLN B 159 1.43 33.25 -16.13
C GLN B 159 2.00 33.66 -14.77
N GLY B 160 1.27 33.38 -13.71
CA GLY B 160 1.78 33.63 -12.38
C GLY B 160 3.08 32.92 -12.06
N SER B 161 3.20 31.67 -12.50
CA SER B 161 4.42 30.92 -12.28
C SER B 161 5.62 31.56 -12.99
N VAL B 162 5.43 32.06 -14.18
CA VAL B 162 6.49 32.68 -14.93
C VAL B 162 6.93 33.96 -14.22
N MET B 163 5.99 34.77 -13.79
CA MET B 163 6.29 35.99 -13.05
C MET B 163 6.95 35.68 -11.69
N MET B 164 6.44 34.68 -11.00
CA MET B 164 7.03 34.31 -9.72
C MET B 164 8.44 33.72 -9.90
N PHE B 165 8.68 33.03 -11.00
CA PHE B 165 9.99 32.48 -11.27
C PHE B 165 11.02 33.57 -11.53
N GLU B 166 10.65 34.53 -12.35
CA GLU B 166 11.49 35.70 -12.61
C GLU B 166 11.86 36.41 -11.29
N HIS B 167 10.88 36.70 -10.48
CA HIS B 167 11.12 37.29 -9.19
C HIS B 167 12.02 36.40 -8.28
N LEU B 168 11.79 35.10 -8.29
CA LEU B 168 12.62 34.14 -7.54
C LEU B 168 14.09 34.23 -8.00
N ILE B 169 14.30 34.25 -9.32
CA ILE B 169 15.64 34.29 -9.88
C ILE B 169 16.35 35.58 -9.45
N ASN B 170 15.69 36.71 -9.65
CA ASN B 170 16.31 38.00 -9.45
C ASN B 170 16.48 38.38 -7.99
N SER B 171 15.56 38.01 -7.13
CA SER B 171 15.69 38.29 -5.68
C SER B 171 16.69 37.43 -4.96
N ASN B 172 17.09 36.28 -5.50
CA ASN B 172 17.91 35.33 -4.73
C ASN B 172 19.28 35.04 -5.36
N GLY B 173 19.70 35.82 -6.36
CA GLY B 173 21.00 35.63 -6.99
C GLY B 173 21.21 34.26 -7.59
N ILE B 174 20.20 33.73 -8.25
CA ILE B 174 20.26 32.39 -8.84
C ILE B 174 21.04 32.31 -10.15
N LYS B 175 21.06 33.37 -10.94
CA LYS B 175 21.81 33.38 -12.20
C LYS B 175 23.30 32.98 -12.10
N PRO B 176 24.09 33.56 -11.15
CA PRO B 176 25.49 33.08 -10.96
C PRO B 176 25.56 31.60 -10.55
N VAL B 177 24.56 31.13 -9.83
CA VAL B 177 24.51 29.73 -9.42
C VAL B 177 24.20 28.85 -10.65
N MET B 178 23.27 29.27 -11.51
CA MET B 178 23.10 28.61 -12.79
C MET B 178 24.38 28.49 -13.60
N GLU B 179 25.12 29.55 -13.71
CA GLU B 179 26.39 29.56 -14.48
C GLU B 179 27.41 28.59 -13.90
N GLN B 180 27.52 28.56 -12.58
CA GLN B 180 28.37 27.60 -11.89
C GLN B 180 28.12 26.12 -12.33
N TYR B 181 26.87 25.76 -12.66
CA TYR B 181 26.55 24.40 -13.05
C TYR B 181 26.37 24.25 -14.54
N GLY B 182 26.90 25.16 -15.32
CA GLY B 182 26.89 25.05 -16.78
C GLY B 182 25.66 25.56 -17.52
N LEU B 183 24.66 26.07 -16.81
CA LEU B 183 23.52 26.71 -17.51
C LEU B 183 23.91 28.07 -18.12
N ILE B 184 23.26 28.41 -19.23
CA ILE B 184 23.40 29.73 -19.87
C ILE B 184 22.11 30.50 -19.59
N PRO B 185 22.10 31.35 -18.56
CA PRO B 185 20.90 31.95 -18.07
C PRO B 185 19.99 32.54 -19.13
N GLU B 186 20.51 33.31 -20.06
CA GLU B 186 19.60 33.92 -21.03
C GLU B 186 18.71 32.89 -21.76
N GLU B 187 19.35 31.90 -22.40
CA GLU B 187 18.66 30.86 -23.19
C GLU B 187 17.84 29.91 -22.27
N ASP B 188 18.45 29.48 -21.16
CA ASP B 188 17.86 28.49 -20.28
C ASP B 188 16.67 28.99 -19.46
N ILE B 189 16.74 30.21 -18.97
CA ILE B 189 15.59 30.86 -18.35
C ILE B 189 14.45 30.97 -19.33
N CYS B 190 14.73 31.32 -20.57
CA CYS B 190 13.70 31.36 -21.59
C CYS B 190 13.13 29.96 -21.82
N PHE B 191 13.99 28.96 -21.86
CA PHE B 191 13.54 27.60 -21.99
C PHE B 191 12.60 27.19 -20.86
N ILE B 192 12.98 27.52 -19.65
CA ILE B 192 12.23 27.12 -18.48
C ILE B 192 10.86 27.76 -18.52
N LYS B 193 10.79 29.04 -18.81
CA LYS B 193 9.54 29.75 -18.84
C LYS B 193 8.65 29.24 -19.97
N GLU B 194 9.25 28.94 -21.12
CA GLU B 194 8.50 28.36 -22.22
C GLU B 194 7.92 26.98 -21.93
N GLN B 195 8.58 26.18 -21.10
CA GLN B 195 8.07 24.89 -20.73
C GLN B 195 6.84 25.06 -19.85
N ILE B 196 6.73 26.16 -19.13
CA ILE B 196 5.62 26.36 -18.24
C ILE B 196 4.40 26.96 -18.97
N VAL B 197 4.65 27.92 -19.83
CA VAL B 197 3.58 28.74 -20.36
C VAL B 197 3.42 28.68 -21.89
N GLY B 198 4.32 28.01 -22.62
CA GLY B 198 4.29 27.96 -24.06
C GLY B 198 5.11 29.07 -24.65
N PRO B 199 5.01 29.28 -25.97
CA PRO B 199 5.88 30.21 -26.71
C PRO B 199 6.12 31.63 -26.15
N LEU B 208 6.19 26.73 -38.53
CA LEU B 208 7.33 27.66 -38.33
C LEU B 208 7.70 27.69 -36.79
N TRP B 209 8.89 27.19 -36.46
CA TRP B 209 9.25 26.85 -35.04
C TRP B 209 9.18 28.10 -34.09
N PRO B 210 8.18 28.10 -33.16
CA PRO B 210 7.87 29.29 -32.34
C PRO B 210 8.70 29.46 -31.05
N TYR B 211 9.52 28.49 -30.68
CA TYR B 211 10.21 28.53 -29.40
C TYR B 211 11.62 29.08 -29.58
N LYS B 212 12.11 29.80 -28.57
CA LYS B 212 13.46 30.35 -28.55
C LYS B 212 14.46 29.69 -27.61
N GLY B 213 13.99 29.00 -26.59
CA GLY B 213 14.89 28.44 -25.59
C GLY B 213 15.64 27.21 -26.02
N ARG B 214 15.08 26.47 -26.96
CA ARG B 214 15.73 25.34 -27.56
C ARG B 214 15.38 25.28 -29.02
N PRO B 215 16.29 24.78 -29.87
CA PRO B 215 15.98 24.58 -31.31
C PRO B 215 15.07 23.36 -31.52
N GLU B 216 14.57 23.21 -32.75
CA GLU B 216 13.65 22.12 -33.12
C GLU B 216 14.10 20.72 -32.85
N ASN B 217 15.40 20.47 -32.95
CA ASN B 217 15.91 19.11 -32.65
C ASN B 217 15.76 18.68 -31.17
N LYS B 218 15.42 19.60 -30.26
CA LYS B 218 15.07 19.25 -28.89
C LYS B 218 13.57 19.43 -28.58
N SER B 219 12.75 19.34 -29.60
CA SER B 219 11.31 19.64 -29.51
C SER B 219 10.57 18.76 -28.52
N PHE B 220 10.95 17.49 -28.47
CA PHE B 220 10.46 16.56 -27.46
C PHE B 220 10.54 17.02 -26.00
N LEU B 221 11.51 17.87 -25.66
CA LEU B 221 11.68 18.33 -24.31
C LEU B 221 10.51 19.17 -23.82
N TYR B 222 9.81 19.85 -24.73
CA TYR B 222 8.62 20.64 -24.42
C TYR B 222 7.37 19.88 -24.13
N GLU B 223 7.42 18.56 -24.25
CA GLU B 223 6.30 17.70 -23.95
C GLU B 223 6.36 17.07 -22.53
N ILE B 224 7.32 17.40 -21.69
CA ILE B 224 7.51 16.70 -20.45
C ILE B 224 6.72 17.33 -19.29
N VAL B 225 6.93 18.63 -19.08
CA VAL B 225 6.39 19.37 -17.95
C VAL B 225 4.97 19.83 -18.19
N SER B 226 4.71 20.35 -19.35
CA SER B 226 3.38 20.87 -19.68
C SER B 226 3.20 20.58 -21.14
N ASN B 227 2.40 19.58 -21.44
CA ASN B 227 2.21 19.09 -22.81
C ASN B 227 0.97 19.70 -23.42
N LYS B 228 1.18 20.68 -24.26
CA LYS B 228 0.04 21.41 -24.91
C LYS B 228 -0.55 20.60 -26.06
N ARG B 229 0.19 19.65 -26.63
CA ARG B 229 -0.32 18.85 -27.73
C ARG B 229 -1.43 17.88 -27.29
N ASN B 230 -1.27 17.18 -26.17
CA ASN B 230 -2.23 16.18 -25.74
C ASN B 230 -2.51 16.07 -24.24
N GLY B 231 -1.87 16.86 -23.41
CA GLY B 231 -2.11 16.78 -21.95
C GLY B 231 -1.39 15.70 -21.16
N ILE B 232 -0.55 14.89 -21.81
CA ILE B 232 0.11 13.83 -21.12
C ILE B 232 1.45 14.38 -20.64
N ASP B 233 1.51 14.67 -19.34
CA ASP B 233 2.70 15.23 -18.76
C ASP B 233 2.87 14.82 -17.29
N VAL B 234 4.05 15.15 -16.75
CA VAL B 234 4.42 14.64 -15.47
C VAL B 234 3.66 15.32 -14.31
N ASP B 235 3.10 16.51 -14.52
CA ASP B 235 2.33 17.16 -13.48
C ASP B 235 1.08 16.26 -13.11
N LYS B 236 0.37 15.74 -14.12
CA LYS B 236 -0.73 14.82 -13.88
C LYS B 236 -0.28 13.58 -13.16
N TRP B 237 0.83 13.04 -13.57
CA TRP B 237 1.30 11.83 -12.96
C TRP B 237 1.55 12.01 -11.47
N ASP B 238 2.12 13.12 -11.06
CA ASP B 238 2.34 13.29 -9.66
C ASP B 238 1.01 13.47 -8.91
N TYR B 239 0.11 14.32 -9.41
CA TYR B 239 -1.13 14.54 -8.64
C TYR B 239 -2.05 13.36 -8.64
N PHE B 240 -2.06 12.52 -9.68
CA PHE B 240 -2.81 11.27 -9.57
C PHE B 240 -2.37 10.46 -8.38
N ALA B 241 -1.08 10.26 -8.24
CA ALA B 241 -0.54 9.41 -7.18
C ALA B 241 -0.70 10.08 -5.85
N ARG B 242 -0.34 11.37 -5.79
CA ARG B 242 -0.36 12.07 -4.52
C ARG B 242 -1.78 12.33 -4.03
N ASP B 243 -2.68 12.84 -4.91
CA ASP B 243 -4.05 13.11 -4.46
C ASP B 243 -4.70 11.79 -4.00
N CYS B 244 -4.52 10.71 -4.74
CA CYS B 244 -5.07 9.44 -4.37
C CYS B 244 -4.58 8.92 -2.98
N HIS B 245 -3.29 9.01 -2.72
CA HIS B 245 -2.74 8.64 -1.44
C HIS B 245 -3.37 9.36 -0.26
N HIS B 246 -3.72 10.63 -0.45
CA HIS B 246 -4.27 11.49 0.58
C HIS B 246 -5.77 11.46 0.66
N LEU B 247 -6.44 11.25 -0.46
CA LEU B 247 -7.87 11.26 -0.48
C LEU B 247 -8.45 9.94 0.02
N GLY B 248 -7.72 8.83 -0.13
CA GLY B 248 -8.21 7.50 0.17
C GLY B 248 -9.01 6.91 -0.96
N ILE B 249 -8.62 7.19 -2.18
CA ILE B 249 -9.17 6.66 -3.39
C ILE B 249 -7.94 6.15 -4.11
N GLN B 250 -8.00 4.98 -4.69
CA GLN B 250 -6.84 4.30 -5.16
C GLN B 250 -6.65 4.68 -6.69
N ASN B 251 -5.35 4.89 -7.02
CA ASN B 251 -4.98 5.30 -8.39
C ASN B 251 -4.80 4.09 -9.30
N ASN B 252 -5.44 3.97 -10.45
CA ASN B 252 -5.01 2.85 -11.38
C ASN B 252 -4.13 3.22 -12.63
N PHE B 253 -3.53 4.39 -12.68
CA PHE B 253 -2.60 4.66 -13.76
C PHE B 253 -1.13 4.38 -13.35
N ASP B 254 -0.38 3.68 -14.21
CA ASP B 254 1.02 3.31 -13.90
C ASP B 254 1.98 4.15 -14.77
N TYR B 255 2.44 5.26 -14.22
CA TYR B 255 3.30 6.20 -14.88
C TYR B 255 4.65 5.57 -15.16
N LYS B 256 5.14 4.70 -14.28
CA LYS B 256 6.42 4.05 -14.50
C LYS B 256 6.39 3.15 -15.70
N ARG B 257 5.28 2.44 -15.90
CA ARG B 257 5.14 1.64 -17.06
C ARG B 257 5.21 2.54 -18.29
N PHE B 258 4.50 3.66 -18.26
CA PHE B 258 4.51 4.56 -19.38
C PHE B 258 5.96 5.03 -19.74
N ILE B 259 6.73 5.41 -18.73
CA ILE B 259 8.09 5.86 -18.95
C ILE B 259 8.94 4.82 -19.52
N LYS B 260 8.85 3.60 -19.05
CA LYS B 260 9.55 2.51 -19.71
C LYS B 260 9.26 2.27 -21.17
N PHE B 261 8.04 2.48 -21.63
CA PHE B 261 7.73 2.27 -23.05
C PHE B 261 7.91 3.55 -23.91
N ALA B 262 8.33 4.68 -23.35
CA ALA B 262 8.33 5.88 -24.11
C ALA B 262 9.59 5.99 -24.98
N ARG B 263 9.44 6.50 -26.18
CA ARG B 263 10.53 6.71 -27.12
C ARG B 263 10.33 8.03 -27.88
N VAL B 264 11.42 8.58 -28.38
CA VAL B 264 11.34 9.76 -29.23
C VAL B 264 11.47 9.31 -30.66
N CYS B 265 10.52 9.70 -31.49
CA CYS B 265 10.51 9.44 -32.95
C CYS B 265 10.14 10.70 -33.74
N GLU B 266 10.46 10.67 -35.03
CA GLU B 266 10.14 11.75 -35.93
C GLU B 266 8.67 11.66 -36.35
N VAL B 267 7.93 12.72 -36.15
CA VAL B 267 6.51 12.81 -36.55
C VAL B 267 6.35 14.12 -37.33
N ASP B 268 5.98 14.06 -38.60
CA ASP B 268 5.93 15.27 -39.48
C ASP B 268 7.16 16.18 -39.31
N ASN B 269 8.38 15.64 -39.43
CA ASN B 269 9.66 16.43 -39.29
C ASN B 269 9.96 17.14 -37.96
N GLU B 270 9.26 16.72 -36.91
CA GLU B 270 9.59 17.15 -35.55
C GLU B 270 9.81 15.89 -34.66
N LEU B 271 10.91 15.83 -33.92
CA LEU B 271 11.06 14.84 -32.86
C LEU B 271 10.04 14.97 -31.73
N ARG B 272 9.27 13.92 -31.49
CA ARG B 272 8.25 13.87 -30.40
C ARG B 272 8.33 12.61 -29.56
N ILE B 273 7.86 12.71 -28.35
CA ILE B 273 7.70 11.57 -27.46
C ILE B 273 6.54 10.69 -27.96
N CYS B 274 6.82 9.44 -28.29
CA CYS B 274 5.82 8.44 -28.68
C CYS B 274 5.67 7.35 -27.66
N ALA B 275 4.47 6.80 -27.60
CA ALA B 275 4.14 5.65 -26.74
C ALA B 275 4.11 4.38 -27.58
N ARG B 276 4.38 3.27 -26.93
CA ARG B 276 4.20 2.00 -27.57
C ARG B 276 2.74 1.72 -27.94
N ASP B 277 2.53 1.21 -29.15
CA ASP B 277 1.20 0.92 -29.67
C ASP B 277 0.22 0.26 -28.69
N LYS B 278 0.63 -0.84 -28.10
CA LYS B 278 -0.26 -1.54 -27.19
C LYS B 278 -0.47 -0.83 -25.86
N GLU B 279 0.20 0.26 -25.51
CA GLU B 279 -0.18 1.04 -24.42
C GLU B 279 -1.42 1.93 -24.63
N VAL B 280 -2.03 1.92 -25.81
CA VAL B 280 -3.08 2.89 -26.12
C VAL B 280 -4.29 2.79 -25.17
N GLY B 281 -4.67 1.59 -24.83
CA GLY B 281 -5.61 1.28 -23.76
C GLY B 281 -5.31 1.98 -22.46
N ASN B 282 -4.05 1.97 -22.05
CA ASN B 282 -3.68 2.59 -20.82
C ASN B 282 -3.81 4.10 -20.87
N LEU B 283 -3.58 4.69 -22.03
CA LEU B 283 -3.73 6.18 -22.16
C LEU B 283 -5.18 6.56 -22.09
N TYR B 284 -6.09 5.80 -22.76
CA TYR B 284 -7.51 6.01 -22.55
C TYR B 284 -7.88 5.88 -21.07
N ASP B 285 -7.37 4.88 -20.38
CA ASP B 285 -7.58 4.73 -18.93
C ASP B 285 -7.03 5.89 -18.15
N MET B 286 -5.93 6.49 -18.58
CA MET B 286 -5.36 7.61 -17.86
C MET B 286 -6.33 8.81 -17.83
N PHE B 287 -6.97 9.12 -18.96
CA PHE B 287 -7.90 10.25 -19.01
C PHE B 287 -9.20 9.84 -18.33
N HIS B 288 -9.57 8.56 -18.39
CA HIS B 288 -10.70 8.07 -17.65
C HIS B 288 -10.50 8.27 -16.13
N THR B 289 -9.34 7.94 -15.62
CA THR B 289 -8.97 8.22 -14.24
C THR B 289 -9.02 9.72 -13.87
N ARG B 290 -8.43 10.58 -14.71
CA ARG B 290 -8.57 12.02 -14.50
C ARG B 290 -10.02 12.45 -14.35
N ASN B 291 -10.89 11.99 -15.22
CA ASN B 291 -12.28 12.27 -15.11
C ASN B 291 -12.94 11.73 -13.83
N SER B 292 -12.63 10.51 -13.40
CA SER B 292 -13.10 9.96 -12.13
C SER B 292 -12.62 10.77 -10.97
N LEU B 293 -11.40 11.23 -10.97
CA LEU B 293 -10.96 12.04 -9.88
C LEU B 293 -11.68 13.38 -9.78
N HIS B 294 -11.98 13.99 -10.92
CA HIS B 294 -12.80 15.16 -10.95
C HIS B 294 -14.21 14.87 -10.41
N ARG B 295 -14.85 13.79 -10.83
CA ARG B 295 -16.20 13.50 -10.36
C ARG B 295 -16.25 13.15 -8.86
N ARG B 296 -15.32 12.40 -8.35
CA ARG B 296 -15.41 11.96 -7.00
C ARG B 296 -14.91 12.97 -6.04
N ALA B 297 -13.87 13.72 -6.41
CA ALA B 297 -13.15 14.51 -5.45
C ALA B 297 -13.08 16.00 -5.83
N TYR B 298 -12.43 16.33 -6.93
CA TYR B 298 -12.17 17.74 -7.17
C TYR B 298 -13.44 18.59 -7.43
N GLN B 299 -14.51 18.03 -8.01
CA GLN B 299 -15.76 18.68 -8.23
C GLN B 299 -16.85 18.13 -7.30
N HIS B 300 -16.44 17.64 -6.14
CA HIS B 300 -17.38 17.27 -5.12
C HIS B 300 -18.31 18.42 -4.86
N LYS B 301 -19.61 18.19 -4.84
CA LYS B 301 -20.63 19.28 -4.71
C LYS B 301 -20.44 20.12 -3.41
N VAL B 302 -20.01 19.50 -2.30
CA VAL B 302 -19.72 20.26 -1.08
C VAL B 302 -18.35 20.91 -1.11
N GLY B 303 -17.33 20.24 -1.63
CA GLY B 303 -16.06 20.91 -1.89
C GLY B 303 -16.18 22.18 -2.70
N ASN B 304 -16.97 22.14 -3.77
CA ASN B 304 -17.16 23.33 -4.60
C ASN B 304 -17.90 24.43 -3.88
N ILE B 305 -18.90 24.12 -3.05
CA ILE B 305 -19.65 25.16 -2.41
C ILE B 305 -18.82 25.76 -1.30
N ILE B 306 -17.94 24.99 -0.66
CA ILE B 306 -16.98 25.60 0.27
C ILE B 306 -16.00 26.53 -0.45
N ASP B 307 -15.48 26.13 -1.60
CA ASP B 307 -14.67 27.06 -2.42
C ASP B 307 -15.44 28.35 -2.80
N THR B 308 -16.73 28.22 -3.06
CA THR B 308 -17.55 29.36 -3.38
C THR B 308 -17.77 30.28 -2.20
N MET B 309 -18.03 29.71 -1.04
CA MET B 309 -18.17 30.51 0.17
C MET B 309 -16.86 31.22 0.53
N ILE B 310 -15.73 30.57 0.37
CA ILE B 310 -14.47 31.22 0.64
C ILE B 310 -14.23 32.36 -0.36
N THR B 311 -14.54 32.10 -1.63
CA THR B 311 -14.44 33.16 -2.64
C THR B 311 -15.31 34.37 -2.25
N ASP B 312 -16.55 34.13 -1.79
CA ASP B 312 -17.46 35.22 -1.38
C ASP B 312 -16.87 35.98 -0.19
N ALA B 313 -16.35 35.27 0.80
CA ALA B 313 -15.63 35.93 1.90
C ALA B 313 -14.45 36.78 1.43
N PHE B 314 -13.67 36.29 0.49
CA PHE B 314 -12.54 37.06 -0.04
C PHE B 314 -13.05 38.25 -0.84
N LEU B 315 -14.17 38.14 -1.55
CA LEU B 315 -14.72 39.34 -2.23
C LEU B 315 -15.16 40.41 -1.25
N LYS B 316 -15.86 40.05 -0.18
CA LYS B 316 -16.23 41.02 0.85
C LYS B 316 -15.08 41.59 1.70
N ALA B 317 -13.97 40.87 1.75
CA ALA B 317 -12.78 41.30 2.47
C ALA B 317 -11.82 42.13 1.63
N ASP B 318 -11.94 42.08 0.32
CA ASP B 318 -10.98 42.63 -0.63
C ASP B 318 -10.65 44.12 -0.45
N ASP B 319 -11.66 44.92 -0.14
CA ASP B 319 -11.45 46.32 0.15
C ASP B 319 -10.64 46.64 1.40
N TYR B 320 -10.55 45.71 2.35
CA TYR B 320 -10.08 46.02 3.70
C TYR B 320 -8.79 45.31 4.11
N ILE B 321 -8.33 44.27 3.40
CA ILE B 321 -7.07 43.62 3.72
C ILE B 321 -5.99 44.32 2.95
N GLU B 322 -4.86 44.61 3.59
CA GLU B 322 -3.71 45.21 2.87
C GLU B 322 -2.53 44.26 2.90
N ILE B 323 -1.87 44.09 1.76
CA ILE B 323 -0.69 43.27 1.67
C ILE B 323 0.43 44.15 1.18
N THR B 324 1.52 44.20 1.96
CA THR B 324 2.64 45.04 1.61
C THR B 324 3.54 44.36 0.59
N GLY B 325 3.86 45.10 -0.47
CA GLY B 325 4.68 44.67 -1.58
C GLY B 325 5.97 45.44 -1.74
N ALA B 326 6.48 45.54 -2.96
CA ALA B 326 7.75 46.19 -3.19
C ALA B 326 7.62 47.66 -2.85
N GLY B 327 8.70 48.21 -2.27
CA GLY B 327 8.77 49.64 -1.90
C GLY B 327 7.77 50.07 -0.84
N GLY B 328 7.27 49.14 -0.03
CA GLY B 328 6.17 49.46 0.91
C GLY B 328 4.76 49.77 0.33
N LYS B 329 4.58 49.74 -1.01
CA LYS B 329 3.25 49.93 -1.61
C LYS B 329 2.27 48.84 -1.14
N LYS B 330 1.02 49.23 -0.97
CA LYS B 330 -0.05 48.36 -0.48
C LYS B 330 -0.85 47.77 -1.62
N TYR B 331 -1.22 46.50 -1.49
CA TYR B 331 -2.05 45.80 -2.48
C TYR B 331 -3.20 45.17 -1.79
N ARG B 332 -4.20 44.85 -2.59
CA ARG B 332 -5.34 44.04 -2.08
C ARG B 332 -5.20 42.59 -2.50
N ILE B 333 -6.06 41.73 -1.98
CA ILE B 333 -6.08 40.31 -2.36
C ILE B 333 -6.17 40.21 -3.88
N SER B 334 -7.02 41.06 -4.50
CA SER B 334 -7.24 41.02 -5.95
C SER B 334 -6.15 41.68 -6.77
N THR B 335 -5.31 42.52 -6.16
CA THR B 335 -4.21 43.18 -6.88
C THR B 335 -2.81 42.66 -6.53
N ALA B 336 -2.72 41.75 -5.57
CA ALA B 336 -1.45 41.14 -5.23
C ALA B 336 -0.82 40.43 -6.42
N ILE B 337 -1.63 39.96 -7.37
CA ILE B 337 -1.10 39.39 -8.60
C ILE B 337 -0.30 40.35 -9.45
N ASP B 338 -0.37 41.64 -9.22
CA ASP B 338 0.41 42.60 -9.98
C ASP B 338 1.77 42.94 -9.37
N ASP B 339 2.12 42.35 -8.22
CA ASP B 339 3.41 42.59 -7.55
C ASP B 339 3.86 41.35 -6.83
N MET B 340 4.93 40.76 -7.32
CA MET B 340 5.36 39.46 -6.88
C MET B 340 5.82 39.41 -5.43
N GLU B 341 6.36 40.50 -4.93
CA GLU B 341 6.66 40.58 -3.51
C GLU B 341 5.41 40.54 -2.61
N ALA B 342 4.29 41.12 -3.04
CA ALA B 342 3.03 40.98 -2.28
C ALA B 342 2.47 39.61 -2.45
N TYR B 343 2.45 39.12 -3.67
CA TYR B 343 1.89 37.81 -3.98
C TYR B 343 2.62 36.69 -3.21
N THR B 344 3.92 36.83 -2.97
CA THR B 344 4.68 35.93 -2.11
C THR B 344 4.01 35.73 -0.76
N LYS B 345 3.36 36.75 -0.23
CA LYS B 345 2.70 36.69 1.09
C LYS B 345 1.23 36.36 1.02
N LEU B 346 0.74 35.97 -0.15
CA LEU B 346 -0.67 35.70 -0.32
C LEU B 346 -0.90 34.20 -0.39
N THR B 347 -1.38 33.63 0.69
CA THR B 347 -1.51 32.21 0.85
C THR B 347 -2.82 31.90 1.58
N ASP B 348 -3.02 30.64 1.90
CA ASP B 348 -4.18 30.18 2.68
C ASP B 348 -4.30 30.93 4.01
N ASN B 349 -3.22 31.47 4.52
CA ASN B 349 -3.27 32.28 5.72
C ASN B 349 -4.33 33.37 5.70
N ILE B 350 -4.63 33.91 4.51
CA ILE B 350 -5.65 34.94 4.36
C ILE B 350 -7.00 34.49 4.94
N PHE B 351 -7.36 33.23 4.79
CA PHE B 351 -8.55 32.65 5.36
C PHE B 351 -8.59 32.89 6.89
N LEU B 352 -7.50 32.57 7.58
CA LEU B 352 -7.41 32.74 9.03
C LEU B 352 -7.26 34.19 9.50
N GLU B 353 -6.57 35.00 8.73
CA GLU B 353 -6.56 36.41 8.98
C GLU B 353 -8.00 36.97 8.95
N ILE B 354 -8.82 36.55 8.00
CA ILE B 354 -10.19 36.99 7.98
C ILE B 354 -10.94 36.39 9.16
N LEU B 355 -10.83 35.10 9.36
CA LEU B 355 -11.58 34.42 10.44
C LEU B 355 -11.29 34.96 11.85
N TYR B 356 -10.02 35.31 12.11
CA TYR B 356 -9.60 35.79 13.41
C TYR B 356 -9.64 37.31 13.56
N SER B 357 -9.99 38.05 12.51
CA SER B 357 -10.04 39.50 12.58
C SER B 357 -11.09 39.96 13.60
N THR B 358 -10.89 41.17 14.11
CA THR B 358 -11.88 41.86 14.97
C THR B 358 -12.42 43.14 14.36
N ASP B 359 -11.74 43.69 13.36
CA ASP B 359 -12.14 44.88 12.65
C ASP B 359 -13.59 44.81 12.19
N PRO B 360 -14.43 45.78 12.58
CA PRO B 360 -15.82 45.75 12.10
C PRO B 360 -16.02 45.75 10.59
N LYS B 361 -15.08 46.34 9.83
CA LYS B 361 -15.16 46.33 8.37
C LYS B 361 -15.04 44.94 7.73
N LEU B 362 -14.45 43.98 8.44
CA LEU B 362 -14.34 42.61 7.97
C LEU B 362 -15.45 41.70 8.50
N LYS B 363 -16.45 42.27 9.15
CA LYS B 363 -17.52 41.49 9.69
C LYS B 363 -18.23 40.56 8.69
N ASP B 364 -18.64 41.06 7.52
CA ASP B 364 -19.40 40.20 6.62
C ASP B 364 -18.58 39.06 6.09
N ALA B 365 -17.33 39.34 5.79
CA ALA B 365 -16.38 38.32 5.38
C ALA B 365 -16.18 37.28 6.45
N ARG B 366 -15.92 37.74 7.67
CA ARG B 366 -15.71 36.85 8.82
C ARG B 366 -16.93 35.97 9.08
N GLU B 367 -18.14 36.50 8.94
CA GLU B 367 -19.35 35.70 9.16
C GLU B 367 -19.54 34.55 8.15
N ILE B 368 -19.18 34.80 6.91
CA ILE B 368 -19.21 33.71 5.94
C ILE B 368 -18.24 32.59 6.35
N LEU B 369 -17.01 32.93 6.71
CA LEU B 369 -16.08 31.94 7.22
C LEU B 369 -16.56 31.25 8.47
N LYS B 370 -17.21 31.96 9.38
CA LYS B 370 -17.77 31.30 10.57
C LYS B 370 -18.86 30.27 10.16
N GLN B 371 -19.63 30.56 9.14
CA GLN B 371 -20.61 29.60 8.70
C GLN B 371 -20.00 28.30 8.18
N ILE B 372 -18.84 28.38 7.55
CA ILE B 372 -18.11 27.20 7.16
C ILE B 372 -17.74 26.40 8.40
N GLU B 373 -17.22 27.02 9.48
CA GLU B 373 -16.84 26.25 10.67
C GLU B 373 -17.99 25.56 11.34
N TYR B 374 -19.13 26.22 11.42
CA TYR B 374 -20.33 25.59 11.96
C TYR B 374 -21.03 24.65 10.99
N ARG B 375 -20.53 24.53 9.77
CA ARG B 375 -21.16 23.72 8.76
C ARG B 375 -22.56 24.20 8.40
N ASN B 376 -22.78 25.48 8.43
CA ASN B 376 -23.99 26.01 7.95
C ASN B 376 -23.70 26.46 6.50
N LEU B 377 -23.61 25.48 5.61
CA LEU B 377 -23.24 25.72 4.24
C LEU B 377 -24.49 25.99 3.40
N PHE B 378 -24.31 26.71 2.31
CA PHE B 378 -25.35 26.81 1.23
C PHE B 378 -25.71 25.40 0.84
N LYS B 379 -26.98 25.12 0.61
CA LYS B 379 -27.45 23.74 0.47
C LYS B 379 -27.57 23.36 -0.98
N TYR B 380 -27.17 22.14 -1.25
CA TYR B 380 -27.28 21.49 -2.55
C TYR B 380 -28.75 21.16 -2.85
N VAL B 381 -29.21 21.60 -4.00
CA VAL B 381 -30.57 21.36 -4.49
C VAL B 381 -30.51 20.20 -5.52
N GLY B 382 -29.60 20.26 -6.48
CA GLY B 382 -29.40 19.20 -7.42
C GLY B 382 -28.48 19.50 -8.59
N GLU B 383 -28.46 18.55 -9.52
CA GLU B 383 -27.58 18.51 -10.66
C GLU B 383 -28.37 18.11 -11.92
N THR B 384 -28.01 18.74 -13.01
CA THR B 384 -28.57 18.44 -14.30
C THR B 384 -27.47 18.65 -15.32
N GLN B 385 -27.74 18.20 -16.54
CA GLN B 385 -26.92 18.51 -17.72
C GLN B 385 -27.75 19.02 -18.86
N PRO B 386 -27.14 19.83 -19.76
CA PRO B 386 -27.81 20.14 -21.06
C PRO B 386 -27.91 18.91 -21.93
N THR B 387 -28.89 18.86 -22.81
CA THR B 387 -29.01 17.85 -23.85
C THR B 387 -28.80 18.52 -25.22
N GLY B 388 -28.66 17.66 -26.23
CA GLY B 388 -28.49 18.10 -27.60
C GLY B 388 -27.17 18.82 -27.79
N GLN B 389 -27.22 19.79 -28.70
CA GLN B 389 -26.07 20.65 -29.04
C GLN B 389 -25.81 21.76 -27.99
N ILE B 390 -26.75 21.99 -27.05
CA ILE B 390 -26.73 23.17 -26.15
C ILE B 390 -25.43 23.18 -25.29
N LYS B 391 -24.64 24.24 -25.43
CA LYS B 391 -23.50 24.52 -24.59
C LYS B 391 -23.82 25.85 -23.90
N ILE B 392 -23.48 25.96 -22.63
CA ILE B 392 -23.70 27.17 -21.82
C ILE B 392 -22.35 27.85 -21.68
N LYS B 393 -22.26 29.07 -22.19
CA LYS B 393 -21.03 29.82 -22.34
C LYS B 393 -20.83 30.68 -21.11
N ARG B 394 -19.57 31.04 -20.81
CA ARG B 394 -19.24 31.87 -19.62
C ARG B 394 -20.04 33.23 -19.44
N GLU B 395 -20.35 33.90 -20.54
CA GLU B 395 -21.18 35.13 -20.51
C GLU B 395 -22.66 34.94 -20.10
N ASP B 396 -23.17 33.72 -20.17
CA ASP B 396 -24.55 33.42 -19.69
C ASP B 396 -24.61 33.01 -18.19
N TYR B 397 -23.47 32.89 -17.49
CA TYR B 397 -23.48 32.37 -16.10
C TYR B 397 -24.27 33.22 -15.15
N GLU B 398 -24.13 34.54 -15.26
CA GLU B 398 -24.74 35.49 -14.33
C GLU B 398 -26.25 35.47 -14.41
N SER B 399 -26.78 35.22 -15.58
CA SER B 399 -28.23 35.17 -15.77
C SER B 399 -28.94 33.90 -15.27
N LEU B 400 -28.20 32.84 -14.88
CA LEU B 400 -28.81 31.54 -14.56
C LEU B 400 -29.60 31.54 -13.25
N PRO B 401 -29.07 32.18 -12.19
CA PRO B 401 -29.84 32.30 -10.96
C PRO B 401 -31.19 33.00 -11.17
N LYS B 402 -31.19 34.05 -12.01
CA LYS B 402 -32.42 34.69 -12.47
C LYS B 402 -33.39 33.71 -13.16
N GLU B 403 -32.90 32.87 -14.06
CA GLU B 403 -33.81 31.93 -14.75
C GLU B 403 -34.44 30.90 -13.80
N VAL B 404 -33.69 30.43 -12.80
CA VAL B 404 -34.23 29.44 -11.87
C VAL B 404 -35.33 30.07 -11.01
N ALA B 405 -35.09 31.30 -10.55
CA ALA B 405 -36.07 32.01 -9.76
C ALA B 405 -37.30 32.47 -10.57
N SER B 406 -37.16 32.58 -11.88
CA SER B 406 -38.24 32.95 -12.79
C SER B 406 -39.13 31.77 -13.21
N ALA B 407 -38.77 30.56 -12.87
CA ALA B 407 -39.57 29.40 -13.25
C ALA B 407 -40.89 29.36 -12.43
N LYS B 408 -41.92 28.78 -13.01
CA LYS B 408 -43.25 28.85 -12.41
C LYS B 408 -43.77 27.43 -12.20
N PRO B 409 -43.36 26.84 -11.07
CA PRO B 409 -43.65 25.44 -10.82
C PRO B 409 -45.06 24.96 -10.72
N LYS B 410 -46.02 25.76 -10.28
CA LYS B 410 -47.41 25.31 -10.18
C LYS B 410 -47.62 24.14 -9.21
N VAL B 411 -47.29 24.45 -7.97
CA VAL B 411 -47.63 23.75 -6.75
C VAL B 411 -47.65 24.90 -5.70
N LEU B 412 -48.39 24.69 -4.61
CA LEU B 412 -48.50 25.70 -3.60
C LEU B 412 -47.18 25.79 -2.77
N LEU B 413 -46.61 26.99 -2.75
CA LEU B 413 -45.39 27.28 -2.03
C LEU B 413 -45.64 28.27 -0.89
N ASP B 414 -45.06 28.03 0.29
CA ASP B 414 -45.21 28.95 1.44
C ASP B 414 -44.28 30.15 1.34
N VAL B 415 -43.09 29.92 0.77
CA VAL B 415 -42.15 31.00 0.52
C VAL B 415 -41.87 31.11 -0.97
N LYS B 416 -41.49 32.32 -1.39
CA LYS B 416 -41.02 32.59 -2.71
C LYS B 416 -39.58 33.03 -2.62
N LEU B 417 -38.77 32.51 -3.53
CA LEU B 417 -37.33 32.73 -3.55
C LEU B 417 -36.96 33.62 -4.72
N LYS B 418 -35.85 34.34 -4.57
CA LYS B 418 -35.39 35.32 -5.55
C LYS B 418 -34.07 34.86 -6.15
N ALA B 419 -33.59 35.58 -7.16
CA ALA B 419 -32.33 35.31 -7.85
C ALA B 419 -31.14 35.17 -6.92
N GLU B 420 -30.94 36.12 -6.04
CA GLU B 420 -29.82 36.10 -5.05
C GLU B 420 -29.82 34.92 -4.06
N ASP B 421 -30.95 34.23 -3.93
CA ASP B 421 -31.05 32.99 -3.12
C ASP B 421 -30.40 31.75 -3.78
N PHE B 422 -30.17 31.80 -5.09
CA PHE B 422 -29.65 30.67 -5.85
C PHE B 422 -28.20 30.89 -6.27
N ILE B 423 -27.42 29.82 -6.21
CA ILE B 423 -26.11 29.75 -6.85
C ILE B 423 -26.22 28.64 -7.90
N VAL B 424 -25.71 28.94 -9.08
CA VAL B 424 -25.65 28.00 -10.18
C VAL B 424 -24.20 27.84 -10.59
N ASP B 425 -23.69 26.63 -10.52
CA ASP B 425 -22.27 26.35 -10.76
C ASP B 425 -22.24 25.51 -12.03
N VAL B 426 -21.57 25.98 -13.07
CA VAL B 426 -21.43 25.23 -14.32
C VAL B 426 -20.03 24.64 -14.35
N ILE B 427 -19.93 23.34 -14.55
CA ILE B 427 -18.65 22.66 -14.54
C ILE B 427 -18.44 21.98 -15.88
N ASN B 428 -17.35 22.29 -16.54
CA ASN B 428 -16.97 21.65 -17.83
C ASN B 428 -16.08 20.44 -17.55
N MET B 429 -16.54 19.26 -17.88
CA MET B 429 -15.78 18.00 -17.69
C MET B 429 -15.33 17.57 -19.10
N ASP B 430 -14.04 17.40 -19.29
CA ASP B 430 -13.55 16.95 -20.58
C ASP B 430 -12.22 16.14 -20.44
N TYR B 431 -11.68 15.70 -21.57
CA TYR B 431 -10.42 14.97 -21.61
C TYR B 431 -9.18 15.88 -21.84
N GLY B 432 -9.30 17.17 -21.53
CA GLY B 432 -8.22 18.14 -21.52
C GLY B 432 -8.16 18.97 -22.78
N MET B 433 -8.97 18.68 -23.80
CA MET B 433 -8.86 19.36 -25.08
C MET B 433 -10.25 19.67 -25.63
N GLN B 434 -11.11 20.21 -24.76
CA GLN B 434 -12.47 20.59 -25.07
C GLN B 434 -13.17 19.35 -25.63
N GLU B 435 -13.77 19.43 -26.81
CA GLU B 435 -14.46 18.33 -27.46
C GLU B 435 -13.53 17.26 -28.12
N LYS B 436 -12.23 17.51 -28.22
CA LYS B 436 -11.36 16.62 -28.98
C LYS B 436 -10.90 15.39 -28.17
N ASN B 437 -10.70 14.29 -28.88
CA ASN B 437 -10.11 13.06 -28.31
C ASN B 437 -8.59 13.30 -28.23
N PRO B 438 -8.02 13.43 -27.05
CA PRO B 438 -6.60 13.68 -26.97
C PRO B 438 -5.70 12.56 -27.50
N ILE B 439 -6.21 11.31 -27.56
CA ILE B 439 -5.46 10.19 -28.15
C ILE B 439 -5.24 10.32 -29.66
N ASP B 440 -6.08 11.11 -30.33
CA ASP B 440 -5.80 11.46 -31.72
C ASP B 440 -4.57 12.33 -31.89
N HIS B 441 -4.07 12.93 -30.81
CA HIS B 441 -2.83 13.74 -30.81
C HIS B 441 -1.63 13.01 -30.15
N VAL B 442 -1.73 11.69 -30.07
CA VAL B 442 -0.65 10.90 -29.53
C VAL B 442 -0.02 10.14 -30.67
N SER B 443 1.27 10.04 -30.67
CA SER B 443 2.01 9.21 -31.62
C SER B 443 2.50 7.91 -30.93
N PHE B 444 2.50 6.84 -31.70
CA PHE B 444 2.82 5.52 -31.27
C PHE B 444 3.94 4.88 -32.13
N TYR B 445 4.59 3.87 -31.58
CA TYR B 445 5.53 3.03 -32.33
C TYR B 445 5.23 1.57 -32.09
N CYS B 446 5.60 0.74 -33.04
CA CYS B 446 5.45 -0.72 -32.97
C CYS B 446 6.76 -1.36 -32.67
N LYS B 447 6.64 -2.57 -32.16
CA LYS B 447 7.76 -3.39 -31.73
C LYS B 447 8.69 -3.69 -32.92
N THR B 448 8.13 -4.00 -34.08
CA THR B 448 8.95 -4.34 -35.25
C THR B 448 9.60 -3.18 -35.95
N ALA B 449 9.19 -1.92 -35.70
CA ALA B 449 9.86 -0.72 -36.27
C ALA B 449 9.87 0.46 -35.29
N PRO B 450 10.75 0.39 -34.28
CA PRO B 450 10.62 1.35 -33.17
C PRO B 450 10.92 2.82 -33.48
N ASN B 451 11.48 3.13 -34.63
CA ASN B 451 11.66 4.52 -35.06
C ASN B 451 10.54 5.05 -35.94
N ARG B 452 9.54 4.23 -36.21
CA ARG B 452 8.48 4.63 -37.09
C ARG B 452 7.21 4.95 -36.30
N ALA B 453 6.80 6.22 -36.38
CA ALA B 453 5.68 6.78 -35.67
C ALA B 453 4.40 6.45 -36.42
N ILE B 454 3.33 6.07 -35.69
CA ILE B 454 2.06 5.80 -36.30
C ILE B 454 0.97 6.44 -35.48
N ARG B 455 -0.23 6.42 -36.03
CA ARG B 455 -1.44 6.92 -35.43
C ARG B 455 -2.35 5.75 -35.23
N ILE B 456 -3.17 5.85 -34.21
CA ILE B 456 -4.15 4.82 -33.90
C ILE B 456 -5.50 5.52 -33.67
N THR B 457 -6.54 5.09 -34.36
CA THR B 457 -7.87 5.69 -34.19
C THR B 457 -8.67 5.00 -33.12
N LYS B 458 -9.75 5.66 -32.72
CA LYS B 458 -10.61 5.12 -31.63
C LYS B 458 -11.26 3.74 -32.00
N ASN B 459 -11.60 3.58 -33.27
CA ASN B 459 -12.17 2.33 -33.74
C ASN B 459 -11.17 1.17 -33.79
N GLN B 460 -9.86 1.45 -33.83
CA GLN B 460 -8.85 0.42 -33.74
C GLN B 460 -8.61 -0.08 -32.33
N VAL B 461 -9.17 0.56 -31.32
CA VAL B 461 -8.87 0.20 -29.91
C VAL B 461 -10.09 -0.57 -29.35
N SER B 462 -11.27 0.03 -29.42
CA SER B 462 -12.43 -0.52 -28.70
C SER B 462 -13.72 0.22 -28.99
N GLN B 463 -14.80 -0.53 -29.02
CA GLN B 463 -16.15 0.01 -29.12
C GLN B 463 -16.73 0.42 -27.76
N LEU B 464 -16.08 0.10 -26.65
CA LEU B 464 -16.56 0.41 -25.33
C LEU B 464 -16.04 1.75 -24.81
N LEU B 465 -15.36 2.52 -25.64
CA LEU B 465 -14.80 3.81 -25.23
C LEU B 465 -15.89 4.87 -25.24
N PRO B 466 -15.66 6.01 -24.58
CA PRO B 466 -16.60 7.16 -24.73
C PRO B 466 -16.93 7.62 -26.12
N GLU B 467 -18.16 8.04 -26.41
CA GLU B 467 -18.47 8.59 -27.74
C GLU B 467 -18.24 10.06 -27.81
N LYS B 468 -18.26 10.77 -26.70
CA LYS B 468 -17.92 12.20 -26.64
C LYS B 468 -16.84 12.38 -25.59
N PHE B 469 -16.13 13.51 -25.67
CA PHE B 469 -15.04 13.82 -24.83
C PHE B 469 -15.23 15.08 -24.00
N ALA B 470 -16.42 15.69 -24.09
CA ALA B 470 -16.74 16.86 -23.25
C ALA B 470 -18.20 16.91 -22.83
N GLU B 471 -18.47 17.45 -21.65
CA GLU B 471 -19.85 17.67 -21.20
C GLU B 471 -19.87 18.74 -20.13
N GLN B 472 -21.07 19.18 -19.80
CA GLN B 472 -21.27 20.10 -18.70
C GLN B 472 -22.19 19.58 -17.60
N LEU B 473 -21.83 19.90 -16.37
CA LEU B 473 -22.64 19.66 -15.19
C LEU B 473 -23.10 20.98 -14.67
N ILE B 474 -24.36 21.04 -14.28
CA ILE B 474 -24.97 22.21 -13.68
C ILE B 474 -25.47 21.83 -12.28
N ARG B 475 -24.87 22.41 -11.25
CA ARG B 475 -25.29 22.22 -9.89
C ARG B 475 -25.99 23.49 -9.43
N VAL B 476 -27.09 23.31 -8.70
CA VAL B 476 -27.80 24.41 -8.15
C VAL B 476 -27.80 24.30 -6.62
N TYR B 477 -27.52 25.42 -5.95
CA TYR B 477 -27.56 25.48 -4.52
C TYR B 477 -28.47 26.62 -4.05
N CYS B 478 -28.90 26.53 -2.80
CA CYS B 478 -29.79 27.55 -2.21
C CYS B 478 -29.13 28.17 -0.98
N LYS B 479 -29.08 29.51 -0.91
CA LYS B 479 -28.53 30.19 0.28
C LYS B 479 -29.44 30.20 1.52
N LYS B 480 -30.72 29.89 1.32
CA LYS B 480 -31.70 29.81 2.39
C LYS B 480 -31.83 28.35 2.76
N VAL B 481 -31.53 28.04 4.02
CA VAL B 481 -31.29 26.62 4.43
C VAL B 481 -32.45 25.95 5.15
N ASP B 482 -33.48 26.70 5.49
CA ASP B 482 -34.65 26.13 6.21
C ASP B 482 -35.45 25.18 5.33
N ARG B 483 -36.28 24.37 5.96
CA ARG B 483 -36.98 23.25 5.32
C ARG B 483 -37.94 23.76 4.21
N LYS B 484 -38.60 24.88 4.43
CA LYS B 484 -39.55 25.42 3.49
C LYS B 484 -38.85 25.99 2.26
N SER B 485 -37.77 26.74 2.48
CA SER B 485 -36.97 27.28 1.36
C SER B 485 -36.39 26.18 0.47
N LEU B 486 -35.88 25.13 1.10
CA LEU B 486 -35.27 24.01 0.39
C LEU B 486 -36.31 23.26 -0.43
N TYR B 487 -37.53 23.10 0.09
CA TYR B 487 -38.60 22.45 -0.66
C TYR B 487 -38.93 23.29 -1.89
N ALA B 488 -39.03 24.58 -1.71
CA ALA B 488 -39.33 25.49 -2.78
C ALA B 488 -38.23 25.50 -3.83
N ALA B 489 -36.99 25.57 -3.36
CA ALA B 489 -35.81 25.53 -4.24
C ALA B 489 -35.79 24.32 -5.16
N ARG B 490 -36.19 23.17 -4.66
CA ARG B 490 -36.31 21.97 -5.48
C ARG B 490 -37.38 22.04 -6.56
N GLN B 491 -38.48 22.71 -6.25
CA GLN B 491 -39.56 22.86 -7.22
C GLN B 491 -39.13 23.79 -8.37
N TYR B 492 -38.54 24.94 -8.02
CA TYR B 492 -38.01 25.87 -9.00
C TYR B 492 -36.95 25.15 -9.87
N PHE B 493 -36.02 24.47 -9.20
CA PHE B 493 -34.94 23.77 -9.87
C PHE B 493 -35.44 22.75 -10.94
N VAL B 494 -36.36 21.89 -10.54
CA VAL B 494 -36.81 20.83 -11.38
C VAL B 494 -37.63 21.41 -12.52
N GLN B 495 -38.43 22.43 -12.22
CA GLN B 495 -39.22 23.08 -13.24
C GLN B 495 -38.29 23.74 -14.28
N TRP B 496 -37.23 24.37 -13.81
CA TRP B 496 -36.26 24.98 -14.69
C TRP B 496 -35.62 23.93 -15.61
N CYS B 497 -35.23 22.79 -15.04
CA CYS B 497 -34.71 21.71 -15.86
C CYS B 497 -35.71 21.28 -16.94
N ALA B 498 -36.99 21.16 -16.59
CA ALA B 498 -38.02 20.83 -17.57
C ALA B 498 -38.17 21.93 -18.68
N ASP B 499 -38.26 23.19 -18.27
CA ASP B 499 -38.34 24.34 -19.20
C ASP B 499 -37.17 24.39 -20.19
N ARG B 500 -35.96 24.16 -19.70
CA ARG B 500 -34.75 24.23 -20.51
C ARG B 500 -34.40 22.93 -21.27
N ASN B 501 -35.22 21.88 -21.14
CA ASN B 501 -34.89 20.53 -21.69
C ASN B 501 -33.56 19.92 -21.23
N PHE B 502 -33.19 20.23 -20.00
CA PHE B 502 -32.08 19.57 -19.34
C PHE B 502 -32.45 18.16 -18.87
N THR B 503 -31.45 17.38 -18.48
CA THR B 503 -31.70 16.01 -18.03
C THR B 503 -32.48 15.98 -16.70
N LYS B 504 -33.23 14.92 -16.54
CA LYS B 504 -34.00 14.69 -15.33
C LYS B 504 -33.07 14.48 -14.17
N PRO B 505 -33.16 15.33 -13.15
CA PRO B 505 -32.31 15.06 -12.01
C PRO B 505 -32.52 13.66 -11.45
N GLN B 506 -31.43 13.04 -11.01
CA GLN B 506 -31.44 11.68 -10.49
C GLN B 506 -32.49 11.36 -9.45
N ASP B 507 -32.75 12.29 -8.56
CA ASP B 507 -33.77 12.18 -7.49
C ASP B 507 -35.01 13.00 -7.81
N GLY B 508 -35.21 13.34 -9.09
CA GLY B 508 -36.30 14.23 -9.50
C GLY B 508 -37.65 13.82 -9.02
N ASP B 509 -37.91 12.51 -9.10
CA ASP B 509 -39.19 11.96 -8.66
C ASP B 509 -39.46 12.00 -7.18
N VAL B 510 -38.41 12.09 -6.39
CA VAL B 510 -38.52 12.12 -4.93
C VAL B 510 -38.63 13.58 -4.42
N ILE B 511 -37.75 14.45 -4.93
CA ILE B 511 -37.72 15.85 -4.51
C ILE B 511 -38.82 16.74 -5.13
N ALA B 512 -39.36 16.35 -6.29
CA ALA B 512 -40.44 17.09 -6.94
C ALA B 512 -41.44 16.17 -7.64
N PRO B 513 -42.17 15.35 -6.87
CA PRO B 513 -43.13 14.39 -7.47
C PRO B 513 -44.23 15.02 -8.28
N LEU B 514 -44.58 16.28 -7.98
CA LEU B 514 -45.66 16.97 -8.69
C LEU B 514 -45.20 17.64 -10.00
N ILE B 515 -43.88 17.82 -10.16
CA ILE B 515 -43.28 18.50 -11.31
C ILE B 515 -42.83 17.54 -12.42
N THR B 516 -42.25 16.39 -12.06
CA THR B 516 -41.72 15.46 -13.06
C THR B 516 -42.73 14.74 -14.00
N PRO B 517 -44.03 14.60 -13.62
CA PRO B 517 -45.03 14.08 -14.57
C PRO B 517 -45.33 14.94 -15.83
N GLN B 518 -45.24 16.28 -15.74
CA GLN B 518 -45.40 17.20 -16.93
C GLN B 518 -44.45 16.94 -18.13
N LYS B 519 -43.33 16.28 -17.89
CA LYS B 519 -42.29 16.15 -18.89
C LYS B 519 -42.32 14.73 -19.49
N LYS B 520 -42.84 14.63 -20.71
CA LYS B 520 -42.97 13.34 -21.42
C LYS B 520 -41.69 12.49 -21.54
N GLU B 521 -40.53 13.08 -21.75
CA GLU B 521 -39.23 12.37 -21.84
C GLU B 521 -38.92 11.51 -20.55
N TRP B 522 -39.31 12.09 -19.43
CA TRP B 522 -38.96 11.61 -18.11
C TRP B 522 -40.03 10.60 -17.63
N ASP C 37 -31.30 14.27 11.67
CA ASP C 37 -29.82 14.00 11.54
C ASP C 37 -29.54 12.51 11.77
N THR C 38 -28.71 11.88 10.92
CA THR C 38 -28.34 10.44 11.03
C THR C 38 -26.81 10.32 10.85
N MET C 39 -26.26 9.12 10.53
CA MET C 39 -24.83 8.94 10.43
C MET C 39 -24.20 9.71 9.24
N LYS C 40 -23.22 10.58 9.49
CA LYS C 40 -22.29 10.93 8.47
C LYS C 40 -21.20 9.84 8.25
N VAL C 41 -20.83 9.65 7.00
CA VAL C 41 -19.72 8.83 6.64
C VAL C 41 -18.61 9.75 6.15
N ILE C 42 -17.39 9.51 6.59
CA ILE C 42 -16.27 10.31 6.21
C ILE C 42 -15.17 9.39 5.71
N ASN C 43 -14.50 9.77 4.64
CA ASN C 43 -13.46 8.90 4.06
C ASN C 43 -12.11 9.36 4.51
N ASP C 44 -11.43 8.51 5.25
CA ASP C 44 -10.12 8.79 5.79
C ASP C 44 -9.13 7.83 5.09
N PRO C 45 -7.98 8.30 4.60
CA PRO C 45 -7.03 7.39 3.94
C PRO C 45 -6.45 6.37 4.84
N ILE C 46 -6.47 6.52 6.17
CA ILE C 46 -5.88 5.49 7.02
C ILE C 46 -6.92 4.43 7.35
N HIS C 47 -8.10 4.83 7.79
CA HIS C 47 -9.07 3.87 8.24
C HIS C 47 -10.17 3.62 7.26
N GLY C 48 -10.23 4.26 6.10
CA GLY C 48 -11.37 4.02 5.19
C GLY C 48 -12.62 4.84 5.62
N HIS C 49 -13.80 4.33 5.34
CA HIS C 49 -15.02 5.00 5.60
C HIS C 49 -15.42 4.78 7.06
N ILE C 50 -15.46 5.86 7.81
CA ILE C 50 -15.69 5.93 9.22
C ILE C 50 -17.15 6.50 9.39
N GLU C 51 -17.94 5.90 10.25
CA GLU C 51 -19.31 6.42 10.54
C GLU C 51 -19.29 7.35 11.76
N LEU C 52 -19.90 8.52 11.66
CA LEU C 52 -19.99 9.42 12.79
C LEU C 52 -21.43 9.62 13.23
N HIS C 53 -21.68 9.28 14.47
CA HIS C 53 -22.96 9.53 15.13
C HIS C 53 -23.28 11.01 15.16
N PRO C 54 -24.55 11.40 15.02
CA PRO C 54 -24.80 12.84 14.92
C PRO C 54 -24.34 13.74 16.09
N LEU C 55 -24.19 13.18 17.29
CA LEU C 55 -23.67 13.90 18.40
C LEU C 55 -22.20 14.25 18.16
N LEU C 56 -21.44 13.29 17.66
CA LEU C 56 -20.02 13.54 17.30
C LEU C 56 -19.92 14.62 16.26
N VAL C 57 -20.85 14.62 15.30
CA VAL C 57 -20.86 15.61 14.23
C VAL C 57 -21.07 16.99 14.81
N ARG C 58 -21.99 17.09 15.76
CA ARG C 58 -22.24 18.33 16.48
C ARG C 58 -20.97 18.80 17.20
N ILE C 59 -20.22 17.91 17.81
CA ILE C 59 -18.98 18.31 18.49
C ILE C 59 -17.90 18.74 17.45
N ILE C 60 -17.85 18.07 16.32
CA ILE C 60 -16.86 18.34 15.31
C ILE C 60 -17.08 19.68 14.59
N ASP C 61 -18.33 20.03 14.37
CA ASP C 61 -18.73 21.26 13.71
C ASP C 61 -18.79 22.49 14.60
N THR C 62 -17.67 22.73 15.30
CA THR C 62 -17.49 23.85 16.17
C THR C 62 -16.15 24.51 15.89
N PRO C 63 -16.03 25.83 16.14
CA PRO C 63 -14.69 26.47 16.04
C PRO C 63 -13.59 25.80 16.92
N GLN C 64 -13.96 25.20 18.02
CA GLN C 64 -12.97 24.66 18.99
C GLN C 64 -12.39 23.37 18.44
N PHE C 65 -13.18 22.60 17.69
CA PHE C 65 -12.66 21.39 17.07
C PHE C 65 -12.01 21.68 15.72
N GLN C 66 -12.65 22.55 14.93
CA GLN C 66 -12.19 22.82 13.56
C GLN C 66 -10.83 23.53 13.58
N ARG C 67 -10.52 24.26 14.61
CA ARG C 67 -9.19 24.76 14.93
C ARG C 67 -8.08 23.78 14.71
N LEU C 68 -8.31 22.48 14.98
CA LEU C 68 -7.28 21.48 14.80
C LEU C 68 -6.86 21.22 13.36
N ARG C 69 -7.64 21.72 12.42
CA ARG C 69 -7.20 21.76 11.04
C ARG C 69 -6.00 22.64 10.84
N TYR C 70 -5.68 23.52 11.78
CA TYR C 70 -4.57 24.46 11.55
C TYR C 70 -3.39 24.26 12.50
N ILE C 71 -3.23 23.03 12.99
CA ILE C 71 -2.13 22.62 13.84
C ILE C 71 -1.50 21.35 13.30
N LYS C 72 -0.28 21.43 12.80
CA LYS C 72 0.37 20.31 12.20
C LYS C 72 0.68 19.27 13.24
N GLN C 73 0.37 18.00 12.93
CA GLN C 73 0.66 16.87 13.83
C GLN C 73 2.09 16.85 14.27
N LEU C 74 3.00 17.02 13.32
CA LEU C 74 4.43 16.83 13.60
C LEU C 74 5.22 18.13 13.69
N GLY C 75 4.56 19.27 13.76
CA GLY C 75 5.25 20.55 13.89
C GLY C 75 6.31 20.80 12.82
N GLY C 76 7.54 21.06 13.26
CA GLY C 76 8.68 21.24 12.38
C GLY C 76 9.13 20.06 11.59
N GLY C 77 8.63 18.86 11.92
CA GLY C 77 8.85 17.70 11.09
C GLY C 77 8.48 17.89 9.65
N TYR C 78 7.49 18.71 9.35
CA TYR C 78 7.07 19.00 7.97
C TYR C 78 8.20 19.65 7.19
N TYR C 79 9.11 20.31 7.90
CA TYR C 79 10.22 21.00 7.27
C TYR C 79 11.35 20.03 6.94
N VAL C 80 11.19 18.74 7.31
CA VAL C 80 12.16 17.70 6.97
C VAL C 80 11.56 16.58 6.15
N PHE C 81 10.34 16.19 6.49
CA PHE C 81 9.60 15.13 5.81
C PHE C 81 8.42 15.86 5.10
N PRO C 82 8.56 16.15 3.82
CA PRO C 82 7.53 16.95 3.13
C PRO C 82 6.17 16.31 3.00
N GLY C 83 6.07 15.01 3.20
CA GLY C 83 4.77 14.38 3.27
C GLY C 83 4.01 14.66 4.56
N ALA C 84 4.68 15.16 5.61
CA ALA C 84 4.09 15.30 6.92
C ALA C 84 3.36 16.61 7.08
N SER C 85 2.39 16.84 6.21
CA SER C 85 1.55 18.02 6.20
C SER C 85 0.25 17.79 7.05
N HIS C 86 0.05 16.61 7.56
CA HIS C 86 -1.20 16.27 8.24
C HIS C 86 -1.36 17.06 9.57
N ASN C 87 -2.61 17.34 9.92
CA ASN C 87 -2.97 18.11 11.05
C ASN C 87 -3.66 17.31 12.11
N ARG C 88 -3.79 17.92 13.32
CA ARG C 88 -4.38 17.26 14.43
C ARG C 88 -5.85 16.86 14.23
N PHE C 89 -6.58 17.59 13.38
CA PHE C 89 -7.97 17.33 13.09
C PHE C 89 -8.25 15.86 12.64
N GLU C 90 -7.56 15.46 11.60
CA GLU C 90 -7.72 14.12 11.06
C GLU C 90 -7.17 13.05 12.00
N HIS C 91 -6.10 13.34 12.72
CA HIS C 91 -5.64 12.39 13.74
C HIS C 91 -6.75 12.19 14.76
N SER C 92 -7.43 13.26 15.18
CA SER C 92 -8.48 13.16 16.21
C SER C 92 -9.70 12.35 15.75
N LEU C 93 -10.13 12.51 14.49
CA LEU C 93 -11.16 11.65 13.90
C LEU C 93 -10.77 10.19 13.99
N GLY C 94 -9.51 9.88 13.70
CA GLY C 94 -8.98 8.56 13.73
C GLY C 94 -8.96 7.98 15.14
N VAL C 95 -8.62 8.79 16.13
CA VAL C 95 -8.61 8.31 17.55
C VAL C 95 -10.03 8.00 18.00
N GLY C 96 -10.96 8.86 17.64
CA GLY C 96 -12.38 8.63 17.92
C GLY C 96 -12.92 7.38 17.26
N TYR C 97 -12.58 7.18 16.02
CA TYR C 97 -12.95 5.95 15.35
C TYR C 97 -12.34 4.71 16.03
N LEU C 98 -11.03 4.70 16.30
CA LEU C 98 -10.44 3.50 16.90
C LEU C 98 -10.94 3.25 18.33
N ALA C 99 -11.19 4.31 19.09
CA ALA C 99 -11.81 4.15 20.40
C ALA C 99 -13.14 3.43 20.31
N GLY C 100 -13.94 3.80 19.33
CA GLY C 100 -15.20 3.10 19.01
C GLY C 100 -15.02 1.67 18.59
N CYS C 101 -14.01 1.36 17.73
CA CYS C 101 -13.75 -0.04 17.33
C CYS C 101 -13.43 -0.89 18.56
N LEU C 102 -12.59 -0.42 19.46
CA LEU C 102 -12.19 -1.27 20.54
C LEU C 102 -13.36 -1.49 21.52
N VAL C 103 -14.09 -0.45 21.88
CA VAL C 103 -15.18 -0.62 22.81
C VAL C 103 -16.32 -1.50 22.21
N HIS C 104 -16.62 -1.33 20.91
CA HIS C 104 -17.60 -2.19 20.21
CA HIS C 104 -17.59 -2.19 20.22
C HIS C 104 -17.14 -3.66 20.20
N ALA C 105 -15.88 -3.88 19.89
CA ALA C 105 -15.35 -5.25 19.86
C ALA C 105 -15.45 -5.98 21.23
N LEU C 106 -15.16 -5.26 22.31
CA LEU C 106 -15.25 -5.83 23.66
C LEU C 106 -16.69 -6.17 23.96
N GLY C 107 -17.60 -5.27 23.60
CA GLY C 107 -19.07 -5.43 23.84
C GLY C 107 -19.71 -6.58 23.09
N GLU C 108 -19.35 -6.78 21.83
CA GLU C 108 -19.81 -7.91 21.05
C GLU C 108 -19.28 -9.25 21.55
N LYS C 109 -18.00 -9.37 21.85
CA LYS C 109 -17.45 -10.62 22.40
C LYS C 109 -17.92 -10.92 23.83
N GLN C 110 -18.12 -9.90 24.66
CA GLN C 110 -18.45 -10.08 26.10
C GLN C 110 -19.68 -9.24 26.51
N PRO C 111 -20.90 -9.68 26.10
CA PRO C 111 -22.17 -9.02 26.53
C PRO C 111 -22.29 -8.86 28.05
N GLU C 112 -21.65 -9.75 28.80
CA GLU C 112 -21.73 -9.72 30.26
C GLU C 112 -21.07 -8.49 30.89
N LEU C 113 -20.28 -7.71 30.13
CA LEU C 113 -19.72 -6.48 30.64
C LEU C 113 -20.75 -5.34 30.68
N GLN C 114 -21.85 -5.49 29.95
CA GLN C 114 -22.94 -4.50 29.91
C GLN C 114 -22.50 -3.12 29.43
N ILE C 115 -21.71 -3.13 28.37
CA ILE C 115 -21.32 -1.91 27.72
C ILE C 115 -22.60 -1.34 27.03
N SER C 116 -23.05 -0.17 27.45
CA SER C 116 -24.21 0.50 26.88
C SER C 116 -23.80 1.45 25.72
N GLU C 117 -24.81 1.89 24.99
CA GLU C 117 -24.68 2.85 23.88
C GLU C 117 -24.14 4.17 24.35
N ARG C 118 -24.58 4.55 25.50
CA ARG C 118 -24.01 5.66 26.22
C ARG C 118 -22.47 5.56 26.49
N ASP C 119 -22.01 4.38 26.98
CA ASP C 119 -20.58 4.14 27.18
C ASP C 119 -19.79 4.30 25.86
N VAL C 120 -20.31 3.71 24.80
CA VAL C 120 -19.70 3.80 23.49
C VAL C 120 -19.53 5.25 23.04
N LEU C 121 -20.59 6.06 23.16
CA LEU C 121 -20.48 7.45 22.76
C LEU C 121 -19.52 8.24 23.60
N CYS C 122 -19.52 8.04 24.92
CA CYS C 122 -18.58 8.71 25.77
C CYS C 122 -17.13 8.36 25.47
N VAL C 123 -16.87 7.09 25.16
CA VAL C 123 -15.54 6.67 24.78
C VAL C 123 -15.15 7.28 23.41
N GLN C 124 -16.07 7.30 22.46
CA GLN C 124 -15.77 7.92 21.14
C GLN C 124 -15.52 9.44 21.31
N ILE C 125 -16.33 10.09 22.12
CA ILE C 125 -16.14 11.51 22.36
C ILE C 125 -14.79 11.82 23.00
N ALA C 126 -14.40 11.03 23.99
CA ALA C 126 -13.11 11.21 24.61
C ALA C 126 -11.98 10.98 23.60
N GLY C 127 -12.13 10.00 22.76
CA GLY C 127 -11.16 9.78 21.70
C GLY C 127 -11.05 10.96 20.76
N LEU C 128 -12.20 11.51 20.34
CA LEU C 128 -12.22 12.69 19.48
C LEU C 128 -11.59 13.90 20.07
N CYS C 129 -11.76 14.08 21.37
CA CYS C 129 -11.42 15.29 22.05
C CYS C 129 -10.10 15.28 22.81
N ARG C 130 -9.36 14.16 22.80
CA ARG C 130 -8.13 14.21 23.55
C ARG C 130 -7.03 15.08 23.02
N ASN C 131 -7.10 15.45 21.76
CA ASN C 131 -6.11 16.39 21.16
C ASN C 131 -6.58 17.87 21.15
N LEU C 132 -7.70 18.23 21.77
CA LEU C 132 -8.22 19.59 21.67
C LEU C 132 -7.26 20.63 22.21
N GLY C 133 -6.44 20.26 23.18
CA GLY C 133 -5.63 21.23 23.88
C GLY C 133 -4.28 21.51 23.25
N HIS C 134 -3.97 20.88 22.14
CA HIS C 134 -2.71 21.16 21.46
C HIS C 134 -2.61 22.58 20.98
N GLY C 135 -1.37 23.05 20.98
CA GLY C 135 -1.03 24.40 20.53
C GLY C 135 -0.29 24.39 19.26
N PRO C 136 0.08 25.57 18.76
CA PRO C 136 0.85 25.70 17.54
C PRO C 136 2.05 24.69 17.45
N PHE C 137 2.15 23.94 16.39
CA PHE C 137 3.21 22.99 16.16
C PHE C 137 3.22 21.83 17.15
N SER C 138 2.07 21.55 17.76
CA SER C 138 1.87 20.43 18.62
C SER C 138 2.97 20.39 19.73
N HIS C 139 3.82 19.37 19.78
CA HIS C 139 4.74 19.22 20.91
C HIS C 139 5.72 20.35 21.10
N MET C 140 6.00 21.11 20.06
CA MET C 140 6.78 22.32 20.23
C MET C 140 6.22 23.29 21.29
N PHE C 141 4.91 23.47 21.29
CA PHE C 141 4.25 24.43 22.14
C PHE C 141 4.27 24.07 23.63
N ASP C 142 3.95 22.84 23.97
CA ASP C 142 4.01 22.45 25.38
C ASP C 142 5.33 21.82 25.82
N GLY C 143 6.11 21.31 24.88
CA GLY C 143 7.46 20.77 25.16
C GLY C 143 8.59 21.80 25.18
N ARG C 144 8.51 22.90 24.40
CA ARG C 144 9.57 23.91 24.34
C ARG C 144 9.13 25.31 24.69
N PHE C 145 8.08 25.82 24.06
CA PHE C 145 7.69 27.21 24.18
C PHE C 145 7.16 27.60 25.56
N ILE C 146 6.07 26.96 25.98
CA ILE C 146 5.50 27.27 27.28
C ILE C 146 6.49 27.13 28.49
N PRO C 147 7.18 25.99 28.64
CA PRO C 147 8.24 25.93 29.70
C PRO C 147 9.28 27.07 29.68
N LEU C 148 9.65 27.62 28.52
CA LEU C 148 10.57 28.77 28.47
C LEU C 148 9.91 30.11 28.70
N ALA C 149 8.70 30.29 28.18
CA ALA C 149 7.99 31.58 28.28
C ALA C 149 7.29 31.79 29.64
N ARG C 150 6.78 30.71 30.21
CA ARG C 150 6.10 30.68 31.50
C ARG C 150 6.71 29.55 32.37
N PRO C 151 8.00 29.68 32.77
CA PRO C 151 8.70 28.61 33.54
C PRO C 151 8.04 28.21 34.87
N GLU C 152 7.32 29.14 35.48
CA GLU C 152 6.61 28.94 36.75
C GLU C 152 5.33 28.08 36.65
N VAL C 153 4.68 27.96 35.50
CA VAL C 153 3.43 27.20 35.41
C VAL C 153 3.70 25.77 34.94
N LYS C 154 2.74 24.87 35.11
CA LYS C 154 2.88 23.46 34.71
C LYS C 154 1.68 23.26 33.82
N TRP C 155 1.92 23.34 32.51
CA TRP C 155 0.84 23.20 31.54
C TRP C 155 1.08 21.94 30.73
N THR C 156 0.03 21.19 30.44
CA THR C 156 0.11 20.08 29.48
C THR C 156 -1.02 20.23 28.45
N HIS C 157 -0.82 19.65 27.27
CA HIS C 157 -1.88 19.58 26.28
C HIS C 157 -3.14 18.83 26.80
N GLU C 158 -2.95 17.82 27.61
CA GLU C 158 -4.05 17.13 28.33
C GLU C 158 -4.96 18.07 29.15
N GLN C 159 -4.38 18.88 30.00
CA GLN C 159 -5.15 19.83 30.78
C GLN C 159 -5.82 20.79 29.82
N GLY C 160 -5.10 21.20 28.78
CA GLY C 160 -5.69 22.05 27.77
C GLY C 160 -6.90 21.42 27.08
N SER C 161 -6.83 20.12 26.81
CA SER C 161 -7.95 19.42 26.19
C SER C 161 -9.20 19.45 27.04
N VAL C 162 -9.04 19.28 28.36
CA VAL C 162 -10.15 19.28 29.26
C VAL C 162 -10.80 20.65 29.27
N MET C 163 -9.99 21.69 29.35
CA MET C 163 -10.48 23.06 29.37
C MET C 163 -11.10 23.43 28.02
N MET C 164 -10.48 23.02 26.93
CA MET C 164 -11.04 23.29 25.61
C MET C 164 -12.35 22.53 25.40
N PHE C 165 -12.48 21.34 25.97
CA PHE C 165 -13.71 20.57 25.86
C PHE C 165 -14.85 21.25 26.59
N GLU C 166 -14.60 21.68 27.81
CA GLU C 166 -15.58 22.43 28.57
C GLU C 166 -16.07 23.67 27.81
N HIS C 167 -15.13 24.45 27.31
CA HIS C 167 -15.49 25.60 26.47
C HIS C 167 -16.28 25.21 25.22
N LEU C 168 -15.89 24.11 24.56
CA LEU C 168 -16.62 23.61 23.39
C LEU C 168 -18.06 23.26 23.78
N ILE C 169 -18.23 22.56 24.89
CA ILE C 169 -19.56 22.16 25.35
C ILE C 169 -20.44 23.38 25.61
N ASN C 170 -19.93 24.32 26.39
CA ASN C 170 -20.73 25.45 26.84
C ASN C 170 -20.98 26.50 25.79
N SER C 171 -20.03 26.73 24.89
CA SER C 171 -20.23 27.70 23.80
C SER C 171 -21.14 27.22 22.71
N ASN C 172 -21.39 25.92 22.57
CA ASN C 172 -22.11 25.40 21.40
C ASN C 172 -23.42 24.68 21.73
N GLY C 173 -23.90 24.76 22.96
CA GLY C 173 -25.16 24.14 23.37
C GLY C 173 -25.17 22.63 23.16
N ILE C 174 -24.07 21.97 23.49
CA ILE C 174 -23.95 20.53 23.34
C ILE C 174 -24.70 19.70 24.39
N LYS C 175 -24.84 20.20 25.59
CA LYS C 175 -25.56 19.49 26.66
C LYS C 175 -26.99 19.00 26.32
N PRO C 176 -27.87 19.88 25.76
CA PRO C 176 -29.20 19.39 25.29
C PRO C 176 -29.09 18.33 24.18
N VAL C 177 -28.06 18.43 23.37
CA VAL C 177 -27.84 17.43 22.32
C VAL C 177 -27.37 16.10 22.95
N MET C 178 -26.50 16.14 23.94
CA MET C 178 -26.17 14.94 24.70
C MET C 178 -27.42 14.25 25.32
N GLU C 179 -28.31 15.04 25.91
CA GLU C 179 -29.51 14.49 26.51
C GLU C 179 -30.42 13.83 25.50
N GLN C 180 -30.57 14.45 24.34
CA GLN C 180 -31.32 13.87 23.24
C GLN C 180 -30.88 12.42 22.87
N TYR C 181 -29.60 12.09 23.03
CA TYR C 181 -29.10 10.77 22.68
C TYR C 181 -28.86 9.89 23.91
N GLY C 182 -29.49 10.23 25.01
CA GLY C 182 -29.44 9.39 26.21
C GLY C 182 -28.27 9.63 27.16
N LEU C 183 -27.35 10.54 26.86
CA LEU C 183 -26.27 10.86 27.80
C LEU C 183 -26.78 11.68 29.00
N ILE C 184 -26.15 11.49 30.15
CA ILE C 184 -26.45 12.25 31.37
C ILE C 184 -25.26 13.19 31.59
N PRO C 185 -25.44 14.45 31.19
CA PRO C 185 -24.28 15.35 31.09
C PRO C 185 -23.41 15.42 32.32
N GLU C 186 -23.99 15.54 33.48
CA GLU C 186 -23.17 15.59 34.71
C GLU C 186 -22.10 14.46 34.78
N GLU C 187 -22.57 13.20 34.77
CA GLU C 187 -21.71 12.02 34.92
C GLU C 187 -20.85 11.81 33.67
N ASP C 188 -21.44 11.96 32.48
CA ASP C 188 -20.77 11.65 31.22
C ASP C 188 -19.69 12.65 30.84
N ILE C 189 -19.92 13.94 31.08
CA ILE C 189 -18.87 14.94 30.95
C ILE C 189 -17.71 14.64 31.86
N CYS C 190 -18.01 14.27 33.09
CA CYS C 190 -16.97 13.89 34.03
C CYS C 190 -16.20 12.65 33.50
N PHE C 191 -16.93 11.68 32.96
CA PHE C 191 -16.32 10.51 32.43
C PHE C 191 -15.37 10.85 31.28
N ILE C 192 -15.83 11.72 30.37
CA ILE C 192 -15.06 12.05 29.23
C ILE C 192 -13.78 12.73 29.63
N LYS C 193 -13.88 13.69 30.54
CA LYS C 193 -12.70 14.43 30.99
C LYS C 193 -11.71 13.52 31.70
N GLU C 194 -12.24 12.60 32.52
CA GLU C 194 -11.39 11.65 33.21
C GLU C 194 -10.65 10.70 32.29
N GLN C 195 -11.24 10.35 31.15
CA GLN C 195 -10.58 9.51 30.19
C GLN C 195 -9.39 10.22 29.57
N ILE C 196 -9.43 11.55 29.51
CA ILE C 196 -8.35 12.29 28.89
C ILE C 196 -7.22 12.59 29.88
N VAL C 197 -7.56 12.95 31.09
CA VAL C 197 -6.60 13.51 32.01
C VAL C 197 -6.39 12.68 33.30
N GLY C 198 -7.18 11.63 33.55
CA GLY C 198 -7.12 10.86 34.77
C GLY C 198 -8.07 11.43 35.83
N PRO C 199 -7.95 10.97 37.08
CA PRO C 199 -8.70 11.41 38.25
C PRO C 199 -9.17 12.88 38.37
N LEU C 208 -8.40 2.54 46.85
CA LEU C 208 -9.71 3.16 46.82
C LEU C 208 -10.01 3.79 45.41
N TRP C 209 -11.09 3.34 44.77
CA TRP C 209 -11.47 3.76 43.40
C TRP C 209 -11.62 5.31 43.25
N PRO C 210 -10.70 5.95 42.50
CA PRO C 210 -10.60 7.41 42.43
C PRO C 210 -11.50 8.10 41.37
N TYR C 211 -12.18 7.35 40.51
CA TYR C 211 -12.90 7.95 39.43
C TYR C 211 -14.38 8.12 39.78
N LYS C 212 -15.00 9.18 39.24
CA LYS C 212 -16.41 9.48 39.45
C LYS C 212 -17.33 9.30 38.27
N GLY C 213 -16.80 9.30 37.07
CA GLY C 213 -17.64 9.21 35.88
C GLY C 213 -18.18 7.84 35.61
N ARG C 214 -17.51 6.80 36.08
CA ARG C 214 -18.01 5.44 35.99
C ARG C 214 -17.56 4.67 37.22
N PRO C 215 -18.37 3.69 37.68
CA PRO C 215 -17.96 2.82 38.82
C PRO C 215 -16.90 1.79 38.41
N GLU C 216 -16.33 1.10 39.38
CA GLU C 216 -15.27 0.10 39.17
C GLU C 216 -15.59 -1.03 38.22
N ASN C 217 -16.86 -1.43 38.11
CA ASN C 217 -17.21 -2.49 37.14
C ASN C 217 -17.07 -2.07 35.65
N LYS C 218 -16.86 -0.77 35.38
CA LYS C 218 -16.51 -0.32 34.02
C LYS C 218 -15.07 0.16 33.89
N SER C 219 -14.20 -0.33 34.76
CA SER C 219 -12.83 0.15 34.87
C SER C 219 -12.02 -0.02 33.62
N PHE C 220 -12.25 -1.10 32.92
CA PHE C 220 -11.67 -1.32 31.58
C PHE C 220 -11.87 -0.19 30.56
N LEU C 221 -12.94 0.59 30.68
CA LEU C 221 -13.21 1.69 29.75
C LEU C 221 -12.16 2.78 29.81
N TYR C 222 -11.52 2.95 30.97
CA TYR C 222 -10.45 3.93 31.15
C TYR C 222 -9.11 3.56 30.55
N GLU C 223 -9.01 2.38 29.98
CA GLU C 223 -7.80 1.93 29.29
C GLU C 223 -7.83 2.11 27.75
N ILE C 224 -8.85 2.71 27.17
CA ILE C 224 -8.98 2.77 25.74
C ILE C 224 -8.33 4.02 25.14
N VAL C 225 -8.71 5.20 25.64
CA VAL C 225 -8.29 6.46 25.06
C VAL C 225 -6.93 6.91 25.52
N SER C 226 -6.67 6.80 26.80
CA SER C 226 -5.43 7.24 27.41
C SER C 226 -5.18 6.27 28.54
N ASN C 227 -4.26 5.35 28.30
CA ASN C 227 -3.97 4.25 29.21
C ASN C 227 -2.81 4.61 30.11
N LYS C 228 -3.14 4.93 31.35
CA LYS C 228 -2.17 5.36 32.36
C LYS C 228 -1.37 4.18 32.92
N ARG C 229 -1.91 2.99 32.86
CA ARG C 229 -1.24 1.81 33.40
C ARG C 229 -0.02 1.40 32.57
N ASN C 230 -0.15 1.36 31.25
CA ASN C 230 0.95 0.87 30.40
C ASN C 230 1.16 1.60 29.06
N GLY C 231 0.37 2.59 28.74
CA GLY C 231 0.55 3.32 27.47
C GLY C 231 0.00 2.69 26.19
N ILE C 232 -0.70 1.56 26.29
CA ILE C 232 -1.26 0.92 25.16
C ILE C 232 -2.65 1.46 24.97
N ASP C 233 -2.80 2.37 24.01
CA ASP C 233 -4.06 3.01 23.74
C ASP C 233 -4.23 3.40 22.28
N VAL C 234 -5.45 3.78 21.95
CA VAL C 234 -5.79 3.98 20.56
C VAL C 234 -5.16 5.24 19.95
N ASP C 235 -4.75 6.22 20.77
CA ASP C 235 -4.10 7.40 20.24
C ASP C 235 -2.76 6.99 19.53
N LYS C 236 -1.96 6.11 20.13
CA LYS C 236 -0.77 5.60 19.50
C LYS C 236 -1.07 4.86 18.24
N TRP C 237 -2.11 4.05 18.26
CA TRP C 237 -2.41 3.27 17.10
C TRP C 237 -2.73 4.17 15.91
N ASP C 238 -3.47 5.26 16.10
CA ASP C 238 -3.73 6.10 14.97
C ASP C 238 -2.48 6.79 14.49
N TYR C 239 -1.67 7.38 15.39
CA TYR C 239 -0.50 8.11 14.92
C TYR C 239 0.58 7.18 14.30
N PHE C 240 0.71 5.96 14.78
CA PHE C 240 1.62 5.04 14.07
C PHE C 240 1.26 4.92 12.61
N ALA C 241 -0.02 4.64 12.34
CA ALA C 241 -0.45 4.38 10.98
C ALA C 241 -0.43 5.65 10.18
N ARG C 242 -0.95 6.74 10.76
CA ARG C 242 -1.08 7.99 10.07
C ARG C 242 0.30 8.64 9.82
N ASP C 243 1.15 8.73 10.84
CA ASP C 243 2.46 9.35 10.65
C ASP C 243 3.24 8.57 9.62
N CYS C 244 3.24 7.23 9.70
CA CYS C 244 3.92 6.42 8.72
C CYS C 244 3.46 6.63 7.26
N HIS C 245 2.16 6.70 7.03
CA HIS C 245 1.60 6.99 5.71
C HIS C 245 2.13 8.28 5.11
N HIS C 246 2.32 9.31 5.96
CA HIS C 246 2.72 10.63 5.54
C HIS C 246 4.21 10.83 5.52
N LEU C 247 4.95 10.16 6.39
CA LEU C 247 6.36 10.33 6.46
C LEU C 247 7.10 9.54 5.39
N GLY C 248 6.51 8.46 4.91
CA GLY C 248 7.19 7.55 4.02
C GLY C 248 8.04 6.53 4.70
N ILE C 249 7.62 6.07 5.84
CA ILE C 249 8.29 5.01 6.62
C ILE C 249 7.13 4.08 6.89
N GLN C 250 7.34 2.81 6.80
CA GLN C 250 6.26 1.84 6.78
C GLN C 250 6.05 1.35 8.27
N ASN C 251 4.76 1.22 8.61
CA ASN C 251 4.37 0.82 9.97
C ASN C 251 4.37 -0.71 10.15
N ASN C 252 5.06 -1.32 11.10
CA ASN C 252 4.85 -2.77 11.34
C ASN C 252 4.01 -3.19 12.58
N PHE C 253 3.26 -2.29 13.20
CA PHE C 253 2.39 -2.75 14.27
C PHE C 253 0.96 -2.97 13.73
N ASP C 254 0.34 -4.13 14.07
CA ASP C 254 -1.01 -4.44 13.57
C ASP C 254 -2.05 -4.28 14.71
N TYR C 255 -2.65 -3.10 14.80
CA TYR C 255 -3.60 -2.74 15.79
C TYR C 255 -4.88 -3.55 15.63
N LYS C 256 -5.27 -3.90 14.41
CA LYS C 256 -6.46 -4.71 14.23
C LYS C 256 -6.29 -6.09 14.79
N ARG C 257 -5.09 -6.65 14.64
CA ARG C 257 -4.84 -7.93 15.21
C ARG C 257 -5.00 -7.79 16.74
N PHE C 258 -4.42 -6.74 17.33
CA PHE C 258 -4.53 -6.54 18.73
C PHE C 258 -6.01 -6.48 19.23
N ILE C 259 -6.85 -5.73 18.53
CA ILE C 259 -8.25 -5.61 18.86
C ILE C 259 -8.95 -6.89 18.80
N LYS C 260 -8.71 -7.67 17.78
CA LYS C 260 -9.29 -9.02 17.76
C LYS C 260 -8.92 -9.95 18.88
N PHE C 261 -7.72 -9.87 19.44
CA PHE C 261 -7.36 -10.74 20.55
C PHE C 261 -7.64 -10.15 21.93
N ALA C 262 -8.22 -8.94 22.02
CA ALA C 262 -8.35 -8.30 23.28
C ALA C 262 -9.58 -8.83 24.02
N ARG C 263 -9.46 -9.00 25.33
CA ARG C 263 -10.56 -9.40 26.19
C ARG C 263 -10.48 -8.72 27.53
N VAL C 264 -11.60 -8.67 28.23
CA VAL C 264 -11.63 -8.08 29.55
C VAL C 264 -11.65 -9.24 30.53
N CYS C 265 -10.73 -9.21 31.48
CA CYS C 265 -10.67 -10.20 32.59
C CYS C 265 -10.43 -9.49 33.92
N GLU C 266 -10.71 -10.21 35.00
CA GLU C 266 -10.50 -9.75 36.35
C GLU C 266 -9.01 -9.90 36.70
N VAL C 267 -8.40 -8.81 37.14
CA VAL C 267 -7.00 -8.78 37.57
C VAL C 267 -6.95 -8.06 38.92
N ASP C 268 -6.51 -8.72 39.99
CA ASP C 268 -6.58 -8.12 41.37
C ASP C 268 -7.94 -7.45 41.66
N ASN C 269 -9.04 -8.16 41.45
CA ASN C 269 -10.42 -7.63 41.67
C ASN C 269 -10.91 -6.40 40.88
N GLU C 270 -10.22 -6.06 39.79
CA GLU C 270 -10.65 -5.03 38.88
C GLU C 270 -10.69 -5.58 37.43
N LEU C 271 -11.77 -5.32 36.71
CA LEU C 271 -11.82 -5.67 35.30
C LEU C 271 -10.86 -4.83 34.45
N ARG C 272 -9.99 -5.49 33.71
CA ARG C 272 -8.99 -4.83 32.80
C ARG C 272 -9.00 -5.47 31.41
N ILE C 273 -8.54 -4.68 30.45
CA ILE C 273 -8.29 -5.17 29.12
C ILE C 273 -7.03 -6.03 29.13
N CYS C 274 -7.15 -7.31 28.75
CA CYS C 274 -6.03 -8.22 28.62
C CYS C 274 -5.76 -8.59 27.18
N ALA C 275 -4.50 -8.87 26.90
CA ALA C 275 -4.05 -9.36 25.61
C ALA C 275 -3.87 -10.88 25.65
N ARG C 276 -4.03 -11.49 24.49
CA ARG C 276 -3.67 -12.89 24.38
C ARG C 276 -2.18 -13.13 24.60
N ASP C 277 -1.86 -14.16 25.36
CA ASP C 277 -0.47 -14.50 25.72
C ASP C 277 0.52 -14.46 24.57
N LYS C 278 0.21 -15.16 23.48
CA LYS C 278 1.00 -15.14 22.22
C LYS C 278 1.29 -13.79 21.63
N GLU C 279 0.45 -12.82 21.83
CA GLU C 279 0.71 -11.51 21.35
C GLU C 279 1.81 -10.72 22.08
N VAL C 280 2.45 -11.26 23.10
CA VAL C 280 3.38 -10.49 23.91
C VAL C 280 4.54 -9.97 23.12
N GLY C 281 5.07 -10.80 22.21
CA GLY C 281 6.05 -10.37 21.19
C GLY C 281 5.64 -9.15 20.43
N ASN C 282 4.39 -9.09 19.99
CA ASN C 282 3.91 -7.99 19.22
C ASN C 282 3.85 -6.70 20.06
N LEU C 283 3.59 -6.80 21.36
CA LEU C 283 3.58 -5.62 22.24
C LEU C 283 4.97 -5.08 22.43
N TYR C 284 5.95 -5.94 22.63
CA TYR C 284 7.36 -5.49 22.62
C TYR C 284 7.71 -4.81 21.27
N ASP C 285 7.29 -5.39 20.16
CA ASP C 285 7.47 -4.74 18.84
C ASP C 285 6.76 -3.40 18.78
N MET C 286 5.60 -3.26 19.42
CA MET C 286 4.90 -2.00 19.34
C MET C 286 5.71 -0.83 19.98
N PHE C 287 6.34 -1.08 21.12
CA PHE C 287 7.12 -0.03 21.77
C PHE C 287 8.45 0.13 21.02
N HIS C 288 8.96 -0.93 20.44
CA HIS C 288 10.13 -0.82 19.59
C HIS C 288 9.87 0.10 18.37
N THR C 289 8.72 -0.07 17.74
CA THR C 289 8.26 0.85 16.69
C THR C 289 8.11 2.29 17.13
N ARG C 290 7.47 2.52 18.25
CA ARG C 290 7.42 3.87 18.84
C ARG C 290 8.81 4.48 18.97
N ASN C 291 9.76 3.74 19.50
CA ASN C 291 11.12 4.19 19.60
C ASN C 291 11.77 4.48 18.27
N SER C 292 11.61 3.63 17.26
CA SER C 292 12.07 3.89 15.89
C SER C 292 11.48 5.12 15.31
N LEU C 293 10.20 5.34 15.49
CA LEU C 293 9.62 6.56 14.97
C LEU C 293 10.20 7.84 15.62
N HIS C 294 10.45 7.81 16.92
CA HIS C 294 11.12 8.88 17.59
C HIS C 294 12.55 9.10 17.01
N ARG C 295 13.32 8.03 16.84
CA ARG C 295 14.67 8.19 16.31
C ARG C 295 14.71 8.69 14.87
N ARG C 296 13.85 8.19 14.01
CA ARG C 296 13.96 8.49 12.65
C ARG C 296 13.30 9.79 12.31
N ALA C 297 12.19 10.12 12.97
CA ALA C 297 11.35 11.20 12.56
C ALA C 297 11.11 12.24 13.65
N TYR C 298 10.47 11.88 14.74
CA TYR C 298 10.06 12.91 15.70
C TYR C 298 11.20 13.66 16.38
N GLN C 299 12.37 13.03 16.60
CA GLN C 299 13.55 13.65 17.17
C GLN C 299 14.63 13.78 16.12
N HIS C 300 14.23 13.91 14.86
CA HIS C 300 15.20 14.17 13.80
C HIS C 300 15.94 15.45 14.20
N LYS C 301 17.27 15.41 14.10
CA LYS C 301 18.14 16.53 14.55
C LYS C 301 17.80 17.89 13.88
N VAL C 302 17.41 17.88 12.61
CA VAL C 302 16.99 19.11 11.94
C VAL C 302 15.56 19.48 12.24
N GLY C 303 14.65 18.52 12.29
CA GLY C 303 13.31 18.81 12.81
C GLY C 303 13.30 19.49 14.17
N ASN C 304 14.12 19.02 15.10
CA ASN C 304 14.19 19.63 16.39
C ASN C 304 14.80 21.04 16.35
N ILE C 305 15.79 21.29 15.53
CA ILE C 305 16.40 22.59 15.50
C ILE C 305 15.46 23.59 14.83
N ILE C 306 14.65 23.15 13.89
CA ILE C 306 13.59 24.00 13.36
C ILE C 306 12.53 24.32 14.41
N ASP C 307 12.09 23.34 15.16
CA ASP C 307 11.20 23.63 16.35
C ASP C 307 11.85 24.63 17.34
N THR C 308 13.15 24.55 17.52
CA THR C 308 13.86 25.45 18.40
C THR C 308 13.90 26.88 17.86
N MET C 309 14.16 27.01 16.57
CA MET C 309 14.16 28.32 15.94
C MET C 309 12.76 28.94 15.96
N ILE C 310 11.73 28.15 15.75
CA ILE C 310 10.38 28.67 15.80
C ILE C 310 10.04 29.11 17.23
N THR C 311 10.43 28.29 18.20
CA THR C 311 10.28 28.68 19.61
C THR C 311 10.94 30.00 19.91
N ASP C 312 12.18 30.21 19.43
CA ASP C 312 12.91 31.46 19.64
C ASP C 312 12.17 32.61 18.99
N ALA C 313 11.69 32.45 17.75
CA ALA C 313 10.88 33.49 17.12
C ALA C 313 9.61 33.82 17.93
N PHE C 314 8.93 32.80 18.45
CA PHE C 314 7.74 33.03 19.26
C PHE C 314 8.12 33.73 20.57
N LEU C 315 9.29 33.43 21.15
CA LEU C 315 9.71 34.16 22.36
C LEU C 315 9.93 35.66 22.10
N LYS C 316 10.62 36.00 21.02
CA LYS C 316 10.85 37.38 20.64
C LYS C 316 9.61 38.14 20.18
N ALA C 317 8.58 37.41 19.73
CA ALA C 317 7.33 38.01 19.31
C ALA C 317 6.31 38.15 20.44
N ASP C 318 6.49 37.41 21.53
CA ASP C 318 5.51 37.27 22.60
C ASP C 318 5.04 38.58 23.24
N ASP C 319 5.97 39.55 23.42
CA ASP C 319 5.59 40.82 23.93
C ASP C 319 4.67 41.68 23.01
N TYR C 320 4.63 41.37 21.71
CA TYR C 320 4.06 42.27 20.74
C TYR C 320 2.81 41.76 20.02
N ILE C 321 2.52 40.45 20.01
CA ILE C 321 1.33 39.92 19.33
C ILE C 321 0.19 39.94 20.37
N GLU C 322 -0.99 40.40 19.95
CA GLU C 322 -2.16 40.38 20.83
C GLU C 322 -3.23 39.45 20.31
N ILE C 323 -3.80 38.63 21.19
CA ILE C 323 -4.90 37.76 20.85
C ILE C 323 -6.09 38.14 21.71
N THR C 324 -7.20 38.43 21.08
CA THR C 324 -8.41 38.85 21.77
C THR C 324 -9.16 37.61 22.27
N GLY C 325 -9.49 37.64 23.57
CA GLY C 325 -10.23 36.58 24.24
C GLY C 325 -11.61 37.00 24.72
N ALA C 326 -12.08 36.39 25.78
CA ALA C 326 -13.42 36.66 26.29
C ALA C 326 -13.44 38.11 26.80
N GLY C 327 -14.57 38.77 26.60
CA GLY C 327 -14.79 40.14 27.08
C GLY C 327 -14.14 41.20 26.20
N GLY C 328 -13.36 40.86 25.20
CA GLY C 328 -12.40 41.80 24.63
C GLY C 328 -10.99 41.90 25.28
N LYS C 329 -10.73 41.16 26.36
CA LYS C 329 -9.43 41.21 27.05
C LYS C 329 -8.33 40.66 26.13
N LYS C 330 -7.14 41.24 26.23
CA LYS C 330 -6.02 40.92 25.35
C LYS C 330 -5.09 39.93 26.01
N TYR C 331 -4.58 38.97 25.22
CA TYR C 331 -3.64 37.98 25.70
C TYR C 331 -2.44 37.96 24.81
N ARG C 332 -1.38 37.35 25.30
CA ARG C 332 -0.19 37.08 24.49
C ARG C 332 -0.16 35.62 24.05
N ILE C 333 0.78 35.27 23.17
CA ILE C 333 0.97 33.87 22.75
C ILE C 333 1.15 33.01 24.00
N SER C 334 1.92 33.49 24.98
CA SER C 334 2.18 32.72 26.19
C SER C 334 1.07 32.72 27.22
N THR C 335 0.12 33.63 27.11
CA THR C 335 -1.03 33.71 28.07
C THR C 335 -2.36 33.28 27.48
N ALA C 336 -2.39 33.00 26.18
CA ALA C 336 -3.62 32.53 25.55
C ALA C 336 -4.11 31.24 26.17
N ILE C 337 -3.20 30.43 26.74
CA ILE C 337 -3.61 29.24 27.47
C ILE C 337 -4.46 29.50 28.70
N ASP C 338 -4.54 30.72 29.19
CA ASP C 338 -5.38 31.04 30.34
C ASP C 338 -6.82 31.44 29.98
N ASP C 339 -7.15 31.52 28.68
CA ASP C 339 -8.49 31.87 28.22
C ASP C 339 -8.83 31.13 26.93
N MET C 340 -9.80 30.24 27.01
CA MET C 340 -10.07 29.31 25.93
C MET C 340 -10.58 29.99 24.65
N GLU C 341 -11.25 31.11 24.78
CA GLU C 341 -11.64 31.89 23.63
C GLU C 341 -10.43 32.48 22.87
N ALA C 342 -9.37 32.87 23.57
CA ALA C 342 -8.13 33.30 22.91
C ALA C 342 -7.40 32.14 22.34
N TYR C 343 -7.29 31.08 23.12
CA TYR C 343 -6.56 29.90 22.69
C TYR C 343 -7.17 29.27 21.43
N THR C 344 -8.47 29.34 21.27
CA THR C 344 -9.18 28.95 20.05
C THR C 344 -8.55 29.56 18.80
N LYS C 345 -8.04 30.79 18.91
CA LYS C 345 -7.44 31.48 17.75
C LYS C 345 -5.94 31.35 17.69
N LEU C 346 -5.35 30.47 18.48
CA LEU C 346 -3.92 30.31 18.54
C LEU C 346 -3.52 29.03 17.83
N THR C 347 -3.02 29.18 16.62
CA THR C 347 -2.72 28.04 15.75
C THR C 347 -1.41 28.30 15.03
N ASP C 348 -1.05 27.40 14.11
CA ASP C 348 0.15 27.57 13.28
C ASP C 348 0.13 28.91 12.54
N ASN C 349 -1.02 29.50 12.31
CA ASN C 349 -1.12 30.79 11.69
C ASN C 349 -0.23 31.87 12.31
N ILE C 350 0.05 31.76 13.61
CA ILE C 350 0.96 32.67 14.29
C ILE C 350 2.34 32.75 13.60
N PHE C 351 2.83 31.64 13.08
CA PHE C 351 4.07 31.57 12.33
C PHE C 351 4.02 32.56 11.14
N LEU C 352 2.96 32.52 10.37
CA LEU C 352 2.77 33.38 9.19
C LEU C 352 2.43 34.83 9.53
N GLU C 353 1.67 35.05 10.58
CA GLU C 353 1.51 36.39 11.11
C GLU C 353 2.89 37.01 11.42
N ILE C 354 3.79 36.28 12.03
CA ILE C 354 5.10 36.80 12.31
C ILE C 354 5.86 36.97 11.00
N LEU C 355 5.89 35.95 10.17
CA LEU C 355 6.66 36.00 8.92
C LEU C 355 6.25 37.13 7.97
N TYR C 356 4.94 37.40 7.88
CA TYR C 356 4.42 38.43 6.98
C TYR C 356 4.29 39.81 7.63
N SER C 357 4.57 39.95 8.92
CA SER C 357 4.43 41.24 9.60
C SER C 357 5.37 42.28 9.02
N THR C 358 5.01 43.56 9.17
CA THR C 358 5.91 44.69 8.85
C THR C 358 6.30 45.54 10.05
N ASP C 359 5.57 45.41 11.16
CA ASP C 359 5.82 46.10 12.41
C ASP C 359 7.29 46.02 12.81
N PRO C 360 7.95 47.17 13.04
CA PRO C 360 9.38 47.08 13.47
C PRO C 360 9.64 46.31 14.77
N LYS C 361 8.65 46.27 15.67
CA LYS C 361 8.80 45.52 16.91
C LYS C 361 8.89 44.01 16.73
N LEU C 362 8.41 43.48 15.60
CA LEU C 362 8.49 42.05 15.28
C LEU C 362 9.67 41.73 14.40
N LYS C 363 10.57 42.69 14.17
CA LYS C 363 11.70 42.44 13.30
C LYS C 363 12.56 41.23 13.71
N ASP C 364 12.94 41.12 14.98
CA ASP C 364 13.89 40.07 15.35
C ASP C 364 13.23 38.69 15.20
N ALA C 365 11.96 38.60 15.58
CA ALA C 365 11.19 37.40 15.41
C ALA C 365 11.06 37.03 13.91
N ARG C 366 10.71 38.00 13.09
CA ARG C 366 10.57 37.81 11.67
C ARG C 366 11.87 37.35 11.01
N GLU C 367 13.00 37.89 11.43
CA GLU C 367 14.29 37.48 10.86
C GLU C 367 14.67 36.02 11.17
N ILE C 368 14.34 35.55 12.37
CA ILE C 368 14.55 34.14 12.64
C ILE C 368 13.72 33.26 11.69
N LEU C 369 12.43 33.57 11.50
CA LEU C 369 11.64 32.83 10.55
C LEU C 369 12.14 32.96 9.13
N LYS C 370 12.65 34.11 8.71
CA LYS C 370 13.26 34.21 7.39
C LYS C 370 14.49 33.29 7.24
N GLN C 371 15.26 33.12 8.31
CA GLN C 371 16.39 32.21 8.24
C GLN C 371 15.95 30.75 7.96
N ILE C 372 14.82 30.35 8.54
CA ILE C 372 14.26 29.06 8.26
C ILE C 372 13.94 28.97 6.74
N GLU C 373 13.29 29.97 6.14
CA GLU C 373 12.95 29.89 4.71
C GLU C 373 14.15 29.78 3.81
N TYR C 374 15.21 30.53 4.12
CA TYR C 374 16.43 30.37 3.36
C TYR C 374 17.28 29.13 3.71
N ARG C 375 16.84 28.36 4.69
CA ARG C 375 17.61 27.24 5.21
C ARG C 375 18.95 27.64 5.78
N ASN C 376 18.99 28.75 6.41
CA ASN C 376 20.20 29.15 7.12
C ASN C 376 19.92 28.74 8.59
N LEU C 377 20.02 27.46 8.85
CA LEU C 377 19.67 26.94 10.17
C LEU C 377 20.90 26.90 11.07
N PHE C 378 20.67 26.95 12.38
CA PHE C 378 21.73 26.58 13.40
C PHE C 378 22.26 25.21 13.01
N LYS C 379 23.56 24.99 13.10
CA LYS C 379 24.20 23.81 12.54
C LYS C 379 24.39 22.74 13.59
N TYR C 380 24.13 21.51 13.19
CA TYR C 380 24.38 20.30 13.99
C TYR C 380 25.87 20.04 14.11
N VAL C 381 26.35 19.88 15.33
CA VAL C 381 27.75 19.55 15.65
C VAL C 381 27.87 18.05 15.93
N GLY C 382 27.00 17.51 16.78
CA GLY C 382 26.98 16.09 17.05
C GLY C 382 26.08 15.64 18.20
N GLU C 383 26.19 14.37 18.51
CA GLU C 383 25.37 13.65 19.45
C GLU C 383 26.25 12.75 20.33
N THR C 384 25.87 12.66 21.60
CA THR C 384 26.53 11.79 22.54
C THR C 384 25.47 11.34 23.54
N GLN C 385 25.84 10.38 24.39
CA GLN C 385 25.03 9.98 25.53
C GLN C 385 25.86 9.94 26.81
N PRO C 386 25.21 10.09 27.99
CA PRO C 386 25.89 9.77 29.27
C PRO C 386 26.20 8.30 29.41
N THR C 387 27.20 7.95 30.19
CA THR C 387 27.50 6.56 30.57
C THR C 387 27.26 6.40 32.07
N GLY C 388 27.29 5.14 32.52
CA GLY C 388 27.25 4.80 33.95
C GLY C 388 25.89 5.16 34.54
N GLN C 389 25.92 5.59 35.79
CA GLN C 389 24.76 6.08 36.51
C GLN C 389 24.25 7.49 36.06
N ILE C 390 25.09 8.23 35.31
CA ILE C 390 24.94 9.69 35.10
C ILE C 390 23.60 10.01 34.41
N LYS C 391 22.77 10.81 35.08
CA LYS C 391 21.50 11.25 34.52
C LYS C 391 21.54 12.75 34.53
N ILE C 392 21.11 13.39 33.44
CA ILE C 392 21.10 14.85 33.33
C ILE C 392 19.69 15.31 33.62
N LYS C 393 19.56 16.11 34.68
CA LYS C 393 18.29 16.49 35.28
C LYS C 393 17.86 17.79 34.61
N ARG C 394 16.56 18.08 34.58
CA ARG C 394 16.02 19.30 33.92
C ARG C 394 16.60 20.68 34.44
N GLU C 395 16.90 20.77 35.72
CA GLU C 395 17.55 21.94 36.35
C GLU C 395 19.00 22.19 35.89
N ASP C 396 19.69 21.21 35.30
CA ASP C 396 21.04 21.41 34.73
C ASP C 396 21.04 21.79 33.24
N TYR C 397 19.89 21.89 32.59
CA TYR C 397 19.87 22.11 31.10
C TYR C 397 20.51 23.42 30.70
N GLU C 398 20.21 24.48 31.46
CA GLU C 398 20.63 25.83 31.13
C GLU C 398 22.15 25.98 31.20
N SER C 399 22.80 25.25 32.11
CA SER C 399 24.22 25.31 32.27
C SER C 399 25.07 24.57 31.22
N LEU C 400 24.44 23.77 30.33
CA LEU C 400 25.19 22.90 29.41
C LEU C 400 25.93 23.66 28.29
N PRO C 401 25.28 24.67 27.70
CA PRO C 401 26.00 25.50 26.71
C PRO C 401 27.26 26.15 27.31
N LYS C 402 27.16 26.62 28.56
CA LYS C 402 28.31 27.09 29.32
C LYS C 402 29.43 26.03 29.43
N GLU C 403 29.07 24.80 29.76
CA GLU C 403 30.13 23.77 29.89
C GLU C 403 30.85 23.44 28.57
N VAL C 404 30.11 23.46 27.47
CA VAL C 404 30.73 23.15 26.17
C VAL C 404 31.72 24.28 25.78
N ALA C 405 31.30 25.51 26.00
CA ALA C 405 32.16 26.66 25.72
C ALA C 405 33.34 26.80 26.67
N SER C 406 33.24 26.21 27.85
CA SER C 406 34.33 26.20 28.85
C SER C 406 35.37 25.12 28.62
N ALA C 407 35.14 24.20 27.70
CA ALA C 407 36.11 23.12 27.46
C ALA C 407 37.40 23.68 26.80
N LYS C 408 38.51 23.02 27.02
CA LYS C 408 39.79 23.56 26.51
C LYS C 408 40.42 22.44 25.69
N PRO C 409 40.08 22.45 24.37
CA PRO C 409 40.50 21.39 23.50
C PRO C 409 41.92 21.01 23.32
N LYS C 410 42.88 21.90 23.43
CA LYS C 410 44.30 21.58 23.16
C LYS C 410 44.52 21.29 21.68
N VAL C 411 44.11 22.24 20.87
CA VAL C 411 44.45 22.41 19.47
C VAL C 411 44.34 23.94 19.26
N LEU C 412 45.09 24.46 18.32
CA LEU C 412 45.07 25.93 18.15
C LEU C 412 43.83 26.28 17.31
N LEU C 413 42.97 27.17 17.81
CA LEU C 413 41.79 27.62 17.07
C LEU C 413 41.86 29.08 16.64
N ASP C 414 41.27 29.35 15.50
CA ASP C 414 41.29 30.71 14.88
C ASP C 414 40.22 31.62 15.49
N VAL C 415 39.08 31.05 15.83
CA VAL C 415 38.03 31.78 16.51
C VAL C 415 37.70 31.08 17.83
N LYS C 416 37.16 31.85 18.76
CA LYS C 416 36.73 31.37 20.04
C LYS C 416 35.21 31.57 20.12
N LEU C 417 34.53 30.57 20.65
CA LEU C 417 33.08 30.55 20.75
C LEU C 417 32.67 30.72 22.20
N LYS C 418 31.47 31.25 22.40
CA LYS C 418 30.92 31.54 23.73
C LYS C 418 29.70 30.71 24.00
N ALA C 419 29.20 30.79 25.23
CA ALA C 419 28.00 30.01 25.66
C ALA C 419 26.81 30.22 24.76
N GLU C 420 26.46 31.49 24.47
CA GLU C 420 25.33 31.81 23.58
C GLU C 420 25.40 31.25 22.13
N ASP C 421 26.59 30.87 21.69
CA ASP C 421 26.79 30.22 20.37
C ASP C 421 26.37 28.75 20.33
N PHE C 422 26.17 28.10 21.48
CA PHE C 422 25.82 26.69 21.55
C PHE C 422 24.37 26.50 21.97
N ILE C 423 23.73 25.52 21.37
CA ILE C 423 22.47 24.96 21.84
C ILE C 423 22.74 23.50 22.19
N VAL C 424 22.25 23.07 23.33
CA VAL C 424 22.34 21.71 23.81
C VAL C 424 20.94 21.19 24.07
N ASP C 425 20.56 20.13 23.40
CA ASP C 425 19.18 19.60 23.41
C ASP C 425 19.29 18.24 24.06
N VAL C 426 18.62 18.04 25.18
CA VAL C 426 18.61 16.75 25.87
C VAL C 426 17.31 16.04 25.56
N ILE C 427 17.38 14.81 25.07
CA ILE C 427 16.19 14.06 24.71
C ILE C 427 16.11 12.80 25.52
N ASN C 428 15.03 12.62 26.24
CA ASN C 428 14.78 11.37 27.02
C ASN C 428 14.00 10.39 26.13
N MET C 429 14.61 9.26 25.82
CA MET C 429 13.95 8.20 25.04
C MET C 429 13.62 7.08 26.02
N ASP C 430 12.36 6.67 26.02
CA ASP C 430 11.94 5.55 26.83
C ASP C 430 10.75 4.80 26.21
N TYR C 431 10.27 3.77 26.91
CA TYR C 431 9.11 2.98 26.51
C TYR C 431 7.79 3.51 27.14
N GLY C 432 7.75 4.76 27.54
CA GLY C 432 6.57 5.45 28.03
C GLY C 432 6.40 5.47 29.52
N MET C 433 7.25 4.78 30.28
CA MET C 433 7.11 4.69 31.73
C MET C 433 8.47 4.80 32.39
N GLN C 434 9.22 5.84 32.00
CA GLN C 434 10.50 6.20 32.63
C GLN C 434 11.43 4.94 32.48
N GLU C 435 11.98 4.43 33.55
CA GLU C 435 12.83 3.24 33.54
CA GLU C 435 12.82 3.24 33.58
C GLU C 435 12.07 1.88 33.46
N LYS C 436 10.74 1.89 33.61
CA LYS C 436 10.00 0.64 33.76
C LYS C 436 9.67 0.00 32.39
N ASN C 437 9.62 -1.32 32.40
CA ASN C 437 9.15 -2.13 31.28
C ASN C 437 7.62 -2.07 31.30
N PRO C 438 6.99 -1.41 30.30
CA PRO C 438 5.56 -1.34 30.32
C PRO C 438 4.82 -2.68 30.17
N ILE C 439 5.49 -3.70 29.61
CA ILE C 439 4.90 -5.05 29.47
C ILE C 439 4.73 -5.75 30.79
N ASP C 440 5.49 -5.35 31.81
CA ASP C 440 5.24 -5.82 33.16
C ASP C 440 3.91 -5.36 33.73
N HIS C 441 3.28 -4.37 33.12
CA HIS C 441 1.96 -3.85 33.51
C HIS C 441 0.83 -4.25 32.57
N VAL C 442 1.07 -5.28 31.78
CA VAL C 442 0.07 -5.79 30.85
C VAL C 442 -0.39 -7.12 31.38
N SER C 443 -1.68 -7.35 31.30
CA SER C 443 -2.27 -8.65 31.68
C SER C 443 -2.61 -9.46 30.42
N PHE C 444 -2.46 -10.78 30.52
CA PHE C 444 -2.64 -11.69 29.45
C PHE C 444 -3.63 -12.81 29.78
N TYR C 445 -4.17 -13.45 28.75
CA TYR C 445 -4.95 -14.69 28.94
C TYR C 445 -4.50 -15.74 27.96
N CYS C 446 -4.77 -16.99 28.28
CA CYS C 446 -4.44 -18.18 27.47
C CYS C 446 -5.64 -18.71 26.79
N LYS C 447 -5.37 -19.50 25.77
CA LYS C 447 -6.37 -20.12 24.94
C LYS C 447 -7.20 -21.11 25.79
N THR C 448 -6.54 -21.88 26.65
CA THR C 448 -7.26 -22.87 27.46
C THR C 448 -8.10 -22.30 28.61
N ALA C 449 -7.87 -21.04 29.04
CA ALA C 449 -8.65 -20.42 30.12
C ALA C 449 -8.83 -18.91 29.88
N PRO C 450 -9.72 -18.55 28.95
CA PRO C 450 -9.75 -17.15 28.52
C PRO C 450 -10.21 -16.11 29.53
N ASN C 451 -10.82 -16.51 30.64
CA ASN C 451 -11.16 -15.60 31.73
C ASN C 451 -10.11 -15.50 32.81
N ARG C 452 -9.01 -16.22 32.68
CA ARG C 452 -8.00 -16.19 33.68
C ARG C 452 -6.77 -15.37 33.28
N ALA C 453 -6.55 -14.29 34.02
CA ALA C 453 -5.52 -13.31 33.73
C ALA C 453 -4.19 -13.78 34.26
N ILE C 454 -3.11 -13.60 33.49
CA ILE C 454 -1.77 -13.99 33.92
C ILE C 454 -0.80 -12.89 33.61
N ARG C 455 0.40 -13.04 34.14
CA ARG C 455 1.54 -12.17 33.92
C ARG C 455 2.58 -12.95 33.15
N ILE C 456 3.36 -12.23 32.38
CA ILE C 456 4.43 -12.75 31.60
C ILE C 456 5.65 -11.85 31.83
N THR C 457 6.78 -12.41 32.24
CA THR C 457 8.03 -11.65 32.45
C THR C 457 8.88 -11.62 31.22
N LYS C 458 9.85 -10.72 31.23
CA LYS C 458 10.74 -10.50 30.06
C LYS C 458 11.54 -11.76 29.67
N ASN C 459 11.96 -12.53 30.67
CA ASN C 459 12.70 -13.77 30.42
C ASN C 459 11.86 -14.88 29.81
N GLN C 460 10.52 -14.82 29.99
CA GLN C 460 9.62 -15.77 29.37
C GLN C 460 9.39 -15.49 27.88
N VAL C 461 9.84 -14.36 27.38
CA VAL C 461 9.57 -14.00 25.98
C VAL C 461 10.84 -14.21 25.16
N SER C 462 11.93 -13.57 25.55
CA SER C 462 13.14 -13.56 24.72
C SER C 462 14.34 -12.97 25.42
N GLN C 463 15.50 -13.52 25.09
CA GLN C 463 16.78 -12.96 25.50
C GLN C 463 17.28 -11.80 24.63
N LEU C 464 16.64 -11.56 23.48
CA LEU C 464 17.07 -10.54 22.55
C LEU C 464 16.37 -9.20 22.77
N LEU C 465 15.62 -9.05 23.85
CA LEU C 465 14.92 -7.82 24.15
C LEU C 465 15.87 -6.80 24.77
N PRO C 466 15.49 -5.52 24.76
CA PRO C 466 16.32 -4.50 25.48
C PRO C 466 16.59 -4.79 26.96
N GLU C 467 17.79 -4.45 27.47
CA GLU C 467 18.04 -4.61 28.92
C GLU C 467 17.60 -3.34 29.68
N LYS C 468 17.55 -2.18 29.03
CA LYS C 468 17.03 -0.98 29.65
C LYS C 468 15.88 -0.44 28.81
N PHE C 469 15.04 0.35 29.46
CA PHE C 469 13.87 0.92 28.89
C PHE C 469 13.88 2.43 28.86
N ALA C 470 14.99 3.05 29.27
CA ALA C 470 15.17 4.50 29.18
C ALA C 470 16.63 4.88 28.87
N GLU C 471 16.84 5.99 28.20
CA GLU C 471 18.17 6.56 27.98
C GLU C 471 18.05 8.02 27.58
N GLN C 472 19.18 8.71 27.56
CA GLN C 472 19.23 10.09 27.10
C GLN C 472 20.16 10.33 25.91
N LEU C 473 19.75 11.20 25.01
CA LEU C 473 20.55 11.69 23.90
C LEU C 473 20.85 13.14 24.14
N ILE C 474 22.07 13.53 23.82
CA ILE C 474 22.48 14.92 23.89
C ILE C 474 22.95 15.37 22.50
N ARG C 475 22.23 16.30 21.88
CA ARG C 475 22.64 16.87 20.61
C ARG C 475 23.16 18.29 20.86
N VAL C 476 24.23 18.64 20.18
CA VAL C 476 24.79 19.96 20.29
C VAL C 476 24.75 20.64 18.93
N TYR C 477 24.35 21.91 18.92
CA TYR C 477 24.32 22.70 17.71
C TYR C 477 25.09 24.01 17.91
N CYS C 478 25.48 24.64 16.82
CA CYS C 478 26.19 25.91 16.85
C CYS C 478 25.43 26.98 16.10
N LYS C 479 25.22 28.16 16.70
CA LYS C 479 24.54 29.29 16.02
C LYS C 479 25.43 30.02 14.99
N LYS C 480 26.74 29.82 15.05
CA LYS C 480 27.67 30.39 14.10
C LYS C 480 27.94 29.36 13.03
N VAL C 481 27.64 29.70 11.78
CA VAL C 481 27.53 28.68 10.68
C VAL C 481 28.73 28.59 9.76
N ASP C 482 29.67 29.54 9.86
CA ASP C 482 30.84 29.56 8.98
C ASP C 482 31.80 28.40 9.26
N ARG C 483 32.68 28.13 8.32
CA ARG C 483 33.54 26.94 8.33
C ARG C 483 34.48 26.93 9.56
N LYS C 484 35.00 28.10 9.97
CA LYS C 484 35.93 28.14 11.09
C LYS C 484 35.20 27.91 12.41
N SER C 485 34.04 28.55 12.58
CA SER C 485 33.22 28.34 13.78
C SER C 485 32.78 26.86 13.96
N LEU C 486 32.40 26.24 12.87
CA LEU C 486 31.94 24.85 12.89
C LEU C 486 33.09 23.91 13.24
N TYR C 487 34.30 24.18 12.74
CA TYR C 487 35.45 23.38 13.09
C TYR C 487 35.73 23.49 14.59
N ALA C 488 35.67 24.73 15.10
CA ALA C 488 35.91 25.00 16.49
C ALA C 488 34.87 24.33 17.36
N ALA C 489 33.60 24.46 16.98
CA ALA C 489 32.48 23.86 17.69
C ALA C 489 32.65 22.35 17.88
N ARG C 490 33.17 21.66 16.87
CA ARG C 490 33.46 20.24 16.97
C ARG C 490 34.57 19.89 17.95
N GLN C 491 35.57 20.74 18.05
CA GLN C 491 36.65 20.51 19.00
C GLN C 491 36.18 20.69 20.44
N TYR C 492 35.47 21.79 20.72
CA TYR C 492 34.84 22.01 22.02
C TYR C 492 33.92 20.82 22.37
N PHE C 493 33.05 20.47 21.43
CA PHE C 493 32.09 19.38 21.65
C PHE C 493 32.73 18.05 22.06
N VAL C 494 33.72 17.62 21.29
CA VAL C 494 34.34 16.34 21.52
C VAL C 494 35.13 16.36 22.80
N GLN C 495 35.79 17.48 23.07
CA GLN C 495 36.53 17.62 24.31
C GLN C 495 35.56 17.57 25.50
N TRP C 496 34.41 18.22 25.39
CA TRP C 496 33.41 18.16 26.42
C TRP C 496 32.94 16.73 26.67
N CYS C 497 32.69 15.98 25.60
CA CYS C 497 32.33 14.59 25.72
C CYS C 497 33.42 13.80 26.51
N ALA C 498 34.68 14.04 26.19
CA ALA C 498 35.80 13.41 26.90
C ALA C 498 35.84 13.81 28.41
N ASP C 499 35.73 15.10 28.68
CA ASP C 499 35.71 15.64 30.07
C ASP C 499 34.58 15.06 30.92
N ARG C 500 33.40 14.92 30.33
CA ARG C 500 32.23 14.42 31.02
C ARG C 500 32.07 12.89 31.02
N ASN C 501 33.01 12.16 30.41
CA ASN C 501 32.86 10.68 30.21
C ASN C 501 31.62 10.22 29.47
N PHE C 502 31.16 11.04 28.53
CA PHE C 502 30.12 10.68 27.62
C PHE C 502 30.63 9.74 26.52
N THR C 503 29.71 9.16 25.77
CA THR C 503 30.11 8.25 24.69
C THR C 503 30.84 8.98 23.57
N LYS C 504 31.73 8.26 22.91
CA LYS C 504 32.48 8.80 21.79
C LYS C 504 31.52 9.07 20.65
N PRO C 505 31.42 10.31 20.20
CA PRO C 505 30.54 10.53 19.07
C PRO C 505 30.92 9.64 17.87
N GLN C 506 29.91 9.18 17.17
CA GLN C 506 30.09 8.30 16.00
C GLN C 506 31.13 8.72 14.99
N ASP C 507 31.22 10.03 14.72
CA ASP C 507 32.19 10.59 13.77
C ASP C 507 33.35 11.28 14.49
N GLY C 508 33.55 10.95 15.76
CA GLY C 508 34.56 11.62 16.59
C GLY C 508 35.95 11.65 15.99
N ASP C 509 36.35 10.54 15.41
CA ASP C 509 37.68 10.45 14.78
C ASP C 509 37.87 11.25 13.51
N VAL C 510 36.78 11.60 12.86
CA VAL C 510 36.84 12.37 11.63
C VAL C 510 36.75 13.88 11.93
N ILE C 511 35.80 14.27 12.78
CA ILE C 511 35.59 15.67 13.14
C ILE C 511 36.60 16.24 14.14
N ALA C 512 37.23 15.40 14.96
CA ALA C 512 38.24 15.85 15.91
C ALA C 512 39.36 14.81 16.09
N PRO C 513 40.16 14.59 15.02
CA PRO C 513 41.25 13.57 15.09
C PRO C 513 42.32 13.86 16.14
N LEU C 514 42.49 15.12 16.52
CA LEU C 514 43.50 15.46 17.54
C LEU C 514 43.03 15.32 18.98
N ILE C 515 41.70 15.22 19.17
CA ILE C 515 41.07 15.15 20.51
C ILE C 515 40.78 13.71 20.94
N THR C 516 40.33 12.85 20.03
CA THR C 516 39.96 11.46 20.40
C THR C 516 41.09 10.50 20.87
N PRO C 517 42.37 10.73 20.48
CA PRO C 517 43.47 9.89 21.04
C PRO C 517 43.75 10.05 22.56
N GLN C 518 43.53 11.24 23.14
CA GLN C 518 43.68 11.50 24.60
C GLN C 518 42.74 10.68 25.51
N LYS C 519 41.72 10.02 24.98
CA LYS C 519 40.80 9.26 25.79
C LYS C 519 41.08 7.72 25.78
N LYS C 520 41.78 7.30 26.82
CA LYS C 520 41.85 5.91 27.31
C LYS C 520 40.44 5.31 27.55
N GLU C 521 39.92 4.73 26.50
CA GLU C 521 38.49 4.30 26.41
C GLU C 521 38.09 4.15 24.92
N TRP C 522 38.43 5.19 24.14
CA TRP C 522 37.91 5.35 22.79
C TRP C 522 38.83 4.67 21.77
N ASP D 37 -18.80 -20.97 21.30
CA ASP D 37 -18.05 -21.66 20.29
C ASP D 37 -16.55 -21.13 20.20
N THR D 38 -15.89 -21.54 19.13
CA THR D 38 -14.42 -21.32 18.95
C THR D 38 -14.07 -20.87 17.50
N MET D 39 -14.04 -19.54 17.34
CA MET D 39 -13.60 -18.88 16.11
C MET D 39 -12.10 -19.08 15.84
N LYS D 40 -11.74 -19.57 14.66
CA LYS D 40 -10.42 -19.33 14.13
C LYS D 40 -10.27 -17.95 13.49
N VAL D 41 -9.11 -17.38 13.69
CA VAL D 41 -8.71 -16.19 12.98
C VAL D 41 -7.66 -16.58 11.93
N ILE D 42 -7.78 -16.02 10.77
CA ILE D 42 -6.82 -16.25 9.68
C ILE D 42 -6.39 -14.89 9.17
N ASN D 43 -5.11 -14.72 8.92
CA ASN D 43 -4.56 -13.46 8.41
C ASN D 43 -4.43 -13.54 6.91
N ASP D 44 -5.21 -12.73 6.23
CA ASP D 44 -5.25 -12.68 4.79
C ASP D 44 -4.66 -11.29 4.39
N PRO D 45 -3.71 -11.25 3.43
CA PRO D 45 -3.17 -9.99 3.01
C PRO D 45 -4.15 -9.05 2.38
N ILE D 46 -5.27 -9.49 1.87
CA ILE D 46 -6.24 -8.54 1.28
C ILE D 46 -7.16 -7.99 2.34
N HIS D 47 -7.76 -8.85 3.14
CA HIS D 47 -8.78 -8.42 4.06
C HIS D 47 -8.33 -8.33 5.48
N GLY D 48 -7.10 -8.67 5.84
CA GLY D 48 -6.72 -8.62 7.26
C GLY D 48 -7.15 -9.87 8.01
N HIS D 49 -7.41 -9.72 9.30
CA HIS D 49 -7.76 -10.85 10.15
C HIS D 49 -9.24 -11.12 10.01
N ILE D 50 -9.55 -12.31 9.51
CA ILE D 50 -10.83 -12.79 9.15
C ILE D 50 -11.23 -13.81 10.23
N GLU D 51 -12.46 -13.73 10.76
CA GLU D 51 -12.93 -14.74 11.73
C GLU D 51 -13.69 -15.85 11.05
N LEU D 52 -13.38 -17.11 11.33
CA LEU D 52 -14.15 -18.23 10.77
C LEU D 52 -14.87 -18.99 11.85
N HIS D 53 -16.18 -19.04 11.75
CA HIS D 53 -17.04 -19.85 12.62
C HIS D 53 -16.66 -21.33 12.51
N PRO D 54 -16.78 -22.07 13.60
CA PRO D 54 -16.24 -23.47 13.52
C PRO D 54 -16.85 -24.39 12.47
N LEU D 55 -18.06 -24.13 12.01
CA LEU D 55 -18.70 -24.90 10.98
C LEU D 55 -17.96 -24.64 9.67
N LEU D 56 -17.63 -23.38 9.40
CA LEU D 56 -16.82 -23.05 8.20
C LEU D 56 -15.50 -23.77 8.22
N VAL D 57 -14.87 -23.84 9.39
CA VAL D 57 -13.58 -24.51 9.56
C VAL D 57 -13.72 -25.98 9.23
N ARG D 58 -14.80 -26.59 9.67
CA ARG D 58 -15.10 -27.99 9.35
C ARG D 58 -15.26 -28.17 7.84
N ILE D 59 -15.88 -27.24 7.14
CA ILE D 59 -16.00 -27.34 5.69
C ILE D 59 -14.64 -27.14 4.99
N ILE D 60 -13.84 -26.25 5.52
CA ILE D 60 -12.54 -25.92 4.96
C ILE D 60 -11.53 -27.06 5.11
N ASP D 61 -11.57 -27.75 6.23
CA ASP D 61 -10.64 -28.84 6.54
C ASP D 61 -11.10 -30.21 5.99
N THR D 62 -11.32 -30.22 4.67
CA THR D 62 -11.66 -31.38 3.92
C THR D 62 -10.78 -31.45 2.68
N PRO D 63 -10.53 -32.67 2.17
CA PRO D 63 -9.84 -32.80 0.85
C PRO D 63 -10.50 -32.02 -0.31
N GLN D 64 -11.80 -31.85 -0.27
CA GLN D 64 -12.53 -31.25 -1.37
C GLN D 64 -12.31 -29.76 -1.40
N PHE D 65 -12.15 -29.13 -0.23
CA PHE D 65 -11.86 -27.70 -0.19
C PHE D 65 -10.38 -27.42 -0.28
N GLN D 66 -9.57 -28.25 0.38
CA GLN D 66 -8.11 -28.03 0.39
C GLN D 66 -7.49 -28.20 -0.98
N ARG D 67 -8.11 -29.00 -1.81
CA ARG D 67 -7.81 -29.10 -3.24
C ARG D 67 -7.61 -27.77 -3.94
N LEU D 68 -8.37 -26.74 -3.53
CA LEU D 68 -8.23 -25.43 -4.13
C LEU D 68 -6.88 -24.73 -3.92
N ARG D 69 -6.09 -25.22 -2.99
CA ARG D 69 -4.75 -24.79 -2.85
C ARG D 69 -3.89 -25.15 -4.07
N TYR D 70 -4.36 -26.08 -4.91
CA TYR D 70 -3.54 -26.51 -6.03
C TYR D 70 -4.11 -26.13 -7.38
N ILE D 71 -4.91 -25.07 -7.44
CA ILE D 71 -5.46 -24.52 -8.64
C ILE D 71 -5.22 -23.04 -8.71
N LYS D 72 -4.37 -22.59 -9.65
CA LYS D 72 -4.04 -21.20 -9.71
C LYS D 72 -5.26 -20.38 -10.15
N GLN D 73 -5.48 -19.27 -9.49
CA GLN D 73 -6.60 -18.37 -9.82
C GLN D 73 -6.60 -17.94 -11.28
N LEU D 74 -5.44 -17.57 -11.79
CA LEU D 74 -5.37 -16.97 -13.11
C LEU D 74 -4.74 -17.92 -14.14
N GLY D 75 -4.56 -19.19 -13.82
CA GLY D 75 -4.07 -20.16 -14.79
C GLY D 75 -2.71 -19.77 -15.40
N GLY D 76 -2.67 -19.73 -16.72
CA GLY D 76 -1.49 -19.30 -17.48
C GLY D 76 -1.05 -17.88 -17.29
N GLY D 77 -1.91 -17.03 -16.72
CA GLY D 77 -1.49 -15.70 -16.31
C GLY D 77 -0.26 -15.65 -15.45
N TYR D 78 0.00 -16.70 -14.65
CA TYR D 78 1.22 -16.75 -13.80
C TYR D 78 2.48 -16.77 -14.69
N TYR D 79 2.31 -17.27 -15.92
CA TYR D 79 3.43 -17.38 -16.83
C TYR D 79 3.71 -16.02 -17.52
N VAL D 80 2.92 -14.99 -17.21
CA VAL D 80 3.13 -13.65 -17.69
C VAL D 80 3.34 -12.64 -16.58
N PHE D 81 2.55 -12.75 -15.54
CA PHE D 81 2.59 -11.88 -14.35
C PHE D 81 3.12 -12.76 -13.21
N PRO D 82 4.43 -12.70 -12.92
CA PRO D 82 5.00 -13.63 -11.95
C PRO D 82 4.52 -13.46 -10.53
N GLY D 83 3.89 -12.36 -10.18
CA GLY D 83 3.24 -12.26 -8.91
C GLY D 83 1.96 -13.05 -8.78
N ALA D 84 1.36 -13.51 -9.89
CA ALA D 84 0.04 -14.13 -9.90
C ALA D 84 0.15 -15.63 -9.59
N SER D 85 0.72 -15.94 -8.45
CA SER D 85 0.89 -17.29 -7.98
C SER D 85 -0.30 -17.69 -7.06
N HIS D 86 -1.23 -16.81 -6.78
CA HIS D 86 -2.31 -17.11 -5.88
C HIS D 86 -3.27 -18.20 -6.45
N ASN D 87 -3.82 -18.96 -5.52
CA ASN D 87 -4.71 -20.06 -5.82
C ASN D 87 -6.14 -19.79 -5.41
N ARG D 88 -7.03 -20.64 -5.88
CA ARG D 88 -8.44 -20.52 -5.61
C ARG D 88 -8.83 -20.63 -4.15
N PHE D 89 -8.02 -21.31 -3.34
CA PHE D 89 -8.23 -21.48 -1.90
C PHE D 89 -8.41 -20.15 -1.17
N GLU D 90 -7.42 -19.30 -1.31
CA GLU D 90 -7.42 -18.01 -0.64
C GLU D 90 -8.48 -17.08 -1.22
N HIS D 91 -8.74 -17.15 -2.53
CA HIS D 91 -9.80 -16.37 -3.13
C HIS D 91 -11.12 -16.79 -2.45
N SER D 92 -11.34 -18.11 -2.25
CA SER D 92 -12.58 -18.60 -1.68
C SER D 92 -12.81 -18.14 -0.21
N LEU D 93 -11.77 -18.14 0.60
CA LEU D 93 -11.84 -17.55 1.95
C LEU D 93 -12.28 -16.10 1.91
N GLY D 94 -11.73 -15.35 0.98
CA GLY D 94 -12.07 -13.95 0.83
C GLY D 94 -13.53 -13.75 0.38
N VAL D 95 -14.04 -14.62 -0.52
CA VAL D 95 -15.45 -14.48 -0.94
C VAL D 95 -16.39 -14.80 0.20
N GLY D 96 -16.04 -15.82 0.99
CA GLY D 96 -16.78 -16.14 2.20
C GLY D 96 -16.79 -15.05 3.20
N TYR D 97 -15.64 -14.47 3.44
CA TYR D 97 -15.59 -13.30 4.36
C TYR D 97 -16.45 -12.15 3.80
N LEU D 98 -16.30 -11.74 2.54
CA LEU D 98 -17.06 -10.62 2.05
C LEU D 98 -18.57 -10.87 2.01
N ALA D 99 -18.97 -12.09 1.70
CA ALA D 99 -20.36 -12.43 1.77
C ALA D 99 -20.95 -12.20 3.19
N GLY D 100 -20.19 -12.60 4.18
CA GLY D 100 -20.49 -12.33 5.57
C GLY D 100 -20.52 -10.85 5.92
N CYS D 101 -19.57 -10.06 5.45
CA CYS D 101 -19.61 -8.59 5.70
C CYS D 101 -20.88 -7.96 5.13
N LEU D 102 -21.27 -8.32 3.93
CA LEU D 102 -22.42 -7.66 3.33
C LEU D 102 -23.71 -8.07 4.06
N VAL D 103 -23.90 -9.36 4.34
CA VAL D 103 -25.10 -9.77 5.00
C VAL D 103 -25.18 -9.23 6.44
N HIS D 104 -24.06 -9.19 7.17
CA HIS D 104 -24.01 -8.57 8.53
C HIS D 104 -24.35 -7.10 8.46
N ALA D 105 -23.77 -6.37 7.50
CA ALA D 105 -24.04 -4.94 7.37
C ALA D 105 -25.57 -4.64 7.10
N LEU D 106 -26.20 -5.44 6.25
CA LEU D 106 -27.60 -5.24 5.93
C LEU D 106 -28.44 -5.50 7.18
N GLY D 107 -28.09 -6.56 7.93
CA GLY D 107 -28.80 -6.97 9.17
C GLY D 107 -28.71 -5.96 10.30
N GLU D 108 -27.54 -5.38 10.52
CA GLU D 108 -27.38 -4.31 11.50
C GLU D 108 -28.12 -3.02 11.14
N LYS D 109 -28.04 -2.54 9.92
CA LYS D 109 -28.75 -1.34 9.48
C LYS D 109 -30.27 -1.55 9.41
N GLN D 110 -30.73 -2.74 9.03
CA GLN D 110 -32.13 -3.04 8.82
C GLN D 110 -32.61 -4.32 9.55
N PRO D 111 -32.77 -4.23 10.90
CA PRO D 111 -33.32 -5.37 11.71
C PRO D 111 -34.66 -5.89 11.17
N GLU D 112 -35.41 -5.02 10.49
CA GLU D 112 -36.71 -5.39 9.95
C GLU D 112 -36.66 -6.44 8.83
N LEU D 113 -35.47 -6.75 8.31
CA LEU D 113 -35.32 -7.80 7.34
C LEU D 113 -35.34 -9.20 7.97
N GLN D 114 -35.12 -9.29 9.28
CA GLN D 114 -35.11 -10.56 10.03
C GLN D 114 -34.02 -11.49 9.58
N ILE D 115 -32.84 -10.95 9.26
CA ILE D 115 -31.73 -11.79 8.88
C ILE D 115 -31.28 -12.56 10.18
N SER D 116 -31.36 -13.87 10.15
CA SER D 116 -30.96 -14.73 11.26
C SER D 116 -29.50 -15.17 11.14
N GLU D 117 -28.98 -15.74 12.23
CA GLU D 117 -27.63 -16.30 12.29
C GLU D 117 -27.43 -17.44 11.34
N ARG D 118 -28.45 -18.22 11.22
CA ARG D 118 -28.56 -19.22 10.20
C ARG D 118 -28.42 -18.71 8.73
N ASP D 119 -29.10 -17.61 8.40
CA ASP D 119 -28.94 -16.95 7.08
C ASP D 119 -27.48 -16.52 6.83
N VAL D 120 -26.86 -15.90 7.82
CA VAL D 120 -25.51 -15.46 7.77
C VAL D 120 -24.56 -16.64 7.47
N LEU D 121 -24.70 -17.74 8.17
CA LEU D 121 -23.85 -18.89 7.92
C LEU D 121 -24.04 -19.50 6.58
N CYS D 122 -25.31 -19.64 6.14
CA CYS D 122 -25.58 -20.13 4.80
C CYS D 122 -25.00 -19.27 3.70
N VAL D 123 -25.05 -17.97 3.88
CA VAL D 123 -24.48 -17.03 2.92
C VAL D 123 -22.93 -17.14 2.94
N GLN D 124 -22.34 -17.24 4.12
CA GLN D 124 -20.88 -17.43 4.20
C GLN D 124 -20.44 -18.74 3.56
N ILE D 125 -21.19 -19.80 3.82
CA ILE D 125 -20.84 -21.12 3.25
C ILE D 125 -20.94 -21.06 1.71
N ALA D 126 -21.98 -20.46 1.18
CA ALA D 126 -22.10 -20.36 -0.26
C ALA D 126 -20.97 -19.52 -0.84
N GLY D 127 -20.59 -18.45 -0.17
CA GLY D 127 -19.43 -17.70 -0.56
C GLY D 127 -18.17 -18.49 -0.59
N LEU D 128 -17.93 -19.27 0.46
CA LEU D 128 -16.78 -20.16 0.55
C LEU D 128 -16.71 -21.20 -0.55
N CYS D 129 -17.88 -21.71 -0.94
CA CYS D 129 -17.97 -22.86 -1.76
C CYS D 129 -18.26 -22.60 -3.23
N ARG D 130 -18.41 -21.34 -3.64
CA ARG D 130 -18.73 -21.16 -5.04
C ARG D 130 -17.63 -21.44 -6.00
N ASN D 131 -16.39 -21.51 -5.54
CA ASN D 131 -15.24 -21.89 -6.38
C ASN D 131 -14.88 -23.40 -6.34
N LEU D 132 -15.65 -24.26 -5.66
CA LEU D 132 -15.24 -25.66 -5.49
C LEU D 132 -15.10 -26.41 -6.80
N GLY D 133 -15.83 -26.00 -7.81
CA GLY D 133 -15.91 -26.77 -9.04
C GLY D 133 -14.89 -26.44 -10.07
N HIS D 134 -14.02 -25.48 -9.79
CA HIS D 134 -12.95 -25.14 -10.75
C HIS D 134 -12.01 -26.30 -10.95
N GLY D 135 -11.48 -26.31 -12.19
CA GLY D 135 -10.53 -27.36 -12.59
C GLY D 135 -9.16 -26.82 -12.74
N PRO D 136 -8.22 -27.66 -13.16
CA PRO D 136 -6.84 -27.22 -13.41
C PRO D 136 -6.74 -25.90 -14.21
N PHE D 137 -6.01 -24.92 -13.72
CA PHE D 137 -5.85 -23.63 -14.35
C PHE D 137 -7.11 -22.81 -14.48
N SER D 138 -8.09 -23.09 -13.63
CA SER D 138 -9.30 -22.33 -13.51
C SER D 138 -9.98 -22.19 -14.90
N HIS D 139 -10.11 -20.98 -15.43
CA HIS D 139 -10.87 -20.73 -16.68
C HIS D 139 -10.38 -21.48 -17.89
N MET D 140 -9.13 -21.88 -17.91
CA MET D 140 -8.66 -22.77 -18.95
C MET D 140 -9.46 -24.08 -19.07
N PHE D 141 -9.81 -24.66 -17.93
CA PHE D 141 -10.43 -25.97 -17.89
C PHE D 141 -11.89 -25.94 -18.39
N ASP D 142 -12.68 -24.97 -17.93
CA ASP D 142 -14.05 -24.90 -18.41
C ASP D 142 -14.26 -23.99 -19.62
N GLY D 143 -13.35 -23.06 -19.85
CA GLY D 143 -13.38 -22.18 -21.02
C GLY D 143 -12.76 -22.77 -22.30
N ARG D 144 -11.72 -23.63 -22.20
CA ARG D 144 -11.05 -24.20 -23.36
C ARG D 144 -11.04 -25.70 -23.44
N PHE D 145 -10.61 -26.38 -22.39
CA PHE D 145 -10.39 -27.81 -22.42
C PHE D 145 -11.67 -28.64 -22.53
N ILE D 146 -12.57 -28.50 -21.56
CA ILE D 146 -13.81 -29.24 -21.61
C ILE D 146 -14.66 -29.04 -22.89
N PRO D 147 -14.95 -27.81 -23.30
CA PRO D 147 -15.64 -27.62 -24.63
C PRO D 147 -14.97 -28.31 -25.83
N LEU D 148 -13.65 -28.47 -25.87
CA LEU D 148 -12.99 -29.23 -26.94
C LEU D 148 -12.98 -30.73 -26.74
N ALA D 149 -12.80 -31.17 -25.51
CA ALA D 149 -12.69 -32.62 -25.20
C ALA D 149 -14.04 -33.32 -25.09
N ARG D 150 -15.03 -32.59 -24.58
CA ARG D 150 -16.42 -33.09 -24.42
C ARG D 150 -17.39 -32.04 -25.01
N PRO D 151 -17.35 -31.81 -26.35
CA PRO D 151 -18.19 -30.77 -26.99
C PRO D 151 -19.72 -30.92 -26.77
N GLU D 152 -20.16 -32.15 -26.58
CA GLU D 152 -21.57 -32.50 -26.37
C GLU D 152 -22.12 -32.16 -24.96
N VAL D 153 -21.28 -32.02 -23.94
CA VAL D 153 -21.81 -31.74 -22.59
C VAL D 153 -21.84 -30.22 -22.33
N LYS D 154 -22.63 -29.81 -21.35
CA LYS D 154 -22.74 -28.40 -20.96
C LYS D 154 -22.20 -28.07 -19.58
N TRP D 155 -20.92 -28.12 -19.41
CA TRP D 155 -20.30 -28.09 -18.10
C TRP D 155 -19.94 -26.67 -17.73
N THR D 156 -20.23 -26.27 -16.51
CA THR D 156 -19.71 -25.03 -15.95
C THR D 156 -19.05 -25.29 -14.60
N HIS D 157 -18.11 -24.44 -14.19
CA HIS D 157 -17.56 -24.50 -12.86
C HIS D 157 -18.65 -24.39 -11.74
N GLU D 158 -19.68 -23.59 -11.97
CA GLU D 158 -20.86 -23.49 -11.08
C GLU D 158 -21.52 -24.86 -10.79
N GLN D 159 -21.86 -25.60 -11.82
CA GLN D 159 -22.47 -26.91 -11.66
C GLN D 159 -21.46 -27.79 -10.96
N GLY D 160 -20.19 -27.69 -11.31
CA GLY D 160 -19.17 -28.44 -10.62
C GLY D 160 -19.10 -28.11 -9.11
N SER D 161 -19.25 -26.85 -8.76
CA SER D 161 -19.24 -26.45 -7.39
C SER D 161 -20.39 -27.10 -6.58
N VAL D 162 -21.58 -27.18 -7.18
CA VAL D 162 -22.71 -27.77 -6.54
C VAL D 162 -22.45 -29.25 -6.29
N MET D 163 -21.94 -29.94 -7.30
CA MET D 163 -21.63 -31.36 -7.19
C MET D 163 -20.47 -31.60 -6.21
N MET D 164 -19.45 -30.76 -6.25
CA MET D 164 -18.36 -30.90 -5.32
C MET D 164 -18.80 -30.58 -3.88
N PHE D 165 -19.72 -29.68 -3.70
CA PHE D 165 -20.23 -29.37 -2.36
C PHE D 165 -21.02 -30.56 -1.79
N GLU D 166 -21.88 -31.14 -2.60
CA GLU D 166 -22.61 -32.33 -2.20
C GLU D 166 -21.65 -33.48 -1.77
N HIS D 167 -20.66 -33.76 -2.58
CA HIS D 167 -19.64 -34.72 -2.22
C HIS D 167 -18.88 -34.32 -0.92
N LEU D 168 -18.54 -33.04 -0.77
CA LEU D 168 -17.91 -32.55 0.45
C LEU D 168 -18.79 -32.82 1.68
N ILE D 169 -20.09 -32.50 1.57
CA ILE D 169 -21.01 -32.70 2.66
C ILE D 169 -21.11 -34.17 3.04
N ASN D 170 -21.33 -35.03 2.07
CA ASN D 170 -21.59 -36.44 2.34
C ASN D 170 -20.35 -37.22 2.74
N SER D 171 -19.18 -36.91 2.18
CA SER D 171 -17.96 -37.60 2.55
C SER D 171 -17.40 -37.22 3.91
N ASN D 172 -17.79 -36.07 4.47
CA ASN D 172 -17.12 -35.57 5.68
C ASN D 172 -18.05 -35.44 6.91
N GLY D 173 -19.27 -35.96 6.85
CA GLY D 173 -20.20 -35.90 7.97
C GLY D 173 -20.53 -34.49 8.42
N ILE D 174 -20.74 -33.60 7.46
CA ILE D 174 -21.04 -32.20 7.74
C ILE D 174 -22.48 -31.95 8.19
N LYS D 175 -23.44 -32.73 7.73
CA LYS D 175 -24.83 -32.56 8.14
C LYS D 175 -25.11 -32.53 9.68
N PRO D 176 -24.57 -33.50 10.46
CA PRO D 176 -24.69 -33.41 11.95
C PRO D 176 -24.04 -32.16 12.52
N VAL D 177 -22.97 -31.68 11.88
CA VAL D 177 -22.29 -30.47 12.35
C VAL D 177 -23.15 -29.26 12.01
N MET D 178 -23.77 -29.21 10.85
CA MET D 178 -24.77 -28.17 10.55
C MET D 178 -25.90 -28.12 11.59
N GLU D 179 -26.44 -29.27 11.96
CA GLU D 179 -27.52 -29.32 12.96
C GLU D 179 -27.07 -28.81 14.33
N GLN D 180 -25.86 -29.16 14.73
CA GLN D 180 -25.27 -28.65 15.96
C GLN D 180 -25.30 -27.11 16.05
N TYR D 181 -25.17 -26.39 14.91
CA TYR D 181 -25.15 -24.95 14.93
C TYR D 181 -26.46 -24.34 14.49
N GLY D 182 -27.53 -25.09 14.51
CA GLY D 182 -28.87 -24.57 14.23
C GLY D 182 -29.30 -24.57 12.76
N LEU D 183 -28.43 -25.02 11.84
CA LEU D 183 -28.88 -25.15 10.45
C LEU D 183 -29.84 -26.36 10.25
N ILE D 184 -30.73 -26.24 9.29
CA ILE D 184 -31.62 -27.35 8.89
C ILE D 184 -31.11 -27.86 7.54
N PRO D 185 -30.37 -28.96 7.56
CA PRO D 185 -29.65 -29.39 6.33
C PRO D 185 -30.49 -29.45 5.09
N GLU D 186 -31.67 -30.03 5.16
CA GLU D 186 -32.49 -30.11 3.96
C GLU D 186 -32.66 -28.73 3.24
N GLU D 187 -33.22 -27.74 3.95
CA GLU D 187 -33.50 -26.40 3.41
C GLU D 187 -32.22 -25.62 3.15
N ASP D 188 -31.27 -25.68 4.07
CA ASP D 188 -30.05 -24.85 4.01
C ASP D 188 -29.06 -25.30 2.93
N ILE D 189 -28.89 -26.60 2.77
CA ILE D 189 -28.12 -27.14 1.65
C ILE D 189 -28.75 -26.71 0.34
N CYS D 190 -30.06 -26.78 0.24
CA CYS D 190 -30.74 -26.29 -0.95
C CYS D 190 -30.48 -24.79 -1.17
N PHE D 191 -30.53 -24.03 -0.10
CA PHE D 191 -30.26 -22.63 -0.18
C PHE D 191 -28.85 -22.35 -0.68
N ILE D 192 -27.88 -23.07 -0.13
CA ILE D 192 -26.50 -22.85 -0.45
C ILE D 192 -26.28 -23.15 -1.92
N LYS D 193 -26.80 -24.26 -2.41
CA LYS D 193 -26.61 -24.63 -3.79
C LYS D 193 -27.28 -23.64 -4.73
N GLU D 194 -28.48 -23.19 -4.36
CA GLU D 194 -29.18 -22.17 -5.14
C GLU D 194 -28.46 -20.84 -5.23
N GLN D 195 -27.71 -20.47 -4.21
CA GLN D 195 -26.93 -19.25 -4.24
C GLN D 195 -25.78 -19.37 -5.24
N ILE D 196 -25.33 -20.57 -5.50
CA ILE D 196 -24.22 -20.79 -6.39
C ILE D 196 -24.66 -20.89 -7.85
N VAL D 197 -25.75 -21.59 -8.09
CA VAL D 197 -26.11 -21.97 -9.43
C VAL D 197 -27.49 -21.46 -9.89
N GLY D 198 -28.28 -20.83 -9.01
CA GLY D 198 -29.63 -20.39 -9.33
C GLY D 198 -30.65 -21.49 -9.00
N PRO D 199 -31.88 -21.32 -9.44
CA PRO D 199 -33.03 -22.18 -9.06
C PRO D 199 -32.86 -23.72 -9.06
N LEU D 208 -44.02 -16.72 -10.71
CA LEU D 208 -44.00 -17.54 -9.51
C LEU D 208 -42.55 -17.66 -8.95
N TRP D 209 -42.38 -17.37 -7.65
CA TRP D 209 -41.12 -17.52 -6.91
C TRP D 209 -40.45 -18.94 -7.09
N PRO D 210 -39.31 -18.98 -7.81
CA PRO D 210 -38.66 -20.23 -8.23
C PRO D 210 -37.71 -20.88 -7.23
N TYR D 211 -37.41 -20.25 -6.12
CA TYR D 211 -36.43 -20.77 -5.17
C TYR D 211 -37.10 -21.53 -4.06
N LYS D 212 -36.43 -22.58 -3.57
CA LYS D 212 -36.93 -23.42 -2.47
C LYS D 212 -36.17 -23.27 -1.15
N GLY D 213 -34.95 -22.80 -1.17
CA GLY D 213 -34.16 -22.72 0.03
C GLY D 213 -34.55 -21.60 0.95
N ARG D 214 -35.11 -20.53 0.42
CA ARG D 214 -35.63 -19.44 1.23
C ARG D 214 -36.89 -18.88 0.59
N PRO D 215 -37.81 -18.32 1.38
CA PRO D 215 -39.03 -17.69 0.81
C PRO D 215 -38.75 -16.30 0.23
N GLU D 216 -39.72 -15.74 -0.47
CA GLU D 216 -39.60 -14.43 -1.14
C GLU D 216 -39.19 -13.25 -0.31
N ASN D 217 -39.59 -13.25 0.96
CA ASN D 217 -39.18 -12.18 1.86
C ASN D 217 -37.66 -12.11 2.16
N LYS D 218 -36.89 -13.17 1.78
CA LYS D 218 -35.44 -13.16 1.86
C LYS D 218 -34.76 -13.10 0.50
N SER D 219 -35.47 -12.57 -0.49
CA SER D 219 -35.00 -12.54 -1.88
C SER D 219 -33.69 -11.87 -2.10
N PHE D 220 -33.50 -10.77 -1.37
CA PHE D 220 -32.22 -10.07 -1.34
C PHE D 220 -30.97 -10.94 -1.02
N LEU D 221 -31.12 -12.02 -0.28
CA LEU D 221 -29.99 -12.88 0.08
C LEU D 221 -29.36 -13.55 -1.15
N TYR D 222 -30.16 -13.79 -2.19
CA TYR D 222 -29.69 -14.36 -3.44
C TYR D 222 -28.86 -13.45 -4.33
N GLU D 223 -28.69 -12.19 -3.91
CA GLU D 223 -27.92 -11.22 -4.63
C GLU D 223 -26.49 -11.03 -4.08
N ILE D 224 -26.06 -11.79 -3.07
CA ILE D 224 -24.79 -11.51 -2.44
C ILE D 224 -23.61 -12.27 -3.09
N VAL D 225 -23.72 -13.58 -3.22
CA VAL D 225 -22.67 -14.45 -3.65
C VAL D 225 -22.52 -14.52 -5.16
N SER D 226 -23.61 -14.66 -5.85
CA SER D 226 -23.68 -14.78 -7.27
C SER D 226 -24.92 -14.08 -7.74
N ASN D 227 -24.79 -12.88 -8.23
CA ASN D 227 -25.91 -11.98 -8.57
C ASN D 227 -26.25 -12.12 -10.06
N LYS D 228 -27.31 -12.82 -10.33
CA LYS D 228 -27.82 -13.11 -11.67
C LYS D 228 -28.52 -11.87 -12.30
N ARG D 229 -29.03 -10.96 -11.49
CA ARG D 229 -29.71 -9.79 -12.00
C ARG D 229 -28.75 -8.79 -12.69
N ASN D 230 -27.62 -8.48 -12.06
CA ASN D 230 -26.72 -7.46 -12.57
C ASN D 230 -25.21 -7.74 -12.45
N GLY D 231 -24.80 -8.84 -11.89
CA GLY D 231 -23.36 -9.13 -11.76
C GLY D 231 -22.60 -8.46 -10.60
N ILE D 232 -23.28 -7.70 -9.74
CA ILE D 232 -22.65 -7.04 -8.65
C ILE D 232 -22.69 -7.98 -7.45
N ASP D 233 -21.57 -8.60 -7.17
CA ASP D 233 -21.45 -9.57 -6.13
C ASP D 233 -20.07 -9.63 -5.50
N VAL D 234 -19.99 -10.33 -4.38
CA VAL D 234 -18.82 -10.30 -3.58
C VAL D 234 -17.67 -11.13 -4.20
N ASP D 235 -17.95 -12.05 -5.12
CA ASP D 235 -16.90 -12.77 -5.78
C ASP D 235 -15.99 -11.79 -6.59
N LYS D 236 -16.57 -10.87 -7.34
CA LYS D 236 -15.83 -9.86 -8.05
C LYS D 236 -15.06 -8.99 -7.11
N TRP D 237 -15.66 -8.61 -6.00
CA TRP D 237 -14.95 -7.72 -5.11
C TRP D 237 -13.67 -8.38 -4.58
N ASP D 238 -13.70 -9.68 -4.27
CA ASP D 238 -12.50 -10.27 -3.77
C ASP D 238 -11.46 -10.35 -4.90
N TYR D 239 -11.84 -10.82 -6.10
CA TYR D 239 -10.82 -10.95 -7.13
C TYR D 239 -10.31 -9.63 -7.65
N PHE D 240 -11.08 -8.59 -7.66
CA PHE D 240 -10.51 -7.26 -7.99
C PHE D 240 -9.35 -6.93 -7.08
N ALA D 241 -9.57 -7.04 -5.76
CA ALA D 241 -8.57 -6.70 -4.81
C ALA D 241 -7.40 -7.65 -4.81
N ARG D 242 -7.71 -8.93 -4.84
CA ARG D 242 -6.68 -9.96 -4.77
C ARG D 242 -5.87 -10.04 -6.05
N ASP D 243 -6.53 -10.07 -7.22
CA ASP D 243 -5.76 -10.17 -8.47
C ASP D 243 -4.86 -8.92 -8.60
N CYS D 244 -5.38 -7.73 -8.31
CA CYS D 244 -4.57 -6.53 -8.36
C CYS D 244 -3.34 -6.54 -7.47
N HIS D 245 -3.48 -6.97 -6.23
CA HIS D 245 -2.36 -7.10 -5.30
C HIS D 245 -1.24 -7.98 -5.83
N HIS D 246 -1.58 -9.02 -6.56
CA HIS D 246 -0.67 -10.01 -7.07
C HIS D 246 -0.15 -9.71 -8.44
N LEU D 247 -0.94 -9.04 -9.26
CA LEU D 247 -0.53 -8.70 -10.59
C LEU D 247 0.37 -7.49 -10.64
N GLY D 248 0.29 -6.60 -9.66
CA GLY D 248 0.98 -5.32 -9.69
C GLY D 248 0.28 -4.24 -10.51
N ILE D 249 -1.02 -4.24 -10.48
CA ILE D 249 -1.86 -3.24 -11.13
C ILE D 249 -2.78 -2.84 -9.99
N GLN D 250 -3.06 -1.58 -9.83
CA GLN D 250 -3.74 -1.07 -8.69
C GLN D 250 -5.29 -1.04 -8.97
N ASN D 251 -6.03 -1.47 -7.92
CA ASN D 251 -7.49 -1.54 -7.99
C ASN D 251 -8.15 -0.17 -7.68
N ASN D 252 -8.99 0.38 -8.49
CA ASN D 252 -9.77 1.57 -8.15
C ASN D 252 -11.24 1.42 -7.62
N PHE D 253 -11.73 0.21 -7.42
CA PHE D 253 -13.06 0.07 -6.87
C PHE D 253 -13.06 -0.08 -5.36
N ASP D 254 -13.94 0.66 -4.65
CA ASP D 254 -14.00 0.63 -3.19
C ASP D 254 -15.27 -0.14 -2.73
N TYR D 255 -15.11 -1.44 -2.49
CA TYR D 255 -16.18 -2.31 -2.11
C TYR D 255 -16.70 -1.93 -0.72
N LYS D 256 -15.84 -1.47 0.17
CA LYS D 256 -16.33 -1.07 1.51
C LYS D 256 -17.22 0.10 1.46
N ARG D 257 -16.94 1.04 0.56
CA ARG D 257 -17.80 2.17 0.41
C ARG D 257 -19.16 1.65 -0.06
N PHE D 258 -19.16 0.75 -1.04
CA PHE D 258 -20.39 0.22 -1.55
C PHE D 258 -21.23 -0.45 -0.45
N ILE D 259 -20.61 -1.26 0.40
CA ILE D 259 -21.33 -1.95 1.47
C ILE D 259 -21.92 -0.99 2.42
N LYS D 260 -21.21 0.06 2.81
CA LYS D 260 -21.82 1.07 3.61
C LYS D 260 -23.05 1.77 3.07
N PHE D 261 -23.14 1.98 1.76
CA PHE D 261 -24.30 2.64 1.18
C PHE D 261 -25.39 1.66 0.72
N ALA D 262 -25.24 0.38 0.93
CA ALA D 262 -26.17 -0.56 0.47
C ALA D 262 -27.37 -0.67 1.41
N ARG D 263 -28.56 -0.79 0.81
CA ARG D 263 -29.79 -1.00 1.54
C ARG D 263 -30.70 -1.94 0.78
N VAL D 264 -31.64 -2.54 1.49
CA VAL D 264 -32.65 -3.36 0.89
C VAL D 264 -33.91 -2.54 0.80
N CYS D 265 -34.49 -2.49 -0.38
CA CYS D 265 -35.78 -1.81 -0.63
C CYS D 265 -36.66 -2.68 -1.53
N GLU D 266 -37.94 -2.37 -1.51
CA GLU D 266 -38.93 -3.04 -2.34
C GLU D 266 -38.89 -2.47 -3.77
N VAL D 267 -38.70 -3.34 -4.73
CA VAL D 267 -38.65 -2.96 -6.16
C VAL D 267 -39.61 -3.91 -6.90
N ASP D 268 -40.68 -3.37 -7.50
CA ASP D 268 -41.72 -4.25 -8.12
C ASP D 268 -42.16 -5.41 -7.20
N ASN D 269 -42.51 -5.10 -5.96
CA ASN D 269 -42.96 -6.13 -4.95
C ASN D 269 -41.97 -7.24 -4.53
N GLU D 270 -40.67 -7.08 -4.84
CA GLU D 270 -39.65 -7.95 -4.35
C GLU D 270 -38.53 -7.14 -3.62
N LEU D 271 -38.08 -7.61 -2.45
CA LEU D 271 -36.98 -7.00 -1.77
C LEU D 271 -35.65 -7.21 -2.53
N ARG D 272 -34.97 -6.12 -2.83
CA ARG D 272 -33.66 -6.17 -3.49
C ARG D 272 -32.64 -5.26 -2.82
N ILE D 273 -31.36 -5.63 -2.98
CA ILE D 273 -30.28 -4.81 -2.51
C ILE D 273 -30.14 -3.59 -3.47
N CYS D 274 -30.30 -2.37 -2.97
CA CYS D 274 -30.17 -1.13 -3.71
C CYS D 274 -28.96 -0.32 -3.28
N ALA D 275 -28.46 0.46 -4.21
CA ALA D 275 -27.32 1.36 -3.95
C ALA D 275 -27.86 2.80 -3.84
N ARG D 276 -27.08 3.59 -3.14
CA ARG D 276 -27.34 5.00 -3.08
C ARG D 276 -27.18 5.67 -4.43
N ASP D 277 -28.12 6.55 -4.77
CA ASP D 277 -28.14 7.27 -6.03
C ASP D 277 -26.76 7.84 -6.48
N LYS D 278 -26.13 8.60 -5.61
CA LYS D 278 -24.76 9.11 -5.75
C LYS D 278 -23.70 8.13 -6.14
N GLU D 279 -23.81 6.88 -5.73
CA GLU D 279 -22.88 5.90 -6.08
C GLU D 279 -22.94 5.40 -7.56
N VAL D 280 -23.82 5.92 -8.40
CA VAL D 280 -24.04 5.32 -9.68
C VAL D 280 -22.79 5.37 -10.58
N GLY D 281 -22.08 6.49 -10.55
CA GLY D 281 -20.77 6.65 -11.14
C GLY D 281 -19.78 5.62 -10.71
N ASN D 282 -19.75 5.23 -9.44
CA ASN D 282 -18.81 4.27 -8.98
C ASN D 282 -19.16 2.88 -9.53
N LEU D 283 -20.44 2.58 -9.78
CA LEU D 283 -20.80 1.30 -10.36
C LEU D 283 -20.40 1.22 -11.80
N TYR D 284 -20.57 2.29 -12.56
CA TYR D 284 -20.02 2.33 -13.92
C TYR D 284 -18.49 2.14 -13.87
N ASP D 285 -17.80 2.79 -12.95
CA ASP D 285 -16.38 2.56 -12.77
C ASP D 285 -16.05 1.13 -12.40
N MET D 286 -16.90 0.45 -11.65
CA MET D 286 -16.62 -0.91 -11.26
C MET D 286 -16.57 -1.84 -12.51
N PHE D 287 -17.51 -1.67 -13.45
CA PHE D 287 -17.51 -2.48 -14.61
C PHE D 287 -16.42 -2.06 -15.58
N HIS D 288 -16.08 -0.77 -15.57
CA HIS D 288 -14.94 -0.29 -16.33
C HIS D 288 -13.65 -0.96 -15.85
N THR D 289 -13.45 -1.05 -14.55
CA THR D 289 -12.33 -1.78 -13.97
C THR D 289 -12.30 -3.25 -14.33
N ARG D 290 -13.41 -3.94 -14.22
CA ARG D 290 -13.50 -5.32 -14.71
C ARG D 290 -13.01 -5.45 -16.17
N ASN D 291 -13.49 -4.59 -17.04
CA ASN D 291 -13.04 -4.58 -18.39
C ASN D 291 -11.53 -4.30 -18.57
N SER D 292 -10.96 -3.33 -17.84
CA SER D 292 -9.52 -3.14 -17.81
C SER D 292 -8.77 -4.33 -17.34
N LEU D 293 -9.20 -4.99 -16.30
CA LEU D 293 -8.51 -6.16 -15.85
C LEU D 293 -8.52 -7.30 -16.90
N HIS D 294 -9.62 -7.47 -17.63
CA HIS D 294 -9.66 -8.39 -18.70
C HIS D 294 -8.65 -8.00 -19.84
N ARG D 295 -8.63 -6.73 -20.23
CA ARG D 295 -7.70 -6.29 -21.25
C ARG D 295 -6.23 -6.39 -20.85
N ARG D 296 -5.89 -6.02 -19.66
CA ARG D 296 -4.50 -5.96 -19.26
C ARG D 296 -3.98 -7.29 -18.87
N ALA D 297 -4.79 -8.12 -18.22
CA ALA D 297 -4.31 -9.29 -17.57
C ALA D 297 -5.00 -10.56 -17.98
N TYR D 298 -6.29 -10.71 -17.72
CA TYR D 298 -6.92 -12.01 -17.96
C TYR D 298 -6.94 -12.48 -19.42
N GLN D 299 -7.02 -11.57 -20.39
CA GLN D 299 -6.98 -11.88 -21.82
C GLN D 299 -5.69 -11.40 -22.42
N HIS D 300 -4.63 -11.29 -21.62
CA HIS D 300 -3.32 -11.01 -22.13
C HIS D 300 -3.02 -12.04 -23.24
N LYS D 301 -2.57 -11.58 -24.39
CA LYS D 301 -2.36 -12.40 -25.59
C LYS D 301 -1.37 -13.57 -25.36
N VAL D 302 -0.35 -13.39 -24.53
CA VAL D 302 0.55 -14.50 -24.16
C VAL D 302 0.01 -15.39 -23.08
N GLY D 303 -0.64 -14.83 -22.08
CA GLY D 303 -1.38 -15.66 -21.14
C GLY D 303 -2.39 -16.60 -21.81
N ASN D 304 -3.15 -16.10 -22.76
CA ASN D 304 -4.11 -16.94 -23.48
C ASN D 304 -3.43 -18.02 -24.32
N ILE D 305 -2.30 -17.73 -24.93
CA ILE D 305 -1.67 -18.73 -25.78
C ILE D 305 -1.03 -19.80 -24.92
N ILE D 306 -0.54 -19.43 -23.74
CA ILE D 306 -0.07 -20.45 -22.79
C ILE D 306 -1.23 -21.34 -22.31
N ASP D 307 -2.37 -20.75 -21.97
CA ASP D 307 -3.56 -21.60 -21.69
C ASP D 307 -3.96 -22.52 -22.85
N THR D 308 -3.80 -22.04 -24.08
CA THR D 308 -4.08 -22.86 -25.24
C THR D 308 -3.09 -24.01 -25.41
N MET D 309 -1.82 -23.73 -25.21
CA MET D 309 -0.81 -24.80 -25.28
C MET D 309 -1.01 -25.85 -24.17
N ILE D 310 -1.39 -25.43 -22.99
CA ILE D 310 -1.65 -26.39 -21.91
C ILE D 310 -2.87 -27.22 -22.26
N THR D 311 -3.90 -26.57 -22.79
CA THR D 311 -5.08 -27.30 -23.27
C THR D 311 -4.70 -28.34 -24.28
N ASP D 312 -3.83 -28.00 -25.24
CA ASP D 312 -3.40 -28.94 -26.29
C ASP D 312 -2.64 -30.08 -25.68
N ALA D 313 -1.73 -29.82 -24.74
CA ALA D 313 -1.05 -30.90 -24.01
C ALA D 313 -2.03 -31.80 -23.28
N PHE D 314 -3.05 -31.25 -22.64
CA PHE D 314 -4.05 -32.08 -21.96
C PHE D 314 -4.86 -32.87 -22.96
N LEU D 315 -5.15 -32.33 -24.13
CA LEU D 315 -5.82 -33.13 -25.19
C LEU D 315 -5.00 -34.33 -25.64
N LYS D 316 -3.75 -34.13 -25.92
CA LYS D 316 -2.86 -35.23 -26.29
C LYS D 316 -2.53 -36.24 -25.18
N ALA D 317 -2.71 -35.84 -23.93
CA ALA D 317 -2.51 -36.71 -22.76
C ALA D 317 -3.77 -37.45 -22.35
N ASP D 318 -4.93 -37.00 -22.77
CA ASP D 318 -6.22 -37.45 -22.29
C ASP D 318 -6.47 -38.98 -22.40
N ASP D 319 -6.03 -39.57 -23.48
CA ASP D 319 -6.09 -41.02 -23.66
C ASP D 319 -5.24 -41.85 -22.71
N TYR D 320 -4.22 -41.27 -22.10
CA TYR D 320 -3.19 -42.03 -21.41
C TYR D 320 -3.09 -41.79 -19.90
N ILE D 321 -3.61 -40.71 -19.34
CA ILE D 321 -3.52 -40.45 -17.89
C ILE D 321 -4.76 -41.08 -17.27
N GLU D 322 -4.59 -41.79 -16.17
CA GLU D 322 -5.73 -42.38 -15.44
C GLU D 322 -5.87 -41.79 -14.06
N ILE D 323 -7.09 -41.44 -13.67
CA ILE D 323 -7.35 -40.91 -12.33
C ILE D 323 -8.35 -41.85 -11.68
N THR D 324 -8.00 -42.36 -10.53
CA THR D 324 -8.85 -43.31 -9.82
C THR D 324 -9.94 -42.57 -9.02
N GLY D 325 -11.18 -43.01 -9.23
CA GLY D 325 -12.36 -42.46 -8.58
C GLY D 325 -13.06 -43.47 -7.67
N ALA D 326 -14.38 -43.31 -7.52
CA ALA D 326 -15.12 -44.13 -6.57
C ALA D 326 -15.09 -45.58 -7.05
N GLY D 327 -14.99 -46.51 -6.10
CA GLY D 327 -15.00 -47.95 -6.36
C GLY D 327 -13.83 -48.44 -7.21
N GLY D 328 -12.71 -47.74 -7.18
CA GLY D 328 -11.56 -48.06 -8.06
C GLY D 328 -11.71 -47.82 -9.58
N LYS D 329 -12.88 -47.31 -10.06
CA LYS D 329 -13.09 -47.03 -11.48
C LYS D 329 -12.10 -45.97 -11.96
N LYS D 330 -11.63 -46.10 -13.20
CA LYS D 330 -10.66 -45.19 -13.78
C LYS D 330 -11.33 -44.12 -14.62
N TYR D 331 -10.82 -42.89 -14.54
CA TYR D 331 -11.33 -41.77 -15.32
C TYR D 331 -10.19 -41.14 -16.05
N ARG D 332 -10.52 -40.35 -17.05
CA ARG D 332 -9.54 -39.50 -17.74
C ARG D 332 -9.67 -38.06 -17.27
N ILE D 333 -8.74 -37.22 -17.70
CA ILE D 333 -8.78 -35.79 -17.42
C ILE D 333 -10.15 -35.26 -17.87
N SER D 334 -10.64 -35.69 -19.04
CA SER D 334 -11.91 -35.20 -19.57
C SER D 334 -13.15 -35.80 -18.94
N THR D 335 -13.02 -36.94 -18.25
CA THR D 335 -14.17 -37.60 -17.61
C THR D 335 -14.18 -37.52 -16.09
N ALA D 336 -13.13 -36.97 -15.51
CA ALA D 336 -13.08 -36.79 -14.05
C ALA D 336 -14.23 -35.95 -13.57
N ILE D 337 -14.75 -35.04 -14.39
CA ILE D 337 -15.95 -34.28 -14.03
C ILE D 337 -17.19 -35.09 -13.79
N ASP D 338 -17.22 -36.35 -14.17
CA ASP D 338 -18.39 -37.20 -13.92
C ASP D 338 -18.34 -37.97 -12.59
N ASP D 339 -17.25 -37.84 -11.83
CA ASP D 339 -17.06 -38.53 -10.56
C ASP D 339 -16.27 -37.67 -9.59
N MET D 340 -16.94 -37.21 -8.54
CA MET D 340 -16.35 -36.19 -7.68
C MET D 340 -15.12 -36.66 -6.90
N GLU D 341 -15.05 -37.94 -6.61
CA GLU D 341 -13.86 -38.50 -6.01
C GLU D 341 -12.63 -38.44 -6.95
N ALA D 342 -12.83 -38.62 -8.25
CA ALA D 342 -11.73 -38.45 -9.22
C ALA D 342 -11.40 -36.99 -9.38
N TYR D 343 -12.43 -36.18 -9.54
CA TYR D 343 -12.23 -34.77 -9.77
C TYR D 343 -11.50 -34.08 -8.58
N THR D 344 -11.72 -34.55 -7.37
CA THR D 344 -10.96 -34.14 -6.19
C THR D 344 -9.45 -34.16 -6.43
N LYS D 345 -8.97 -35.13 -7.20
CA LYS D 345 -7.55 -35.29 -7.47
C LYS D 345 -7.10 -34.67 -8.75
N LEU D 346 -7.93 -33.82 -9.36
CA LEU D 346 -7.62 -33.22 -10.62
C LEU D 346 -7.31 -31.78 -10.40
N THR D 347 -6.05 -31.43 -10.40
CA THR D 347 -5.53 -30.09 -10.12
C THR D 347 -4.40 -29.76 -11.06
N ASP D 348 -3.79 -28.60 -10.84
CA ASP D 348 -2.62 -28.17 -11.61
C ASP D 348 -1.51 -29.24 -11.63
N ASN D 349 -1.45 -30.10 -10.61
CA ASN D 349 -0.52 -31.21 -10.62
C ASN D 349 -0.43 -32.01 -11.94
N ILE D 350 -1.53 -32.11 -12.63
CA ILE D 350 -1.62 -32.82 -13.92
C ILE D 350 -0.57 -32.28 -14.93
N PHE D 351 -0.35 -30.97 -14.94
CA PHE D 351 0.66 -30.32 -15.74
C PHE D 351 2.04 -30.94 -15.47
N LEU D 352 2.41 -31.07 -14.20
CA LEU D 352 3.69 -31.65 -13.80
C LEU D 352 3.82 -33.16 -13.98
N GLU D 353 2.74 -33.87 -13.75
CA GLU D 353 2.69 -35.27 -14.09
C GLU D 353 2.99 -35.45 -15.60
N ILE D 354 2.43 -34.63 -16.46
CA ILE D 354 2.73 -34.73 -17.86
C ILE D 354 4.18 -34.30 -18.11
N LEU D 355 4.59 -33.17 -17.59
CA LEU D 355 5.94 -32.65 -17.83
C LEU D 355 7.07 -33.60 -17.38
N TYR D 356 6.88 -34.27 -16.24
CA TYR D 356 7.88 -35.17 -15.67
C TYR D 356 7.74 -36.63 -16.12
N SER D 357 6.71 -36.96 -16.90
CA SER D 357 6.51 -38.36 -17.34
C SER D 357 7.66 -38.85 -18.18
N THR D 358 7.86 -40.16 -18.22
CA THR D 358 8.79 -40.82 -19.16
C THR D 358 8.13 -41.73 -20.18
N ASP D 359 6.88 -42.14 -19.93
CA ASP D 359 6.09 -42.98 -20.83
C ASP D 359 6.14 -42.47 -22.27
N PRO D 360 6.55 -43.32 -23.24
CA PRO D 360 6.53 -42.83 -24.64
C PRO D 360 5.17 -42.39 -25.17
N LYS D 361 4.08 -42.91 -24.63
CA LYS D 361 2.73 -42.48 -25.03
C LYS D 361 2.38 -41.05 -24.67
N LEU D 362 3.08 -40.47 -23.68
CA LEU D 362 2.91 -39.08 -23.30
C LEU D 362 3.92 -38.17 -23.92
N LYS D 363 4.73 -38.65 -24.85
CA LYS D 363 5.72 -37.82 -25.48
C LYS D 363 5.14 -36.53 -26.13
N ASP D 364 4.10 -36.61 -26.92
CA ASP D 364 3.63 -35.40 -27.63
C ASP D 364 3.10 -34.38 -26.65
N ALA D 365 2.37 -34.86 -25.65
CA ALA D 365 1.90 -33.98 -24.58
C ALA D 365 3.06 -33.32 -23.84
N ARG D 366 4.03 -34.13 -23.45
CA ARG D 366 5.21 -33.65 -22.75
C ARG D 366 6.00 -32.63 -23.55
N GLU D 367 6.13 -32.81 -24.85
CA GLU D 367 6.83 -31.84 -25.69
C GLU D 367 6.17 -30.49 -25.81
N ILE D 368 4.87 -30.46 -25.84
CA ILE D 368 4.18 -29.18 -25.80
C ILE D 368 4.49 -28.44 -24.49
N LEU D 369 4.41 -29.11 -23.36
CA LEU D 369 4.79 -28.49 -22.11
C LEU D 369 6.26 -28.10 -22.06
N LYS D 370 7.16 -28.88 -22.64
CA LYS D 370 8.57 -28.47 -22.73
C LYS D 370 8.71 -27.18 -23.54
N GLN D 371 7.91 -27.00 -24.58
CA GLN D 371 7.96 -25.77 -25.33
C GLN D 371 7.62 -24.54 -24.50
N ILE D 372 6.65 -24.68 -23.58
CA ILE D 372 6.35 -23.63 -22.65
C ILE D 372 7.56 -23.31 -21.80
N GLU D 373 8.27 -24.30 -21.25
CA GLU D 373 9.46 -24.02 -20.41
C GLU D 373 10.57 -23.30 -21.14
N TYR D 374 10.83 -23.70 -22.36
CA TYR D 374 11.81 -22.99 -23.17
C TYR D 374 11.31 -21.66 -23.77
N ARG D 375 10.04 -21.32 -23.55
CA ARG D 375 9.43 -20.17 -24.15
C ARG D 375 9.46 -20.21 -25.68
N ASN D 376 9.29 -21.39 -26.22
CA ASN D 376 9.12 -21.51 -27.64
C ASN D 376 7.59 -21.56 -27.85
N LEU D 377 6.92 -20.43 -27.67
CA LEU D 377 5.50 -20.36 -27.72
C LEU D 377 5.00 -20.11 -29.13
N PHE D 378 3.76 -20.53 -29.43
CA PHE D 378 3.04 -20.11 -30.61
C PHE D 378 3.06 -18.60 -30.67
N LYS D 379 3.25 -18.02 -31.86
CA LYS D 379 3.57 -16.59 -31.97
C LYS D 379 2.33 -15.80 -32.26
N TYR D 380 2.21 -14.68 -31.60
CA TYR D 380 1.19 -13.68 -31.79
C TYR D 380 1.42 -12.95 -33.11
N VAL D 381 0.41 -12.93 -33.95
CA VAL D 381 0.43 -12.27 -35.23
C VAL D 381 -0.28 -10.91 -35.14
N GLY D 382 -1.47 -10.90 -34.55
CA GLY D 382 -2.17 -9.67 -34.27
C GLY D 382 -3.60 -9.83 -33.80
N GLU D 383 -4.24 -8.67 -33.73
CA GLU D 383 -5.58 -8.49 -33.21
C GLU D 383 -6.37 -7.56 -34.13
N THR D 384 -7.64 -7.87 -34.25
CA THR D 384 -8.56 -7.05 -35.01
C THR D 384 -9.92 -7.22 -34.36
N GLN D 385 -10.89 -6.43 -34.80
CA GLN D 385 -12.29 -6.58 -34.40
C GLN D 385 -13.20 -6.53 -35.62
N PRO D 386 -14.42 -7.13 -35.51
CA PRO D 386 -15.45 -6.89 -36.56
C PRO D 386 -15.93 -5.44 -36.53
N THR D 387 -16.45 -4.94 -37.62
CA THR D 387 -17.07 -3.63 -37.71
C THR D 387 -18.60 -3.80 -37.99
N GLY D 388 -19.30 -2.68 -37.90
CA GLY D 388 -20.72 -2.61 -38.22
C GLY D 388 -21.55 -3.42 -37.24
N GLN D 389 -22.60 -4.03 -37.77
CA GLN D 389 -23.44 -4.96 -37.02
C GLN D 389 -22.82 -6.38 -36.81
N ILE D 390 -21.72 -6.67 -37.52
CA ILE D 390 -21.19 -8.03 -37.72
C ILE D 390 -20.77 -8.62 -36.36
N LYS D 391 -21.37 -9.75 -36.01
CA LYS D 391 -20.95 -10.57 -34.91
C LYS D 391 -20.50 -11.90 -35.49
N ILE D 392 -19.49 -12.51 -34.85
CA ILE D 392 -19.01 -13.82 -35.19
C ILE D 392 -19.60 -14.83 -34.23
N LYS D 393 -20.28 -15.81 -34.78
CA LYS D 393 -21.06 -16.81 -34.06
C LYS D 393 -20.13 -17.97 -33.65
N ARG D 394 -20.42 -18.63 -32.54
CA ARG D 394 -19.59 -19.74 -32.02
C ARG D 394 -19.39 -20.96 -33.00
N GLU D 395 -20.42 -21.27 -33.81
CA GLU D 395 -20.35 -22.31 -34.84
C GLU D 395 -19.36 -22.00 -36.00
N ASP D 396 -19.02 -20.72 -36.22
CA ASP D 396 -18.03 -20.35 -37.23
C ASP D 396 -16.58 -20.33 -36.74
N TYR D 397 -16.31 -20.59 -35.45
CA TYR D 397 -14.94 -20.49 -34.92
C TYR D 397 -13.95 -21.42 -35.61
N GLU D 398 -14.36 -22.65 -35.85
CA GLU D 398 -13.51 -23.70 -36.38
C GLU D 398 -13.04 -23.40 -37.80
N SER D 399 -13.89 -22.75 -38.57
CA SER D 399 -13.58 -22.40 -39.95
C SER D 399 -12.63 -21.18 -40.14
N LEU D 400 -12.30 -20.45 -39.08
CA LEU D 400 -11.55 -19.17 -39.21
C LEU D 400 -10.07 -19.36 -39.59
N PRO D 401 -9.40 -20.36 -39.00
CA PRO D 401 -8.03 -20.68 -39.44
C PRO D 401 -7.97 -21.02 -40.93
N LYS D 402 -8.95 -21.76 -41.45
CA LYS D 402 -9.11 -21.98 -42.90
C LYS D 402 -9.22 -20.66 -43.70
N GLU D 403 -10.03 -19.72 -43.23
CA GLU D 403 -10.18 -18.46 -43.98
C GLU D 403 -8.86 -17.63 -44.02
N VAL D 404 -8.09 -17.65 -42.93
CA VAL D 404 -6.85 -16.89 -42.89
C VAL D 404 -5.82 -17.48 -43.85
N ALA D 405 -5.75 -18.81 -43.86
CA ALA D 405 -4.85 -19.52 -44.79
C ALA D 405 -5.24 -19.43 -46.23
N SER D 406 -6.53 -19.19 -46.49
CA SER D 406 -7.06 -19.03 -47.84
C SER D 406 -6.90 -17.63 -48.42
N ALA D 407 -6.46 -16.66 -47.61
CA ALA D 407 -6.30 -15.31 -48.10
C ALA D 407 -5.14 -15.20 -49.10
N LYS D 408 -5.21 -14.25 -50.02
CA LYS D 408 -4.22 -14.15 -51.08
C LYS D 408 -3.55 -12.81 -51.08
N PRO D 409 -2.58 -12.61 -50.14
CA PRO D 409 -1.85 -11.38 -50.01
C PRO D 409 -0.86 -11.32 -51.21
N LYS D 410 -0.90 -10.21 -51.89
CA LYS D 410 0.03 -9.94 -53.00
C LYS D 410 1.38 -9.52 -52.43
N VAL D 411 2.10 -10.50 -51.89
CA VAL D 411 3.48 -10.32 -51.50
C VAL D 411 4.20 -11.61 -51.82
N LEU D 412 5.46 -11.56 -52.20
CA LEU D 412 6.23 -12.77 -52.45
C LEU D 412 6.61 -13.42 -51.11
N LEU D 413 6.20 -14.67 -50.95
CA LEU D 413 6.42 -15.41 -49.69
C LEU D 413 7.34 -16.61 -49.96
N ASP D 414 8.29 -16.89 -49.02
CA ASP D 414 9.12 -18.10 -49.20
C ASP D 414 8.45 -19.37 -48.63
N VAL D 415 7.50 -19.22 -47.73
CA VAL D 415 6.73 -20.29 -47.18
C VAL D 415 5.25 -20.11 -47.50
N LYS D 416 4.55 -21.24 -47.60
CA LYS D 416 3.09 -21.22 -47.67
C LYS D 416 2.59 -21.91 -46.40
N LEU D 417 1.61 -21.27 -45.78
CA LEU D 417 1.05 -21.74 -44.51
C LEU D 417 -0.32 -22.34 -44.75
N LYS D 418 -0.69 -23.28 -43.89
CA LYS D 418 -1.96 -24.02 -44.00
C LYS D 418 -2.85 -23.68 -42.81
N ALA D 419 -4.09 -24.14 -42.87
CA ALA D 419 -5.09 -23.95 -41.83
C ALA D 419 -4.60 -24.33 -40.41
N GLU D 420 -4.05 -25.51 -40.26
CA GLU D 420 -3.48 -26.02 -39.00
C GLU D 420 -2.34 -25.18 -38.37
N ASP D 421 -1.70 -24.34 -39.17
CA ASP D 421 -0.66 -23.42 -38.70
C ASP D 421 -1.21 -22.20 -37.96
N PHE D 422 -2.50 -21.91 -38.10
CA PHE D 422 -3.13 -20.76 -37.49
C PHE D 422 -4.02 -21.15 -36.31
N ILE D 423 -3.96 -20.36 -35.27
CA ILE D 423 -4.94 -20.37 -34.21
C ILE D 423 -5.67 -19.02 -34.29
N VAL D 424 -7.00 -19.07 -34.25
CA VAL D 424 -7.81 -17.86 -34.20
C VAL D 424 -8.66 -17.91 -32.92
N ASP D 425 -8.48 -16.94 -32.04
CA ASP D 425 -9.04 -16.97 -30.69
C ASP D 425 -10.03 -15.79 -30.68
N VAL D 426 -11.31 -16.06 -30.50
CA VAL D 426 -12.34 -15.00 -30.50
C VAL D 426 -12.72 -14.76 -29.04
N ILE D 427 -12.63 -13.52 -28.57
CA ILE D 427 -12.84 -13.21 -27.19
C ILE D 427 -14.00 -12.22 -27.14
N ASN D 428 -15.04 -12.59 -26.36
CA ASN D 428 -16.20 -11.70 -26.17
C ASN D 428 -15.96 -10.89 -24.89
N MET D 429 -15.85 -9.57 -25.02
CA MET D 429 -15.61 -8.65 -23.93
C MET D 429 -16.95 -7.92 -23.73
N ASP D 430 -17.45 -7.96 -22.51
CA ASP D 430 -18.69 -7.24 -22.20
C ASP D 430 -18.75 -6.80 -20.72
N TYR D 431 -19.84 -6.18 -20.32
CA TYR D 431 -20.05 -5.76 -18.93
C TYR D 431 -20.83 -6.83 -18.08
N GLY D 432 -20.81 -8.09 -18.50
CA GLY D 432 -21.35 -9.22 -17.78
C GLY D 432 -22.73 -9.64 -18.21
N MET D 433 -23.40 -8.89 -19.10
CA MET D 433 -24.77 -9.22 -19.49
C MET D 433 -24.95 -9.07 -20.99
N GLN D 434 -24.01 -9.66 -21.74
CA GLN D 434 -24.04 -9.66 -23.21
C GLN D 434 -24.06 -8.19 -23.64
N GLU D 435 -25.02 -7.78 -24.47
CA GLU D 435 -25.15 -6.41 -24.94
C GLU D 435 -25.79 -5.42 -23.95
N LYS D 436 -26.33 -5.90 -22.85
CA LYS D 436 -27.07 -5.03 -21.92
C LYS D 436 -26.17 -4.22 -20.98
N ASN D 437 -26.63 -3.01 -20.67
CA ASN D 437 -26.03 -2.17 -19.63
C ASN D 437 -26.48 -2.73 -18.27
N PRO D 438 -25.58 -3.30 -17.50
CA PRO D 438 -25.98 -3.88 -16.22
C PRO D 438 -26.51 -2.86 -15.18
N ILE D 439 -26.15 -1.58 -15.31
CA ILE D 439 -26.67 -0.52 -14.46
C ILE D 439 -28.16 -0.24 -14.67
N ASP D 440 -28.69 -0.58 -15.81
CA ASP D 440 -30.15 -0.59 -16.01
C ASP D 440 -30.87 -1.60 -15.14
N HIS D 441 -30.17 -2.56 -14.59
CA HIS D 441 -30.73 -3.58 -13.68
C HIS D 441 -30.34 -3.37 -12.20
N VAL D 442 -29.92 -2.16 -11.88
CA VAL D 442 -29.55 -1.79 -10.52
C VAL D 442 -30.64 -0.82 -10.03
N SER D 443 -31.02 -0.96 -8.79
CA SER D 443 -31.94 -0.08 -8.12
C SER D 443 -31.22 0.84 -7.14
N PHE D 444 -31.71 2.08 -7.05
CA PHE D 444 -31.13 3.12 -6.28
C PHE D 444 -32.13 3.75 -5.29
N TYR D 445 -31.59 4.36 -4.25
CA TYR D 445 -32.40 5.16 -3.31
C TYR D 445 -31.73 6.51 -3.11
N CYS D 446 -32.50 7.50 -2.75
CA CYS D 446 -32.11 8.85 -2.40
C CYS D 446 -32.11 9.04 -0.94
N LYS D 447 -31.36 10.05 -0.55
CA LYS D 447 -31.15 10.40 0.83
C LYS D 447 -32.47 10.82 1.50
N THR D 448 -33.29 11.59 0.78
CA THR D 448 -34.55 12.06 1.34
C THR D 448 -35.67 11.03 1.42
N ALA D 449 -35.56 9.88 0.74
CA ALA D 449 -36.57 8.79 0.84
C ALA D 449 -35.93 7.40 0.74
N PRO D 450 -35.26 6.98 1.82
CA PRO D 450 -34.43 5.78 1.69
C PRO D 450 -35.13 4.45 1.47
N ASN D 451 -36.42 4.36 1.64
CA ASN D 451 -37.17 3.15 1.22
C ASN D 451 -37.77 3.19 -0.14
N ARG D 452 -37.57 4.27 -0.85
CA ARG D 452 -38.09 4.36 -2.18
C ARG D 452 -37.03 4.14 -3.29
N ALA D 453 -37.22 3.04 -4.01
CA ALA D 453 -36.31 2.55 -5.03
C ALA D 453 -36.56 3.30 -6.33
N ILE D 454 -35.50 3.68 -7.04
CA ILE D 454 -35.62 4.39 -8.29
C ILE D 454 -34.67 3.81 -9.29
N ARG D 455 -34.85 4.22 -10.53
CA ARG D 455 -34.00 3.88 -11.66
C ARG D 455 -33.28 5.13 -12.09
N ILE D 456 -32.07 4.92 -12.58
CA ILE D 456 -31.26 5.98 -13.10
C ILE D 456 -30.77 5.51 -14.49
N THR D 457 -31.03 6.27 -15.53
CA THR D 457 -30.60 5.93 -16.89
C THR D 457 -29.23 6.48 -17.19
N LYS D 458 -28.63 5.93 -18.24
CA LYS D 458 -27.25 6.31 -18.61
C LYS D 458 -27.12 7.82 -18.97
N ASN D 459 -28.18 8.38 -19.58
CA ASN D 459 -28.27 9.76 -19.89
C ASN D 459 -28.25 10.72 -18.68
N GLN D 460 -28.76 10.22 -17.54
CA GLN D 460 -28.81 10.98 -16.31
C GLN D 460 -27.48 10.99 -15.57
N VAL D 461 -26.50 10.21 -16.00
CA VAL D 461 -25.22 10.13 -15.29
C VAL D 461 -24.18 10.94 -16.08
N SER D 462 -23.99 10.62 -17.35
CA SER D 462 -22.87 11.21 -18.10
C SER D 462 -22.91 10.88 -19.58
N GLN D 463 -22.41 11.81 -20.37
CA GLN D 463 -22.21 11.58 -21.80
C GLN D 463 -20.88 10.91 -22.14
N LEU D 464 -19.97 10.78 -21.16
CA LEU D 464 -18.67 10.19 -21.37
C LEU D 464 -18.64 8.67 -21.15
N LEU D 465 -19.77 8.04 -20.93
CA LEU D 465 -19.85 6.62 -20.70
C LEU D 465 -19.83 5.86 -22.00
N PRO D 466 -19.56 4.56 -21.97
CA PRO D 466 -19.69 3.74 -23.22
C PRO D 466 -21.02 3.80 -23.95
N GLU D 467 -21.03 3.78 -25.28
CA GLU D 467 -22.29 3.65 -26.05
C GLU D 467 -22.66 2.21 -26.26
N LYS D 468 -21.73 1.28 -26.23
CA LYS D 468 -22.03 -0.15 -26.32
C LYS D 468 -21.40 -0.87 -25.12
N PHE D 469 -21.90 -2.04 -24.80
CA PHE D 469 -21.52 -2.80 -23.65
C PHE D 469 -21.00 -4.18 -24.00
N ALA D 470 -20.89 -4.49 -25.30
CA ALA D 470 -20.23 -5.75 -25.72
C ALA D 470 -19.42 -5.58 -27.00
N GLU D 471 -18.38 -6.37 -27.18
CA GLU D 471 -17.62 -6.42 -28.41
C GLU D 471 -16.82 -7.71 -28.49
N GLN D 472 -16.26 -7.95 -29.68
CA GLN D 472 -15.35 -9.06 -29.89
C GLN D 472 -13.95 -8.64 -30.29
N LEU D 473 -12.98 -9.37 -29.78
CA LEU D 473 -11.57 -9.27 -30.14
C LEU D 473 -11.21 -10.54 -30.81
N ILE D 474 -10.44 -10.42 -31.89
CA ILE D 474 -9.98 -11.60 -32.66
C ILE D 474 -8.45 -11.55 -32.65
N ARG D 475 -7.83 -12.53 -32.01
CA ARG D 475 -6.38 -12.65 -31.98
C ARG D 475 -6.03 -13.82 -32.91
N VAL D 476 -4.97 -13.63 -33.69
CA VAL D 476 -4.49 -14.66 -34.54
C VAL D 476 -3.05 -15.01 -34.10
N TYR D 477 -2.75 -16.31 -34.03
CA TYR D 477 -1.42 -16.74 -33.74
C TYR D 477 -0.95 -17.74 -34.81
N CYS D 478 0.36 -17.95 -34.86
CA CYS D 478 0.96 -18.90 -35.81
C CYS D 478 1.74 -19.97 -35.08
N LYS D 479 1.49 -21.25 -35.38
CA LYS D 479 2.24 -22.37 -34.74
C LYS D 479 3.67 -22.58 -35.25
N LYS D 480 4.00 -21.96 -36.38
CA LYS D 480 5.35 -22.00 -36.95
C LYS D 480 6.04 -20.73 -36.50
N VAL D 481 7.15 -20.89 -35.80
CA VAL D 481 7.76 -19.79 -35.03
C VAL D 481 8.95 -19.08 -35.66
N ASP D 482 9.47 -19.65 -36.73
CA ASP D 482 10.60 -19.06 -37.45
C ASP D 482 10.24 -17.73 -38.11
N ARG D 483 11.27 -16.97 -38.45
CA ARG D 483 11.12 -15.57 -38.83
C ARG D 483 10.32 -15.45 -40.17
N LYS D 484 10.55 -16.39 -41.10
CA LYS D 484 9.89 -16.38 -42.38
C LYS D 484 8.43 -16.74 -42.28
N SER D 485 8.09 -17.75 -41.50
CA SER D 485 6.68 -18.11 -41.19
C SER D 485 5.90 -16.96 -40.56
N LEU D 486 6.51 -16.29 -39.60
CA LEU D 486 5.88 -15.20 -38.90
C LEU D 486 5.62 -14.00 -39.86
N TYR D 487 6.55 -13.73 -40.77
CA TYR D 487 6.39 -12.69 -41.75
C TYR D 487 5.20 -13.03 -42.65
N ALA D 488 5.16 -14.27 -43.10
CA ALA D 488 4.11 -14.74 -43.96
C ALA D 488 2.73 -14.68 -43.25
N ALA D 489 2.72 -15.15 -42.01
CA ALA D 489 1.53 -15.13 -41.18
C ALA D 489 0.91 -13.74 -41.05
N ARG D 490 1.73 -12.72 -40.92
CA ARG D 490 1.26 -11.33 -40.88
C ARG D 490 0.63 -10.85 -42.15
N GLN D 491 1.13 -11.31 -43.30
CA GLN D 491 0.56 -10.93 -44.54
C GLN D 491 -0.82 -11.56 -44.73
N TYR D 492 -0.93 -12.86 -44.52
CA TYR D 492 -2.21 -13.58 -44.55
C TYR D 492 -3.21 -12.91 -43.57
N PHE D 493 -2.76 -12.66 -42.35
CA PHE D 493 -3.61 -12.04 -41.33
C PHE D 493 -4.22 -10.70 -41.76
N VAL D 494 -3.37 -9.80 -42.23
CA VAL D 494 -3.80 -8.46 -42.58
C VAL D 494 -4.68 -8.52 -43.79
N GLN D 495 -4.37 -9.38 -44.74
CA GLN D 495 -5.16 -9.55 -45.93
C GLN D 495 -6.56 -10.06 -45.54
N TRP D 496 -6.61 -11.01 -44.63
CA TRP D 496 -7.87 -11.53 -44.14
C TRP D 496 -8.70 -10.42 -43.50
N CYS D 497 -8.07 -9.61 -42.66
CA CYS D 497 -8.76 -8.46 -42.07
C CYS D 497 -9.36 -7.56 -43.15
N ALA D 498 -8.59 -7.28 -44.22
CA ALA D 498 -9.08 -6.48 -45.34
C ALA D 498 -10.29 -7.13 -46.06
N ASP D 499 -10.15 -8.41 -46.40
CA ASP D 499 -11.20 -9.20 -47.04
C ASP D 499 -12.53 -9.22 -46.24
N ARG D 500 -12.40 -9.38 -44.93
CA ARG D 500 -13.56 -9.46 -44.04
C ARG D 500 -14.11 -8.11 -43.54
N ASN D 501 -13.51 -6.97 -43.97
CA ASN D 501 -13.85 -5.65 -43.40
C ASN D 501 -13.74 -5.50 -41.89
N PHE D 502 -12.78 -6.22 -41.31
CA PHE D 502 -12.39 -6.02 -39.93
C PHE D 502 -11.56 -4.74 -39.75
N THR D 503 -11.33 -4.35 -38.53
CA THR D 503 -10.58 -3.13 -38.27
C THR D 503 -9.11 -3.31 -38.64
N LYS D 504 -8.48 -2.21 -39.01
CA LYS D 504 -7.07 -2.21 -39.33
C LYS D 504 -6.27 -2.50 -38.08
N PRO D 505 -5.49 -3.56 -38.09
CA PRO D 505 -4.66 -3.78 -36.92
C PRO D 505 -3.78 -2.56 -36.63
N GLN D 506 -3.55 -2.33 -35.37
CA GLN D 506 -2.79 -1.16 -34.86
C GLN D 506 -1.42 -0.97 -35.52
N ASP D 507 -0.72 -2.07 -35.76
CA ASP D 507 0.60 -2.08 -36.41
C ASP D 507 0.52 -2.53 -37.85
N GLY D 508 -0.67 -2.47 -38.44
CA GLY D 508 -0.92 -2.91 -39.82
C GLY D 508 0.03 -2.40 -40.83
N ASP D 509 0.30 -1.12 -40.76
CA ASP D 509 1.21 -0.45 -41.70
C ASP D 509 2.68 -0.84 -41.56
N VAL D 510 3.06 -1.35 -40.40
CA VAL D 510 4.41 -1.74 -40.15
C VAL D 510 4.65 -3.22 -40.49
N ILE D 511 3.74 -4.09 -40.04
CA ILE D 511 3.83 -5.52 -40.27
C ILE D 511 3.42 -5.97 -41.67
N ALA D 512 2.60 -5.18 -42.39
CA ALA D 512 2.22 -5.48 -43.74
C ALA D 512 2.08 -4.25 -44.61
N PRO D 513 3.21 -3.53 -44.87
CA PRO D 513 3.15 -2.28 -45.68
C PRO D 513 2.65 -2.45 -47.07
N LEU D 514 2.78 -3.64 -47.66
CA LEU D 514 2.30 -3.91 -49.00
C LEU D 514 0.83 -4.25 -49.12
N ILE D 515 0.22 -4.61 -48.03
CA ILE D 515 -1.21 -5.06 -47.93
C ILE D 515 -2.16 -3.92 -47.56
N THR D 516 -1.77 -3.07 -46.61
CA THR D 516 -2.69 -2.03 -46.12
C THR D 516 -3.08 -0.87 -47.11
N PRO D 517 -2.26 -0.58 -48.15
CA PRO D 517 -2.70 0.41 -49.16
C PRO D 517 -3.93 0.06 -50.02
N GLN D 518 -4.20 -1.23 -50.31
CA GLN D 518 -5.43 -1.69 -51.05
C GLN D 518 -6.78 -1.27 -50.40
N LYS D 519 -6.77 -0.98 -49.09
CA LYS D 519 -7.99 -0.80 -48.36
C LYS D 519 -8.22 0.70 -48.13
N LYS D 520 -9.14 1.27 -48.93
CA LYS D 520 -9.48 2.70 -48.83
C LYS D 520 -10.03 3.12 -47.47
N GLU D 521 -10.79 2.28 -46.77
CA GLU D 521 -11.30 2.56 -45.42
C GLU D 521 -10.18 2.91 -44.40
N TRP D 522 -9.06 2.25 -44.56
CA TRP D 522 -7.86 2.48 -43.79
C TRP D 522 -7.11 3.54 -44.65
#